data_9VXG
# 
_entry.id   9VXG 
# 
_audit_conform.dict_name       mmcif_pdbx.dic 
_audit_conform.dict_version    5.404 
_audit_conform.dict_location   http://mmcif.pdb.org/dictionaries/ascii/mmcif_pdbx.dic 
# 
loop_
_database_2.database_id 
_database_2.database_code 
_database_2.pdbx_database_accession 
_database_2.pdbx_DOI 
PDB   9VXG         pdb_00009vxg 10.2210/pdb9vxg/pdb 
WWPDB D_1300061677 ?            ?                   
# 
_pdbx_audit_revision_history.ordinal             1 
_pdbx_audit_revision_history.data_content_type   'Structure model' 
_pdbx_audit_revision_history.major_revision      1 
_pdbx_audit_revision_history.minor_revision      0 
_pdbx_audit_revision_history.revision_date       2025-08-06 
_pdbx_audit_revision_history.part_number         ? 
# 
_pdbx_audit_revision_details.ordinal             1 
_pdbx_audit_revision_details.revision_ordinal    1 
_pdbx_audit_revision_details.data_content_type   'Structure model' 
_pdbx_audit_revision_details.provider            repository 
_pdbx_audit_revision_details.type                'Initial release' 
_pdbx_audit_revision_details.description         ? 
_pdbx_audit_revision_details.details             ? 
# 
_pdbx_database_status.status_code                     REL 
_pdbx_database_status.status_code_sf                  REL 
_pdbx_database_status.status_code_mr                  ? 
_pdbx_database_status.entry_id                        9VXG 
_pdbx_database_status.recvd_initial_deposition_date   2025-07-18 
_pdbx_database_status.SG_entry                        N 
_pdbx_database_status.deposit_site                    PDBJ 
_pdbx_database_status.process_site                    PDBC 
_pdbx_database_status.status_code_cs                  ? 
_pdbx_database_status.status_code_nmr_data            ? 
_pdbx_database_status.methods_development_category    ? 
_pdbx_database_status.pdb_format_compatible           Y 
# 
_pdbx_contact_author.id                 2 
_pdbx_contact_author.email              wangweiwei_fly@126.com 
_pdbx_contact_author.name_first         weiwei 
_pdbx_contact_author.name_last          Wang 
_pdbx_contact_author.name_mi            ? 
_pdbx_contact_author.role               'principal investigator/group leader' 
_pdbx_contact_author.identifier_ORCID   0000-0002-9252-819X 
# 
loop_
_audit_author.name 
_audit_author.pdbx_ordinal 
_audit_author.identifier_ORCID 
'Yuan, X.L.' 1 ? 
'Wang, W.W.' 2 ? 
# 
_citation.abstract                  ? 
_citation.abstract_id_CAS           ? 
_citation.book_id_ISBN              ? 
_citation.book_publisher            ? 
_citation.book_publisher_city       ? 
_citation.book_title                ? 
_citation.coordinate_linkage        ? 
_citation.country                   ? 
_citation.database_id_Medline       ? 
_citation.details                   ? 
_citation.id                        primary 
_citation.journal_abbrev            'To Be Published' 
_citation.journal_id_ASTM           ? 
_citation.journal_id_CSD            0353 
_citation.journal_id_ISSN           ? 
_citation.journal_full              ? 
_citation.journal_issue             ? 
_citation.journal_volume            ? 
_citation.language                  ? 
_citation.page_first                ? 
_citation.page_last                 ? 
_citation.title                     
'ROS-Sensing Transcription Factor YchJ Regulates the RssB-RpoS Pathway to Protect Salmonella Against Oxidative Attack by Macrophages' 
_citation.year                      ? 
_citation.database_id_CSD           ? 
_citation.pdbx_database_id_DOI      ? 
_citation.pdbx_database_id_PubMed   ? 
_citation.pdbx_database_id_patent   ? 
_citation.unpublished_flag          ? 
# 
loop_
_citation_author.citation_id 
_citation_author.name 
_citation_author.ordinal 
_citation_author.identifier_ORCID 
primary 'Wang, W.W.' 1 ? 
primary 'Yuan, X.L.' 2 ? 
# 
loop_
_entity.id 
_entity.type 
_entity.src_method 
_entity.pdbx_description 
_entity.formula_weight 
_entity.pdbx_number_of_molecules 
_entity.pdbx_ec 
_entity.pdbx_mutation 
_entity.pdbx_fragment 
_entity.details 
1 polymer     man 'UPF0225 protein YchJ' 14874.771 1  ? ? ? ? 
2 polymer     man 'UPF0225 protein YchJ' 1727.041  1  ? ? ? ? 
3 non-polymer syn 'ZINC ION'             65.409    1  ? ? ? ? 
4 water       nat water                  18.015    20 ? ? ? ? 
# 
loop_
_entity_poly.entity_id 
_entity_poly.type 
_entity_poly.nstd_linkage 
_entity_poly.nstd_monomer 
_entity_poly.pdbx_seq_one_letter_code 
_entity_poly.pdbx_seq_one_letter_code_can 
_entity_poly.pdbx_strand_id 
_entity_poly.pdbx_target_identifier 
1 'polypeptide(L)' no no 
;KMSQPCPCGSADEYSLCCGRIVSGERVAPDPSHLMRSRYCAFVMKDADYLIKSWHPTCNAAAFRDDIIAGFANTRWLGLT
IFEHTWSEAENTGYVSFIARFSEQGKNGAIIERSRFIKENGQWYYIDGTRP
;
;KMSQPCPCGSADEYSLCCGRIVSGERVAPDPSHLMRSRYCAFVMKDADYLIKSWHPTCNAAAFRDDIIAGFANTRWLGLT
IFEHTWSEAENTGYVSFIARFSEQGKNGAIIERSRFIKENGQWYYIDGTRP
;
A ? 
2 'polypeptide(L)' no no GRNDPCPCGSGKKFKK GRNDPCPCGSGKKFKK B ? 
# 
loop_
_pdbx_entity_nonpoly.entity_id 
_pdbx_entity_nonpoly.name 
_pdbx_entity_nonpoly.comp_id 
3 'ZINC ION' ZN  
4 water      HOH 
# 
loop_
_entity_poly_seq.entity_id 
_entity_poly_seq.num 
_entity_poly_seq.mon_id 
_entity_poly_seq.hetero 
1 1   LYS n 
1 2   MET n 
1 3   SER n 
1 4   GLN n 
1 5   PRO n 
1 6   CYS n 
1 7   PRO n 
1 8   CYS n 
1 9   GLY n 
1 10  SER n 
1 11  ALA n 
1 12  ASP n 
1 13  GLU n 
1 14  TYR n 
1 15  SER n 
1 16  LEU n 
1 17  CYS n 
1 18  CYS n 
1 19  GLY n 
1 20  ARG n 
1 21  ILE n 
1 22  VAL n 
1 23  SER n 
1 24  GLY n 
1 25  GLU n 
1 26  ARG n 
1 27  VAL n 
1 28  ALA n 
1 29  PRO n 
1 30  ASP n 
1 31  PRO n 
1 32  SER n 
1 33  HIS n 
1 34  LEU n 
1 35  MET n 
1 36  ARG n 
1 37  SER n 
1 38  ARG n 
1 39  TYR n 
1 40  CYS n 
1 41  ALA n 
1 42  PHE n 
1 43  VAL n 
1 44  MET n 
1 45  LYS n 
1 46  ASP n 
1 47  ALA n 
1 48  ASP n 
1 49  TYR n 
1 50  LEU n 
1 51  ILE n 
1 52  LYS n 
1 53  SER n 
1 54  TRP n 
1 55  HIS n 
1 56  PRO n 
1 57  THR n 
1 58  CYS n 
1 59  ASN n 
1 60  ALA n 
1 61  ALA n 
1 62  ALA n 
1 63  PHE n 
1 64  ARG n 
1 65  ASP n 
1 66  ASP n 
1 67  ILE n 
1 68  ILE n 
1 69  ALA n 
1 70  GLY n 
1 71  PHE n 
1 72  ALA n 
1 73  ASN n 
1 74  THR n 
1 75  ARG n 
1 76  TRP n 
1 77  LEU n 
1 78  GLY n 
1 79  LEU n 
1 80  THR n 
1 81  ILE n 
1 82  PHE n 
1 83  GLU n 
1 84  HIS n 
1 85  THR n 
1 86  TRP n 
1 87  SER n 
1 88  GLU n 
1 89  ALA n 
1 90  GLU n 
1 91  ASN n 
1 92  THR n 
1 93  GLY n 
1 94  TYR n 
1 95  VAL n 
1 96  SER n 
1 97  PHE n 
1 98  ILE n 
1 99  ALA n 
1 100 ARG n 
1 101 PHE n 
1 102 SER n 
1 103 GLU n 
1 104 GLN n 
1 105 GLY n 
1 106 LYS n 
1 107 ASN n 
1 108 GLY n 
1 109 ALA n 
1 110 ILE n 
1 111 ILE n 
1 112 GLU n 
1 113 ARG n 
1 114 SER n 
1 115 ARG n 
1 116 PHE n 
1 117 ILE n 
1 118 LYS n 
1 119 GLU n 
1 120 ASN n 
1 121 GLY n 
1 122 GLN n 
1 123 TRP n 
1 124 TYR n 
1 125 TYR n 
1 126 ILE n 
1 127 ASP n 
1 128 GLY n 
1 129 THR n 
1 130 ARG n 
1 131 PRO n 
2 1   GLY n 
2 2   ARG n 
2 3   ASN n 
2 4   ASP n 
2 5   PRO n 
2 6   CYS n 
2 7   PRO n 
2 8   CYS n 
2 9   GLY n 
2 10  SER n 
2 11  GLY n 
2 12  LYS n 
2 13  LYS n 
2 14  PHE n 
2 15  LYS n 
2 16  LYS n 
# 
loop_
_entity_src_gen.entity_id 
_entity_src_gen.pdbx_src_id 
_entity_src_gen.pdbx_alt_source_flag 
_entity_src_gen.pdbx_seq_type 
_entity_src_gen.pdbx_beg_seq_num 
_entity_src_gen.pdbx_end_seq_num 
_entity_src_gen.gene_src_common_name 
_entity_src_gen.gene_src_genus 
_entity_src_gen.pdbx_gene_src_gene 
_entity_src_gen.gene_src_species 
_entity_src_gen.gene_src_strain 
_entity_src_gen.gene_src_tissue 
_entity_src_gen.gene_src_tissue_fraction 
_entity_src_gen.gene_src_details 
_entity_src_gen.pdbx_gene_src_fragment 
_entity_src_gen.pdbx_gene_src_scientific_name 
_entity_src_gen.pdbx_gene_src_ncbi_taxonomy_id 
_entity_src_gen.pdbx_gene_src_variant 
_entity_src_gen.pdbx_gene_src_cell_line 
_entity_src_gen.pdbx_gene_src_atcc 
_entity_src_gen.pdbx_gene_src_organ 
_entity_src_gen.pdbx_gene_src_organelle 
_entity_src_gen.pdbx_gene_src_cell 
_entity_src_gen.pdbx_gene_src_cellular_location 
_entity_src_gen.host_org_common_name 
_entity_src_gen.pdbx_host_org_scientific_name 
_entity_src_gen.pdbx_host_org_ncbi_taxonomy_id 
_entity_src_gen.host_org_genus 
_entity_src_gen.pdbx_host_org_gene 
_entity_src_gen.pdbx_host_org_organ 
_entity_src_gen.host_org_species 
_entity_src_gen.pdbx_host_org_tissue 
_entity_src_gen.pdbx_host_org_tissue_fraction 
_entity_src_gen.pdbx_host_org_strain 
_entity_src_gen.pdbx_host_org_variant 
_entity_src_gen.pdbx_host_org_cell_line 
_entity_src_gen.pdbx_host_org_atcc 
_entity_src_gen.pdbx_host_org_culture_collection 
_entity_src_gen.pdbx_host_org_cell 
_entity_src_gen.pdbx_host_org_organelle 
_entity_src_gen.pdbx_host_org_cellular_location 
_entity_src_gen.pdbx_host_org_vector_type 
_entity_src_gen.pdbx_host_org_vector 
_entity_src_gen.host_org_details 
_entity_src_gen.expression_system_id 
_entity_src_gen.plasmid_name 
_entity_src_gen.plasmid_details 
_entity_src_gen.pdbx_description 
1 1 sample 'Biological sequence' 1 131 ? ? 'ychJ, STM1755' ? ? ? ? ? ? 
'Salmonella enterica subsp. enterica serovar Typhimurium str. 14028S' 588858 ? ? ? ? ? ? ? ? 'Escherichia coli BL21(DE3)' 469008 ? 
? ? ? ? ? ? ? ? ? ? ? ? ? ? ? ? ? ? ? ? 
2 1 sample 'Biological sequence' 1 16  ? ? 'ychJ, STM1755' ? ? ? ? ? ? 
'Salmonella enterica subsp. enterica serovar Typhimurium str. 14028S' 588858 ? ? ? ? ? ? ? ? 'Escherichia coli BL21(DE3)' 469008 ? 
? ? ? ? ? ? ? ? ? ? ? ? ? ? ? ? ? ? ? ? 
# 
loop_
_chem_comp.id 
_chem_comp.type 
_chem_comp.mon_nstd_flag 
_chem_comp.name 
_chem_comp.pdbx_synonyms 
_chem_comp.formula 
_chem_comp.formula_weight 
ALA 'L-peptide linking' y ALANINE         ? 'C3 H7 N O2'     89.093  
ARG 'L-peptide linking' y ARGININE        ? 'C6 H15 N4 O2 1' 175.209 
ASN 'L-peptide linking' y ASPARAGINE      ? 'C4 H8 N2 O3'    132.118 
ASP 'L-peptide linking' y 'ASPARTIC ACID' ? 'C4 H7 N O4'     133.103 
CYS 'L-peptide linking' y CYSTEINE        ? 'C3 H7 N O2 S'   121.158 
GLN 'L-peptide linking' y GLUTAMINE       ? 'C5 H10 N2 O3'   146.144 
GLU 'L-peptide linking' y 'GLUTAMIC ACID' ? 'C5 H9 N O4'     147.129 
GLY 'peptide linking'   y GLYCINE         ? 'C2 H5 N O2'     75.067  
HIS 'L-peptide linking' y HISTIDINE       ? 'C6 H10 N3 O2 1' 156.162 
HOH non-polymer         . WATER           ? 'H2 O'           18.015  
ILE 'L-peptide linking' y ISOLEUCINE      ? 'C6 H13 N O2'    131.173 
LEU 'L-peptide linking' y LEUCINE         ? 'C6 H13 N O2'    131.173 
LYS 'L-peptide linking' y LYSINE          ? 'C6 H15 N2 O2 1' 147.195 
MET 'L-peptide linking' y METHIONINE      ? 'C5 H11 N O2 S'  149.211 
PHE 'L-peptide linking' y PHENYLALANINE   ? 'C9 H11 N O2'    165.189 
PRO 'L-peptide linking' y PROLINE         ? 'C5 H9 N O2'     115.130 
SER 'L-peptide linking' y SERINE          ? 'C3 H7 N O3'     105.093 
THR 'L-peptide linking' y THREONINE       ? 'C4 H9 N O3'     119.119 
TRP 'L-peptide linking' y TRYPTOPHAN      ? 'C11 H12 N2 O2'  204.225 
TYR 'L-peptide linking' y TYROSINE        ? 'C9 H11 N O3'    181.189 
VAL 'L-peptide linking' y VALINE          ? 'C5 H11 N O2'    117.146 
ZN  non-polymer         . 'ZINC ION'      ? 'Zn 2'           65.409  
# 
loop_
_pdbx_poly_seq_scheme.asym_id 
_pdbx_poly_seq_scheme.entity_id 
_pdbx_poly_seq_scheme.seq_id 
_pdbx_poly_seq_scheme.mon_id 
_pdbx_poly_seq_scheme.ndb_seq_num 
_pdbx_poly_seq_scheme.pdb_seq_num 
_pdbx_poly_seq_scheme.auth_seq_num 
_pdbx_poly_seq_scheme.pdb_mon_id 
_pdbx_poly_seq_scheme.auth_mon_id 
_pdbx_poly_seq_scheme.pdb_strand_id 
_pdbx_poly_seq_scheme.pdb_ins_code 
_pdbx_poly_seq_scheme.hetero 
A 1 1   LYS 1   0   0   LYS LYS A . n 
A 1 2   MET 2   1   1   MET MET A . n 
A 1 3   SER 3   2   2   SER SER A . n 
A 1 4   GLN 4   3   3   GLN GLN A . n 
A 1 5   PRO 5   4   4   PRO PRO A . n 
A 1 6   CYS 6   5   5   CYS CYS A . n 
A 1 7   PRO 7   6   6   PRO PRO A . n 
A 1 8   CYS 8   7   7   CYS CYS A . n 
A 1 9   GLY 9   8   8   GLY GLY A . n 
A 1 10  SER 10  9   9   SER SER A . n 
A 1 11  ALA 11  10  10  ALA ALA A . n 
A 1 12  ASP 12  11  11  ASP ASP A . n 
A 1 13  GLU 13  12  12  GLU GLU A . n 
A 1 14  TYR 14  13  13  TYR TYR A . n 
A 1 15  SER 15  14  14  SER SER A . n 
A 1 16  LEU 16  15  15  LEU LEU A . n 
A 1 17  CYS 17  16  16  CYS CYS A . n 
A 1 18  CYS 18  17  17  CYS CYS A . n 
A 1 19  GLY 19  18  18  GLY GLY A . n 
A 1 20  ARG 20  19  19  ARG ARG A . n 
A 1 21  ILE 21  20  20  ILE ILE A . n 
A 1 22  VAL 22  21  21  VAL VAL A . n 
A 1 23  SER 23  22  22  SER SER A . n 
A 1 24  GLY 24  23  23  GLY GLY A . n 
A 1 25  GLU 25  24  24  GLU GLU A . n 
A 1 26  ARG 26  25  25  ARG ARG A . n 
A 1 27  VAL 27  26  26  VAL VAL A . n 
A 1 28  ALA 28  27  27  ALA ALA A . n 
A 1 29  PRO 29  28  28  PRO PRO A . n 
A 1 30  ASP 30  29  29  ASP ASP A . n 
A 1 31  PRO 31  30  30  PRO PRO A . n 
A 1 32  SER 32  31  31  SER SER A . n 
A 1 33  HIS 33  32  32  HIS HIS A . n 
A 1 34  LEU 34  33  33  LEU LEU A . n 
A 1 35  MET 35  34  34  MET MET A . n 
A 1 36  ARG 36  35  35  ARG ARG A . n 
A 1 37  SER 37  36  36  SER SER A . n 
A 1 38  ARG 38  37  37  ARG ARG A . n 
A 1 39  TYR 39  38  38  TYR TYR A . n 
A 1 40  CYS 40  39  39  CYS CYS A . n 
A 1 41  ALA 41  40  40  ALA ALA A . n 
A 1 42  PHE 42  41  41  PHE PHE A . n 
A 1 43  VAL 43  42  42  VAL VAL A . n 
A 1 44  MET 44  43  43  MET MET A . n 
A 1 45  LYS 45  44  44  LYS LYS A . n 
A 1 46  ASP 46  45  45  ASP ASP A . n 
A 1 47  ALA 47  46  46  ALA ALA A . n 
A 1 48  ASP 48  47  47  ASP ASP A . n 
A 1 49  TYR 49  48  48  TYR TYR A . n 
A 1 50  LEU 50  49  49  LEU LEU A . n 
A 1 51  ILE 51  50  50  ILE ILE A . n 
A 1 52  LYS 52  51  51  LYS LYS A . n 
A 1 53  SER 53  52  52  SER SER A . n 
A 1 54  TRP 54  53  53  TRP TRP A . n 
A 1 55  HIS 55  54  54  HIS HIS A . n 
A 1 56  PRO 56  55  55  PRO PRO A . n 
A 1 57  THR 57  56  56  THR THR A . n 
A 1 58  CYS 58  57  57  CYS CYS A . n 
A 1 59  ASN 59  58  58  ASN ASN A . n 
A 1 60  ALA 60  59  59  ALA ALA A . n 
A 1 61  ALA 61  60  60  ALA ALA A . n 
A 1 62  ALA 62  61  61  ALA ALA A . n 
A 1 63  PHE 63  62  62  PHE PHE A . n 
A 1 64  ARG 64  63  63  ARG ARG A . n 
A 1 65  ASP 65  64  64  ASP ASP A . n 
A 1 66  ASP 66  65  65  ASP ASP A . n 
A 1 67  ILE 67  66  66  ILE ILE A . n 
A 1 68  ILE 68  67  67  ILE ILE A . n 
A 1 69  ALA 69  68  68  ALA ALA A . n 
A 1 70  GLY 70  69  69  GLY GLY A . n 
A 1 71  PHE 71  70  70  PHE PHE A . n 
A 1 72  ALA 72  71  71  ALA ALA A . n 
A 1 73  ASN 73  72  72  ASN ASN A . n 
A 1 74  THR 74  73  73  THR THR A . n 
A 1 75  ARG 75  74  74  ARG ARG A . n 
A 1 76  TRP 76  75  75  TRP TRP A . n 
A 1 77  LEU 77  76  76  LEU LEU A . n 
A 1 78  GLY 78  77  77  GLY GLY A . n 
A 1 79  LEU 79  78  78  LEU LEU A . n 
A 1 80  THR 80  79  79  THR THR A . n 
A 1 81  ILE 81  80  80  ILE ILE A . n 
A 1 82  PHE 82  81  81  PHE PHE A . n 
A 1 83  GLU 83  82  82  GLU GLU A . n 
A 1 84  HIS 84  83  83  HIS HIS A . n 
A 1 85  THR 85  84  84  THR THR A . n 
A 1 86  TRP 86  85  85  TRP TRP A . n 
A 1 87  SER 87  86  86  SER SER A . n 
A 1 88  GLU 88  87  87  GLU GLU A . n 
A 1 89  ALA 89  88  88  ALA ALA A . n 
A 1 90  GLU 90  89  89  GLU GLU A . n 
A 1 91  ASN 91  90  90  ASN ASN A . n 
A 1 92  THR 92  91  91  THR THR A . n 
A 1 93  GLY 93  92  92  GLY GLY A . n 
A 1 94  TYR 94  93  93  TYR TYR A . n 
A 1 95  VAL 95  94  94  VAL VAL A . n 
A 1 96  SER 96  95  95  SER SER A . n 
A 1 97  PHE 97  96  96  PHE PHE A . n 
A 1 98  ILE 98  97  97  ILE ILE A . n 
A 1 99  ALA 99  98  98  ALA ALA A . n 
A 1 100 ARG 100 99  99  ARG ARG A . n 
A 1 101 PHE 101 100 100 PHE PHE A . n 
A 1 102 SER 102 101 101 SER SER A . n 
A 1 103 GLU 103 102 102 GLU GLU A . n 
A 1 104 GLN 104 103 103 GLN GLN A . n 
A 1 105 GLY 105 104 104 GLY GLY A . n 
A 1 106 LYS 106 105 105 LYS LYS A . n 
A 1 107 ASN 107 106 106 ASN ASN A . n 
A 1 108 GLY 108 107 107 GLY GLY A . n 
A 1 109 ALA 109 108 108 ALA ALA A . n 
A 1 110 ILE 110 109 109 ILE ILE A . n 
A 1 111 ILE 111 110 110 ILE ILE A . n 
A 1 112 GLU 112 111 111 GLU GLU A . n 
A 1 113 ARG 113 112 112 ARG ARG A . n 
A 1 114 SER 114 113 113 SER SER A . n 
A 1 115 ARG 115 114 114 ARG ARG A . n 
A 1 116 PHE 116 115 115 PHE PHE A . n 
A 1 117 ILE 117 116 116 ILE ILE A . n 
A 1 118 LYS 118 117 117 LYS LYS A . n 
A 1 119 GLU 119 118 118 GLU GLU A . n 
A 1 120 ASN 120 119 119 ASN ASN A . n 
A 1 121 GLY 121 120 120 GLY GLY A . n 
A 1 122 GLN 122 121 121 GLN GLN A . n 
A 1 123 TRP 123 122 122 TRP TRP A . n 
A 1 124 TYR 124 123 123 TYR TYR A . n 
A 1 125 TYR 125 124 124 TYR TYR A . n 
A 1 126 ILE 126 125 125 ILE ILE A . n 
A 1 127 ASP 127 126 126 ASP ASP A . n 
A 1 128 GLY 128 127 127 GLY GLY A . n 
A 1 129 THR 129 128 128 THR THR A . n 
A 1 130 ARG 130 129 129 ARG ARG A . n 
A 1 131 PRO 131 130 130 PRO PRO A . n 
B 2 1   GLY 1   133 133 GLY GLY B . n 
B 2 2   ARG 2   134 134 ARG ARG B . n 
B 2 3   ASN 3   135 135 ASN ASN B . n 
B 2 4   ASP 4   136 136 ASP ASP B . n 
B 2 5   PRO 5   137 137 PRO PRO B . n 
B 2 6   CYS 6   138 138 CYS CYS B . n 
B 2 7   PRO 7   139 139 PRO PRO B . n 
B 2 8   CYS 8   140 140 CYS CYS B . n 
B 2 9   GLY 9   141 141 GLY GLY B . n 
B 2 10  SER 10  142 142 SER SER B . n 
B 2 11  GLY 11  143 143 GLY GLY B . n 
B 2 12  LYS 12  144 144 LYS LYS B . n 
B 2 13  LYS 13  145 145 LYS LYS B . n 
B 2 14  PHE 14  146 146 PHE PHE B . n 
B 2 15  LYS 15  147 147 LYS LYS B . n 
B 2 16  LYS 16  148 148 LYS LYS B . n 
# 
loop_
_pdbx_nonpoly_scheme.asym_id 
_pdbx_nonpoly_scheme.entity_id 
_pdbx_nonpoly_scheme.mon_id 
_pdbx_nonpoly_scheme.ndb_seq_num 
_pdbx_nonpoly_scheme.pdb_seq_num 
_pdbx_nonpoly_scheme.auth_seq_num 
_pdbx_nonpoly_scheme.pdb_mon_id 
_pdbx_nonpoly_scheme.auth_mon_id 
_pdbx_nonpoly_scheme.pdb_strand_id 
_pdbx_nonpoly_scheme.pdb_ins_code 
C 3 ZN  1  201 1  ZN  ZN  A . 
D 4 HOH 1  301 16 HOH HOH A . 
D 4 HOH 2  302 12 HOH HOH A . 
D 4 HOH 3  303 20 HOH HOH A . 
D 4 HOH 4  304 1  HOH HOH A . 
D 4 HOH 5  305 5  HOH HOH A . 
D 4 HOH 6  306 8  HOH HOH A . 
D 4 HOH 7  307 15 HOH HOH A . 
D 4 HOH 8  308 10 HOH HOH A . 
D 4 HOH 9  309 14 HOH HOH A . 
D 4 HOH 10 310 3  HOH HOH A . 
D 4 HOH 11 311 2  HOH HOH A . 
D 4 HOH 12 312 11 HOH HOH A . 
D 4 HOH 13 313 17 HOH HOH A . 
D 4 HOH 14 314 4  HOH HOH A . 
D 4 HOH 15 315 9  HOH HOH A . 
D 4 HOH 16 316 6  HOH HOH A . 
D 4 HOH 17 317 18 HOH HOH A . 
D 4 HOH 18 318 7  HOH HOH A . 
D 4 HOH 19 319 13 HOH HOH A . 
D 4 HOH 20 320 19 HOH HOH A . 
# 
loop_
_software.citation_id 
_software.classification 
_software.compiler_name 
_software.compiler_version 
_software.contact_author 
_software.contact_author_email 
_software.date 
_software.description 
_software.dependencies 
_software.hardware 
_software.language 
_software.location 
_software.mods 
_software.name 
_software.os 
_software.os_version 
_software.type 
_software.version 
_software.pdbx_reference_DOI 
_software.pdbx_ordinal 
? refinement        ? ? ? ? ? ? ? ? ? ? ? PHENIX      ? ? ? '(1.15.1_3469: ???)' ? 1 
? 'data extraction' ? ? ? ? ? ? ? ? ? ? ? PDB_EXTRACT ? ? ? .                    ? 2 
? 'data reduction'  ? ? ? ? ? ? ? ? ? ? ? HKL-2000    ? ? ? .                    ? 3 
? 'data scaling'    ? ? ? ? ? ? ? ? ? ? ? HKL-2000    ? ? ? .                    ? 4 
? phasing           ? ? ? ? ? ? ? ? ? ? ? PHASER      ? ? ? .                    ? 5 
# 
_cell.angle_alpha                  90.00 
_cell.angle_alpha_esd              ? 
_cell.angle_beta                   90.00 
_cell.angle_beta_esd               ? 
_cell.angle_gamma                  90.00 
_cell.angle_gamma_esd              ? 
_cell.entry_id                     9VXG 
_cell.details                      ? 
_cell.formula_units_Z              ? 
_cell.length_a                     58.937 
_cell.length_a_esd                 ? 
_cell.length_b                     58.937 
_cell.length_b_esd                 ? 
_cell.length_c                     124.367 
_cell.length_c_esd                 ? 
_cell.volume                       ? 
_cell.volume_esd                   ? 
_cell.Z_PDB                        8 
_cell.reciprocal_angle_alpha       ? 
_cell.reciprocal_angle_beta        ? 
_cell.reciprocal_angle_gamma       ? 
_cell.reciprocal_angle_alpha_esd   ? 
_cell.reciprocal_angle_beta_esd    ? 
_cell.reciprocal_angle_gamma_esd   ? 
_cell.reciprocal_length_a          ? 
_cell.reciprocal_length_b          ? 
_cell.reciprocal_length_c          ? 
_cell.reciprocal_length_a_esd      ? 
_cell.reciprocal_length_b_esd      ? 
_cell.reciprocal_length_c_esd      ? 
_cell.pdbx_unique_axis             ? 
_cell.pdbx_esd_method              ? 
# 
_symmetry.entry_id                         9VXG 
_symmetry.cell_setting                     ? 
_symmetry.Int_Tables_number                96 
_symmetry.space_group_name_Hall            ? 
_symmetry.space_group_name_H-M             'P 43 21 2' 
_symmetry.pdbx_full_space_group_name_H-M   ? 
# 
_exptl.absorpt_coefficient_mu     ? 
_exptl.absorpt_correction_T_max   ? 
_exptl.absorpt_correction_T_min   ? 
_exptl.absorpt_correction_type    ? 
_exptl.absorpt_process_details    ? 
_exptl.entry_id                   9VXG 
_exptl.crystals_number            1 
_exptl.details                    ? 
_exptl.method                     'X-RAY DIFFRACTION' 
_exptl.method_details             ? 
# 
_exptl_crystal.colour                       ? 
_exptl_crystal.density_diffrn               ? 
_exptl_crystal.density_Matthews             3.25 
_exptl_crystal.density_method               ? 
_exptl_crystal.density_percent_sol          62.18 
_exptl_crystal.description                  ? 
_exptl_crystal.F_000                        ? 
_exptl_crystal.id                           1 
_exptl_crystal.preparation                  ? 
_exptl_crystal.size_max                     ? 
_exptl_crystal.size_mid                     ? 
_exptl_crystal.size_min                     ? 
_exptl_crystal.size_rad                     ? 
_exptl_crystal.colour_lustre                ? 
_exptl_crystal.colour_modifier              ? 
_exptl_crystal.colour_primary               ? 
_exptl_crystal.density_meas                 ? 
_exptl_crystal.density_meas_esd             ? 
_exptl_crystal.density_meas_gt              ? 
_exptl_crystal.density_meas_lt              ? 
_exptl_crystal.density_meas_temp            ? 
_exptl_crystal.density_meas_temp_esd        ? 
_exptl_crystal.density_meas_temp_gt         ? 
_exptl_crystal.density_meas_temp_lt         ? 
_exptl_crystal.pdbx_crystal_image_url       ? 
_exptl_crystal.pdbx_crystal_image_format    ? 
_exptl_crystal.pdbx_mosaicity               ? 
_exptl_crystal.pdbx_mosaicity_esd           ? 
_exptl_crystal.pdbx_mosaic_method           ? 
_exptl_crystal.pdbx_mosaic_block_size       ? 
_exptl_crystal.pdbx_mosaic_block_size_esd   ? 
# 
_exptl_crystal_grow.apparatus       ? 
_exptl_crystal_grow.atmosphere      ? 
_exptl_crystal_grow.crystal_id      1 
_exptl_crystal_grow.details         ? 
_exptl_crystal_grow.method          'VAPOR DIFFUSION, HANGING DROP' 
_exptl_crystal_grow.method_ref      ? 
_exptl_crystal_grow.pH              7.0 
_exptl_crystal_grow.pressure        ? 
_exptl_crystal_grow.pressure_esd    ? 
_exptl_crystal_grow.seeding         ? 
_exptl_crystal_grow.seeding_ref     ? 
_exptl_crystal_grow.temp_details    ? 
_exptl_crystal_grow.temp_esd        ? 
_exptl_crystal_grow.time            ? 
_exptl_crystal_grow.pdbx_details    '1.5 M Ammonium sulfate, 0.1 M BIS-TRIS propane pH 7.0' 
_exptl_crystal_grow.pdbx_pH_range   ? 
_exptl_crystal_grow.temp            291 
# 
_diffrn.ambient_environment              ? 
_diffrn.ambient_temp                     100 
_diffrn.ambient_temp_details             ? 
_diffrn.ambient_temp_esd                 ? 
_diffrn.crystal_id                       1 
_diffrn.crystal_support                  ? 
_diffrn.crystal_treatment                ? 
_diffrn.details                          ? 
_diffrn.id                               1 
_diffrn.ambient_pressure                 ? 
_diffrn.ambient_pressure_esd             ? 
_diffrn.ambient_pressure_gt              ? 
_diffrn.ambient_pressure_lt              ? 
_diffrn.ambient_temp_gt                  ? 
_diffrn.ambient_temp_lt                  ? 
_diffrn.pdbx_serial_crystal_experiment   N 
# 
_diffrn_detector.details                      ? 
_diffrn_detector.detector                     PIXEL 
_diffrn_detector.diffrn_id                    1 
_diffrn_detector.type                         'DECTRIS EIGER2 S 9M' 
_diffrn_detector.area_resol_mean              ? 
_diffrn_detector.dtime                        ? 
_diffrn_detector.pdbx_frames_total            ? 
_diffrn_detector.pdbx_collection_time_total   ? 
_diffrn_detector.pdbx_collection_date         2023-01-02 
_diffrn_detector.pdbx_frequency               ? 
_diffrn_detector.id                           ? 
_diffrn_detector.number_of_axes               ? 
# 
_diffrn_radiation.collimation                      ? 
_diffrn_radiation.diffrn_id                        1 
_diffrn_radiation.filter_edge                      ? 
_diffrn_radiation.inhomogeneity                    ? 
_diffrn_radiation.monochromator                    Si111 
_diffrn_radiation.polarisn_norm                    ? 
_diffrn_radiation.polarisn_ratio                   ? 
_diffrn_radiation.probe                            ? 
_diffrn_radiation.type                             ? 
_diffrn_radiation.xray_symbol                      ? 
_diffrn_radiation.wavelength_id                    1 
_diffrn_radiation.pdbx_monochromatic_or_laue_m_l   M 
_diffrn_radiation.pdbx_wavelength_list             ? 
_diffrn_radiation.pdbx_wavelength                  ? 
_diffrn_radiation.pdbx_diffrn_protocol             'SINGLE WAVELENGTH' 
_diffrn_radiation.pdbx_analyzer                    ? 
_diffrn_radiation.pdbx_scattering_type             x-ray 
# 
_diffrn_radiation_wavelength.id           1 
_diffrn_radiation_wavelength.wavelength   0.987 
_diffrn_radiation_wavelength.wt           1.0 
# 
_diffrn_source.current                     ? 
_diffrn_source.details                     ? 
_diffrn_source.diffrn_id                   1 
_diffrn_source.power                       ? 
_diffrn_source.size                        ? 
_diffrn_source.source                      SYNCHROTRON 
_diffrn_source.target                      ? 
_diffrn_source.type                        'SSRF BEAMLINE BL02U1' 
_diffrn_source.voltage                     ? 
_diffrn_source.take-off_angle              ? 
_diffrn_source.pdbx_wavelength_list        0.987 
_diffrn_source.pdbx_wavelength             ? 
_diffrn_source.pdbx_synchrotron_beamline   BL02U1 
_diffrn_source.pdbx_synchrotron_site       SSRF 
# 
_reflns.B_iso_Wilson_estimate                          54.12 
_reflns.entry_id                                       9VXG 
_reflns.data_reduction_details                         ? 
_reflns.data_reduction_method                          ? 
_reflns.d_resolution_high                              2.30 
_reflns.d_resolution_low                               53.26 
_reflns.details                                        ? 
_reflns.limit_h_max                                    ? 
_reflns.limit_h_min                                    ? 
_reflns.limit_k_max                                    ? 
_reflns.limit_k_min                                    ? 
_reflns.limit_l_max                                    ? 
_reflns.limit_l_min                                    ? 
_reflns.number_all                                     ? 
_reflns.number_obs                                     10353 
_reflns.observed_criterion                             ? 
_reflns.observed_criterion_F_max                       ? 
_reflns.observed_criterion_F_min                       ? 
_reflns.observed_criterion_I_max                       ? 
_reflns.observed_criterion_I_min                       ? 
_reflns.observed_criterion_sigma_F                     ? 
_reflns.observed_criterion_sigma_I                     ? 
_reflns.percent_possible_obs                           92.9 
_reflns.R_free_details                                 ? 
_reflns.Rmerge_F_all                                   ? 
_reflns.Rmerge_F_obs                                   ? 
_reflns.Friedel_coverage                               ? 
_reflns.number_gt                                      ? 
_reflns.threshold_expression                           ? 
_reflns.pdbx_redundancy                                3.7 
_reflns.pdbx_netI_over_av_sigmaI                       ? 
_reflns.pdbx_netI_over_sigmaI                          18.000 
_reflns.pdbx_res_netI_over_av_sigmaI_2                 ? 
_reflns.pdbx_res_netI_over_sigmaI_2                    ? 
_reflns.pdbx_chi_squared                               ? 
_reflns.pdbx_scaling_rejects                           ? 
_reflns.pdbx_d_res_high_opt                            ? 
_reflns.pdbx_d_res_low_opt                             ? 
_reflns.pdbx_d_res_opt_method                          ? 
_reflns.phase_calculation_details                      ? 
_reflns.pdbx_Rrim_I_all                                0.132 
_reflns.pdbx_Rpim_I_all                                0.020 
_reflns.pdbx_d_opt                                     ? 
_reflns.pdbx_number_measured_all                       ? 
_reflns.pdbx_diffrn_id                                 1 
_reflns.pdbx_ordinal                                   1 
_reflns.pdbx_CC_half                                   0.999 
_reflns.pdbx_CC_star                                   ? 
_reflns.pdbx_R_split                                   ? 
_reflns.pdbx_Rmerge_I_obs                              0.131 
_reflns.pdbx_Rmerge_I_all                              ? 
_reflns.pdbx_Rsym_value                                ? 
_reflns.pdbx_CC_split_method                           ? 
_reflns.pdbx_aniso_diffraction_limit_axis_1_ortho[1]   ? 
_reflns.pdbx_aniso_diffraction_limit_axis_1_ortho[2]   ? 
_reflns.pdbx_aniso_diffraction_limit_axis_1_ortho[3]   ? 
_reflns.pdbx_aniso_diffraction_limit_axis_2_ortho[1]   ? 
_reflns.pdbx_aniso_diffraction_limit_axis_2_ortho[2]   ? 
_reflns.pdbx_aniso_diffraction_limit_axis_2_ortho[3]   ? 
_reflns.pdbx_aniso_diffraction_limit_axis_3_ortho[1]   ? 
_reflns.pdbx_aniso_diffraction_limit_axis_3_ortho[2]   ? 
_reflns.pdbx_aniso_diffraction_limit_axis_3_ortho[3]   ? 
_reflns.pdbx_aniso_diffraction_limit_1                 ? 
_reflns.pdbx_aniso_diffraction_limit_2                 ? 
_reflns.pdbx_aniso_diffraction_limit_3                 ? 
_reflns.pdbx_aniso_B_tensor_eigenvector_1_ortho[1]     ? 
_reflns.pdbx_aniso_B_tensor_eigenvector_1_ortho[2]     ? 
_reflns.pdbx_aniso_B_tensor_eigenvector_1_ortho[3]     ? 
_reflns.pdbx_aniso_B_tensor_eigenvector_2_ortho[1]     ? 
_reflns.pdbx_aniso_B_tensor_eigenvector_2_ortho[2]     ? 
_reflns.pdbx_aniso_B_tensor_eigenvector_2_ortho[3]     ? 
_reflns.pdbx_aniso_B_tensor_eigenvector_3_ortho[1]     ? 
_reflns.pdbx_aniso_B_tensor_eigenvector_3_ortho[2]     ? 
_reflns.pdbx_aniso_B_tensor_eigenvector_3_ortho[3]     ? 
_reflns.pdbx_aniso_B_tensor_eigenvalue_1               ? 
_reflns.pdbx_aniso_B_tensor_eigenvalue_2               ? 
_reflns.pdbx_aniso_B_tensor_eigenvalue_3               ? 
_reflns.pdbx_orthogonalization_convention              ? 
_reflns.pdbx_percent_possible_ellipsoidal              ? 
_reflns.pdbx_percent_possible_spherical                ? 
_reflns.pdbx_percent_possible_ellipsoidal_anomalous    ? 
_reflns.pdbx_percent_possible_spherical_anomalous      ? 
_reflns.pdbx_redundancy_anomalous                      ? 
_reflns.pdbx_CC_half_anomalous                         ? 
_reflns.pdbx_absDiff_over_sigma_anomalous              ? 
_reflns.pdbx_percent_possible_anomalous                ? 
_reflns.pdbx_observed_signal_threshold                 ? 
_reflns.pdbx_signal_type                               ? 
_reflns.pdbx_signal_details                            ? 
_reflns.pdbx_signal_software_id                        ? 
# 
_reflns_shell.d_res_high                                    2.303 
_reflns_shell.d_res_low                                     2.43 
_reflns_shell.meanI_over_sigI_all                           ? 
_reflns_shell.meanI_over_sigI_obs                           20 
_reflns_shell.number_measured_all                           ? 
_reflns_shell.number_measured_obs                           ? 
_reflns_shell.number_possible                               ? 
_reflns_shell.number_unique_all                             ? 
_reflns_shell.number_unique_obs                             10294 
_reflns_shell.percent_possible_obs                          ? 
_reflns_shell.Rmerge_F_all                                  ? 
_reflns_shell.Rmerge_F_obs                                  ? 
_reflns_shell.meanI_over_sigI_gt                            ? 
_reflns_shell.meanI_over_uI_all                             ? 
_reflns_shell.meanI_over_uI_gt                              ? 
_reflns_shell.number_measured_gt                            ? 
_reflns_shell.number_unique_gt                              ? 
_reflns_shell.percent_possible_gt                           ? 
_reflns_shell.Rmerge_F_gt                                   ? 
_reflns_shell.Rmerge_I_gt                                   ? 
_reflns_shell.pdbx_redundancy                               ? 
_reflns_shell.pdbx_chi_squared                              ? 
_reflns_shell.pdbx_netI_over_sigmaI_all                     ? 
_reflns_shell.pdbx_netI_over_sigmaI_obs                     ? 
_reflns_shell.pdbx_Rrim_I_all                               ? 
_reflns_shell.pdbx_Rpim_I_all                               ? 
_reflns_shell.pdbx_rejects                                  ? 
_reflns_shell.pdbx_ordinal                                  1 
_reflns_shell.pdbx_diffrn_id                                1 
_reflns_shell.pdbx_CC_half                                  0.999 
_reflns_shell.pdbx_CC_star                                  ? 
_reflns_shell.pdbx_R_split                                  ? 
_reflns_shell.percent_possible_all                          100 
_reflns_shell.Rmerge_I_all                                  ? 
_reflns_shell.Rmerge_I_obs                                  0.127 
_reflns_shell.pdbx_Rsym_value                               ? 
_reflns_shell.pdbx_percent_possible_ellipsoidal             ? 
_reflns_shell.pdbx_percent_possible_spherical               ? 
_reflns_shell.pdbx_percent_possible_ellipsoidal_anomalous   ? 
_reflns_shell.pdbx_percent_possible_spherical_anomalous     ? 
_reflns_shell.pdbx_redundancy_anomalous                     ? 
_reflns_shell.pdbx_CC_half_anomalous                        ? 
_reflns_shell.pdbx_absDiff_over_sigma_anomalous             ? 
_reflns_shell.pdbx_percent_possible_anomalous               ? 
# 
_refine.aniso_B[1][1]                            ? 
_refine.aniso_B[1][2]                            ? 
_refine.aniso_B[1][3]                            ? 
_refine.aniso_B[2][2]                            ? 
_refine.aniso_B[2][3]                            ? 
_refine.aniso_B[3][3]                            ? 
_refine.B_iso_max                                ? 
_refine.B_iso_mean                               ? 
_refine.B_iso_min                                ? 
_refine.correlation_coeff_Fo_to_Fc               ? 
_refine.correlation_coeff_Fo_to_Fc_free          ? 
_refine.details                                  ? 
_refine.diff_density_max                         ? 
_refine.diff_density_max_esd                     ? 
_refine.diff_density_min                         ? 
_refine.diff_density_min_esd                     ? 
_refine.diff_density_rms                         ? 
_refine.diff_density_rms_esd                     ? 
_refine.entry_id                                 9VXG 
_refine.pdbx_refine_id                           'X-RAY DIFFRACTION' 
_refine.ls_abs_structure_details                 ? 
_refine.ls_abs_structure_Flack                   ? 
_refine.ls_abs_structure_Flack_esd               ? 
_refine.ls_abs_structure_Rogers                  ? 
_refine.ls_abs_structure_Rogers_esd              ? 
_refine.ls_d_res_high                            2.302 
_refine.ls_d_res_low                             29.468 
_refine.ls_extinction_coef                       ? 
_refine.ls_extinction_coef_esd                   ? 
_refine.ls_extinction_expression                 ? 
_refine.ls_extinction_method                     ? 
_refine.ls_goodness_of_fit_all                   ? 
_refine.ls_goodness_of_fit_all_esd               ? 
_refine.ls_goodness_of_fit_obs                   ? 
_refine.ls_goodness_of_fit_obs_esd               ? 
_refine.ls_hydrogen_treatment                    ? 
_refine.ls_matrix_type                           ? 
_refine.ls_number_constraints                    ? 
_refine.ls_number_parameters                     ? 
_refine.ls_number_reflns_all                     ? 
_refine.ls_number_reflns_obs                     10294 
_refine.ls_number_reflns_R_free                  505 
_refine.ls_number_reflns_R_work                  ? 
_refine.ls_number_restraints                     ? 
_refine.ls_percent_reflns_obs                    99.98 
_refine.ls_percent_reflns_R_free                 4.91 
_refine.ls_R_factor_all                          ? 
_refine.ls_R_factor_obs                          0.2333 
_refine.ls_R_factor_R_free                       0.2662 
_refine.ls_R_factor_R_free_error                 ? 
_refine.ls_R_factor_R_free_error_details         ? 
_refine.ls_R_factor_R_work                       0.2316 
_refine.ls_R_Fsqd_factor_obs                     ? 
_refine.ls_R_I_factor_obs                        ? 
_refine.ls_redundancy_reflns_all                 ? 
_refine.ls_redundancy_reflns_obs                 ? 
_refine.ls_restrained_S_all                      ? 
_refine.ls_restrained_S_obs                      ? 
_refine.ls_shift_over_esd_max                    ? 
_refine.ls_shift_over_esd_mean                   ? 
_refine.ls_structure_factor_coef                 ? 
_refine.ls_weighting_details                     ? 
_refine.ls_weighting_scheme                      ? 
_refine.ls_wR_factor_all                         ? 
_refine.ls_wR_factor_obs                         ? 
_refine.ls_wR_factor_R_free                      ? 
_refine.ls_wR_factor_R_work                      ? 
_refine.occupancy_max                            ? 
_refine.occupancy_min                            ? 
_refine.solvent_model_details                    'FLAT BULK SOLVENT MODEL' 
_refine.solvent_model_param_bsol                 ? 
_refine.solvent_model_param_ksol                 ? 
_refine.correlation_coeff_I_to_Fcsqd_work        ? 
_refine.correlation_coeff_I_to_Fcsqd_free        ? 
_refine.pdbx_R_complete                          ? 
_refine.ls_R_factor_gt                           ? 
_refine.ls_goodness_of_fit_gt                    ? 
_refine.ls_goodness_of_fit_ref                   ? 
_refine.ls_shift_over_su_max                     ? 
_refine.ls_shift_over_su_max_lt                  ? 
_refine.ls_shift_over_su_mean                    ? 
_refine.ls_shift_over_su_mean_lt                 ? 
_refine.pdbx_ls_sigma_I                          ? 
_refine.pdbx_ls_sigma_F                          1.37 
_refine.pdbx_ls_sigma_Fsqd                       ? 
_refine.pdbx_data_cutoff_high_absF               ? 
_refine.pdbx_data_cutoff_high_rms_absF           ? 
_refine.pdbx_data_cutoff_low_absF                ? 
_refine.pdbx_isotropic_thermal_model             ? 
_refine.pdbx_ls_cross_valid_method               'FREE R-VALUE' 
_refine.pdbx_method_to_determine_struct          'MOLECULAR REPLACEMENT' 
_refine.pdbx_starting_model                      ? 
_refine.pdbx_stereochemistry_target_values       ML 
_refine.pdbx_R_Free_selection_details            ? 
_refine.pdbx_stereochem_target_val_spec_case     ? 
_refine.pdbx_overall_ESU_R                       ? 
_refine.pdbx_overall_ESU_R_Free                  ? 
_refine.pdbx_solvent_vdw_probe_radii             1.11 
_refine.pdbx_solvent_ion_probe_radii             ? 
_refine.pdbx_solvent_shrinkage_radii             0.90 
_refine.pdbx_real_space_R                        ? 
_refine.pdbx_density_correlation                 ? 
_refine.pdbx_pd_number_of_powder_patterns        ? 
_refine.pdbx_pd_number_of_points                 ? 
_refine.pdbx_pd_meas_number_of_points            ? 
_refine.pdbx_pd_proc_ls_prof_R_factor            ? 
_refine.pdbx_pd_proc_ls_prof_wR_factor           ? 
_refine.pdbx_pd_Marquardt_correlation_coeff      ? 
_refine.pdbx_pd_Fsqrd_R_factor                   ? 
_refine.pdbx_pd_ls_matrix_band_width             ? 
_refine.pdbx_overall_phase_error                 27.55 
_refine.pdbx_overall_SU_R_free_Cruickshank_DPI   ? 
_refine.pdbx_overall_SU_R_free_Blow_DPI          ? 
_refine.pdbx_overall_SU_R_Blow_DPI               ? 
_refine.pdbx_TLS_residual_ADP_flag               ? 
_refine.pdbx_diffrn_id                           1 
_refine.overall_SU_B                             ? 
_refine.overall_SU_ML                            0.24 
_refine.overall_SU_R_Cruickshank_DPI             ? 
_refine.overall_SU_R_free                        ? 
_refine.overall_FOM_free_R_set                   ? 
_refine.overall_FOM_work_R_set                   ? 
_refine.pdbx_average_fsc_overall                 ? 
_refine.pdbx_average_fsc_work                    ? 
_refine.pdbx_average_fsc_free                    ? 
# 
_refine_hist.pdbx_refine_id                   'X-RAY DIFFRACTION' 
_refine_hist.cycle_id                         LAST 
_refine_hist.pdbx_number_atoms_protein        1161 
_refine_hist.pdbx_number_atoms_nucleic_acid   0 
_refine_hist.pdbx_number_atoms_ligand         1 
_refine_hist.number_atoms_solvent             20 
_refine_hist.number_atoms_total               1182 
_refine_hist.d_res_high                       2.302 
_refine_hist.d_res_low                        29.468 
# 
loop_
_refine_ls_restr.pdbx_refine_id 
_refine_ls_restr.criterion 
_refine_ls_restr.dev_ideal 
_refine_ls_restr.dev_ideal_target 
_refine_ls_restr.number 
_refine_ls_restr.rejects 
_refine_ls_restr.type 
_refine_ls_restr.weight 
_refine_ls_restr.pdbx_Zscore 
_refine_ls_restr.pdbx_restraint_function 
'X-RAY DIFFRACTION' ? 0.005 ? 1202 ? f_bond_d           ? ? ? 
'X-RAY DIFFRACTION' ? 0.789 ? 1620 ? f_angle_d          ? ? ? 
'X-RAY DIFFRACTION' ? 3.155 ? 712  ? f_dihedral_angle_d ? ? ? 
'X-RAY DIFFRACTION' ? 0.051 ? 161  ? f_chiral_restr     ? ? ? 
'X-RAY DIFFRACTION' ? 0.005 ? 212  ? f_plane_restr      ? ? ? 
# 
loop_
_refine_ls_shell.pdbx_refine_id 
_refine_ls_shell.d_res_high 
_refine_ls_shell.d_res_low 
_refine_ls_shell.number_reflns_all 
_refine_ls_shell.number_reflns_obs 
_refine_ls_shell.number_reflns_R_free 
_refine_ls_shell.number_reflns_R_work 
_refine_ls_shell.percent_reflns_obs 
_refine_ls_shell.percent_reflns_R_free 
_refine_ls_shell.R_factor_all 
_refine_ls_shell.R_factor_obs 
_refine_ls_shell.R_factor_R_free_error 
_refine_ls_shell.R_factor_R_work 
_refine_ls_shell.redundancy_reflns_all 
_refine_ls_shell.redundancy_reflns_obs 
_refine_ls_shell.wR_factor_all 
_refine_ls_shell.wR_factor_obs 
_refine_ls_shell.wR_factor_R_free 
_refine_ls_shell.wR_factor_R_work 
_refine_ls_shell.pdbx_R_complete 
_refine_ls_shell.correlation_coeff_Fo_to_Fc 
_refine_ls_shell.correlation_coeff_Fo_to_Fc_free 
_refine_ls_shell.correlation_coeff_I_to_Fcsqd_work 
_refine_ls_shell.correlation_coeff_I_to_Fcsqd_free 
_refine_ls_shell.pdbx_total_number_of_bins_used 
_refine_ls_shell.pdbx_phase_error 
_refine_ls_shell.pdbx_fsc_work 
_refine_ls_shell.pdbx_fsc_free 
_refine_ls_shell.R_factor_R_free 
'X-RAY DIFFRACTION' 2.302  2.5333 . . 135 2351 100.00 . . . . 0.2762 . . . . . . . . . . . . . . . 0.3162 
'X-RAY DIFFRACTION' 2.5333 2.8996 . . 139 2386 100.00 . . . . 0.3060 . . . . . . . . . . . . . . . 0.3190 
'X-RAY DIFFRACTION' 2.8996 3.6521 . . 107 2463 100.00 . . . . 0.2685 . . . . . . . . . . . . . . . 0.3350 
'X-RAY DIFFRACTION' 3.6521 29.468 . . 124 2589 100.00 . . . . 0.1960 . . . . . . . . . . . . . . . 0.2225 
# 
_struct.entry_id                     9VXG 
_struct.title                        
'ROS-Sensing Transcription Factor YchJ Regulates the RssB-RpoS Pathway to Protect Salmonella Against Oxidative Attack by Macrophages' 
_struct.pdbx_model_details           ? 
_struct.pdbx_formula_weight          ? 
_struct.pdbx_formula_weight_method   ? 
_struct.pdbx_model_type_details      ? 
_struct.pdbx_CASP_flag               N 
# 
_struct_keywords.entry_id        9VXG 
_struct_keywords.text            'DNA binding, DNA BINDING PROTEIN' 
_struct_keywords.pdbx_keywords   'DNA BINDING PROTEIN' 
# 
loop_
_struct_asym.id 
_struct_asym.pdbx_blank_PDB_chainid_flag 
_struct_asym.pdbx_modified 
_struct_asym.entity_id 
_struct_asym.details 
A N N 1 ? 
B N N 2 ? 
C N N 3 ? 
D N N 4 ? 
# 
loop_
_struct_ref.id 
_struct_ref.db_name 
_struct_ref.db_code 
_struct_ref.pdbx_db_accession 
_struct_ref.pdbx_db_isoform 
_struct_ref.entity_id 
_struct_ref.pdbx_seq_one_letter_code 
_struct_ref.pdbx_align_begin 
1 UNP YCHJ_SALTY Q8ZP43 ? 1 
;MSQPCPCGSADEYSLCCGRIVSGERVAPDPSHLMRSRYCAFVMKDADYLIKSWHPTCNAAAFRDDIIAGFANTRWLGLTI
FEHTWSEAENTGYVSFIARFSEQGKNGAIIERSRFIKENGQWYYIDGTRP
;
1   
2 UNP YCHJ_SALTY Q8ZP43 ? 2 GRNDPCPCGSGKKFKK 133 
# 
loop_
_struct_ref_seq.align_id 
_struct_ref_seq.ref_id 
_struct_ref_seq.pdbx_PDB_id_code 
_struct_ref_seq.pdbx_strand_id 
_struct_ref_seq.seq_align_beg 
_struct_ref_seq.pdbx_seq_align_beg_ins_code 
_struct_ref_seq.seq_align_end 
_struct_ref_seq.pdbx_seq_align_end_ins_code 
_struct_ref_seq.pdbx_db_accession 
_struct_ref_seq.db_align_beg 
_struct_ref_seq.pdbx_db_align_beg_ins_code 
_struct_ref_seq.db_align_end 
_struct_ref_seq.pdbx_db_align_end_ins_code 
_struct_ref_seq.pdbx_auth_seq_align_beg 
_struct_ref_seq.pdbx_auth_seq_align_end 
1 1 9VXG A 2 ? 131 ? Q8ZP43 1   ? 130 ? 1   130 
2 2 9VXG B 1 ? 16  ? Q8ZP43 133 ? 148 ? 133 148 
# 
_struct_ref_seq_dif.align_id                     1 
_struct_ref_seq_dif.pdbx_pdb_id_code             9VXG 
_struct_ref_seq_dif.mon_id                       LYS 
_struct_ref_seq_dif.pdbx_pdb_strand_id           A 
_struct_ref_seq_dif.seq_num                      1 
_struct_ref_seq_dif.pdbx_pdb_ins_code            ? 
_struct_ref_seq_dif.pdbx_seq_db_name             UNP 
_struct_ref_seq_dif.pdbx_seq_db_accession_code   Q8ZP43 
_struct_ref_seq_dif.db_mon_id                    ? 
_struct_ref_seq_dif.pdbx_seq_db_seq_num          ? 
_struct_ref_seq_dif.details                      'expression tag' 
_struct_ref_seq_dif.pdbx_auth_seq_num            0 
_struct_ref_seq_dif.pdbx_ordinal                 1 
# 
_pdbx_struct_assembly.id                   1 
_pdbx_struct_assembly.details              author_defined_assembly 
_pdbx_struct_assembly.method_details       ? 
_pdbx_struct_assembly.oligomeric_details   dimeric 
_pdbx_struct_assembly.oligomeric_count     2 
# 
_pdbx_struct_assembly_gen.assembly_id       1 
_pdbx_struct_assembly_gen.oper_expression   1 
_pdbx_struct_assembly_gen.asym_id_list      A,B,C,D 
# 
_pdbx_struct_assembly_auth_evidence.id                     1 
_pdbx_struct_assembly_auth_evidence.assembly_id            1 
_pdbx_struct_assembly_auth_evidence.experimental_support   none 
_pdbx_struct_assembly_auth_evidence.details                ? 
# 
_pdbx_struct_oper_list.id                   1 
_pdbx_struct_oper_list.type                 'identity operation' 
_pdbx_struct_oper_list.name                 1_555 
_pdbx_struct_oper_list.symmetry_operation   x,y,z 
_pdbx_struct_oper_list.matrix[1][1]         1.0000000000 
_pdbx_struct_oper_list.matrix[1][2]         0.0000000000 
_pdbx_struct_oper_list.matrix[1][3]         0.0000000000 
_pdbx_struct_oper_list.vector[1]            0.0000000000 
_pdbx_struct_oper_list.matrix[2][1]         0.0000000000 
_pdbx_struct_oper_list.matrix[2][2]         1.0000000000 
_pdbx_struct_oper_list.matrix[2][3]         0.0000000000 
_pdbx_struct_oper_list.vector[2]            0.0000000000 
_pdbx_struct_oper_list.matrix[3][1]         0.0000000000 
_pdbx_struct_oper_list.matrix[3][2]         0.0000000000 
_pdbx_struct_oper_list.matrix[3][3]         1.0000000000 
_pdbx_struct_oper_list.vector[3]            0.0000000000 
# 
loop_
_struct_conf.conf_type_id 
_struct_conf.id 
_struct_conf.pdbx_PDB_helix_id 
_struct_conf.beg_label_comp_id 
_struct_conf.beg_label_asym_id 
_struct_conf.beg_label_seq_id 
_struct_conf.pdbx_beg_PDB_ins_code 
_struct_conf.end_label_comp_id 
_struct_conf.end_label_asym_id 
_struct_conf.end_label_seq_id 
_struct_conf.pdbx_end_PDB_ins_code 
_struct_conf.beg_auth_comp_id 
_struct_conf.beg_auth_asym_id 
_struct_conf.beg_auth_seq_id 
_struct_conf.end_auth_comp_id 
_struct_conf.end_auth_asym_id 
_struct_conf.end_auth_seq_id 
_struct_conf.pdbx_PDB_helix_class 
_struct_conf.details 
_struct_conf.pdbx_PDB_helix_length 
HELX_P HELX_P1 AA1 GLU A 13 ? CYS A 17 ? GLU A 12 CYS A 16 5 ? 5  
HELX_P HELX_P2 AA2 CYS A 18 ? SER A 23 ? CYS A 17 SER A 22 1 ? 6  
HELX_P HELX_P3 AA3 ASP A 30 ? MET A 44 ? ASP A 29 MET A 43 1 ? 15 
HELX_P HELX_P4 AA4 ALA A 47 ? SER A 53 ? ALA A 46 SER A 52 1 ? 7  
HELX_P HELX_P5 AA5 HIS A 55 ? ALA A 62 ? HIS A 54 ALA A 61 5 ? 8  
HELX_P HELX_P6 AA6 PHE A 63 ? ALA A 72 ? PHE A 62 ALA A 71 1 ? 10 
# 
_struct_conf_type.id          HELX_P 
_struct_conf_type.criteria    ? 
_struct_conf_type.reference   ? 
# 
loop_
_struct_conn.id 
_struct_conn.conn_type_id 
_struct_conn.pdbx_leaving_atom_flag 
_struct_conn.pdbx_PDB_id 
_struct_conn.ptnr1_label_asym_id 
_struct_conn.ptnr1_label_comp_id 
_struct_conn.ptnr1_label_seq_id 
_struct_conn.ptnr1_label_atom_id 
_struct_conn.pdbx_ptnr1_label_alt_id 
_struct_conn.pdbx_ptnr1_PDB_ins_code 
_struct_conn.pdbx_ptnr1_standard_comp_id 
_struct_conn.ptnr1_symmetry 
_struct_conn.ptnr2_label_asym_id 
_struct_conn.ptnr2_label_comp_id 
_struct_conn.ptnr2_label_seq_id 
_struct_conn.ptnr2_label_atom_id 
_struct_conn.pdbx_ptnr2_label_alt_id 
_struct_conn.pdbx_ptnr2_PDB_ins_code 
_struct_conn.ptnr1_auth_asym_id 
_struct_conn.ptnr1_auth_comp_id 
_struct_conn.ptnr1_auth_seq_id 
_struct_conn.ptnr2_auth_asym_id 
_struct_conn.ptnr2_auth_comp_id 
_struct_conn.ptnr2_auth_seq_id 
_struct_conn.ptnr2_symmetry 
_struct_conn.pdbx_ptnr3_label_atom_id 
_struct_conn.pdbx_ptnr3_label_seq_id 
_struct_conn.pdbx_ptnr3_label_comp_id 
_struct_conn.pdbx_ptnr3_label_asym_id 
_struct_conn.pdbx_ptnr3_label_alt_id 
_struct_conn.pdbx_ptnr3_PDB_ins_code 
_struct_conn.details 
_struct_conn.pdbx_dist_value 
_struct_conn.pdbx_value_order 
_struct_conn.pdbx_role 
disulf1 disulf ? ? B CYS 6  SG ? ? ? 1_555 B CYS 8 SG ? ? B CYS 138 B CYS 140 1_555 ? ? ? ? ? ? ? 2.047 ? ? 
metalc1 metalc ? ? A CYS 6  SG ? ? ? 1_555 C ZN  . ZN ? ? A CYS 5   A ZN  201 1_555 ? ? ? ? ? ? ? 2.282 ? ? 
metalc2 metalc ? ? A CYS 8  SG ? ? ? 1_555 C ZN  . ZN ? ? A CYS 7   A ZN  201 1_555 ? ? ? ? ? ? ? 1.968 ? ? 
metalc3 metalc ? ? A CYS 17 SG ? ? ? 1_555 C ZN  . ZN ? ? A CYS 16  A ZN  201 1_555 ? ? ? ? ? ? ? 2.218 ? ? 
# 
loop_
_struct_conn_type.id 
_struct_conn_type.criteria 
_struct_conn_type.reference 
disulf ? ? 
metalc ? ? 
# 
loop_
_pdbx_struct_conn_angle.id 
_pdbx_struct_conn_angle.ptnr1_label_atom_id 
_pdbx_struct_conn_angle.ptnr1_label_alt_id 
_pdbx_struct_conn_angle.ptnr1_label_asym_id 
_pdbx_struct_conn_angle.ptnr1_label_comp_id 
_pdbx_struct_conn_angle.ptnr1_label_seq_id 
_pdbx_struct_conn_angle.ptnr1_auth_atom_id 
_pdbx_struct_conn_angle.ptnr1_auth_asym_id 
_pdbx_struct_conn_angle.ptnr1_auth_comp_id 
_pdbx_struct_conn_angle.ptnr1_auth_seq_id 
_pdbx_struct_conn_angle.ptnr1_PDB_ins_code 
_pdbx_struct_conn_angle.ptnr1_symmetry 
_pdbx_struct_conn_angle.ptnr2_label_atom_id 
_pdbx_struct_conn_angle.ptnr2_label_alt_id 
_pdbx_struct_conn_angle.ptnr2_label_asym_id 
_pdbx_struct_conn_angle.ptnr2_label_comp_id 
_pdbx_struct_conn_angle.ptnr2_label_seq_id 
_pdbx_struct_conn_angle.ptnr2_auth_atom_id 
_pdbx_struct_conn_angle.ptnr2_auth_asym_id 
_pdbx_struct_conn_angle.ptnr2_auth_comp_id 
_pdbx_struct_conn_angle.ptnr2_auth_seq_id 
_pdbx_struct_conn_angle.ptnr2_PDB_ins_code 
_pdbx_struct_conn_angle.ptnr2_symmetry 
_pdbx_struct_conn_angle.ptnr3_label_atom_id 
_pdbx_struct_conn_angle.ptnr3_label_alt_id 
_pdbx_struct_conn_angle.ptnr3_label_asym_id 
_pdbx_struct_conn_angle.ptnr3_label_comp_id 
_pdbx_struct_conn_angle.ptnr3_label_seq_id 
_pdbx_struct_conn_angle.ptnr3_auth_atom_id 
_pdbx_struct_conn_angle.ptnr3_auth_asym_id 
_pdbx_struct_conn_angle.ptnr3_auth_comp_id 
_pdbx_struct_conn_angle.ptnr3_auth_seq_id 
_pdbx_struct_conn_angle.ptnr3_PDB_ins_code 
_pdbx_struct_conn_angle.ptnr3_symmetry 
_pdbx_struct_conn_angle.value 
_pdbx_struct_conn_angle.value_esd 
1 SG ? A CYS 6 ? A CYS 5 ? 1_555 ZN ? C ZN . ? A ZN 201 ? 1_555 SG ? A CYS 8  ? A CYS 7  ? 1_555 104.0 ? 
2 SG ? A CYS 6 ? A CYS 5 ? 1_555 ZN ? C ZN . ? A ZN 201 ? 1_555 SG ? A CYS 17 ? A CYS 16 ? 1_555 109.2 ? 
3 SG ? A CYS 8 ? A CYS 7 ? 1_555 ZN ? C ZN . ? A ZN 201 ? 1_555 SG ? A CYS 17 ? A CYS 16 ? 1_555 102.8 ? 
# 
_pdbx_modification_feature.ordinal                            1 
_pdbx_modification_feature.label_comp_id                      CYS 
_pdbx_modification_feature.label_asym_id                      B 
_pdbx_modification_feature.label_seq_id                       6 
_pdbx_modification_feature.label_alt_id                       ? 
_pdbx_modification_feature.modified_residue_label_comp_id     CYS 
_pdbx_modification_feature.modified_residue_label_asym_id     B 
_pdbx_modification_feature.modified_residue_label_seq_id      8 
_pdbx_modification_feature.modified_residue_label_alt_id      ? 
_pdbx_modification_feature.auth_comp_id                       CYS 
_pdbx_modification_feature.auth_asym_id                       B 
_pdbx_modification_feature.auth_seq_id                        138 
_pdbx_modification_feature.PDB_ins_code                       ? 
_pdbx_modification_feature.symmetry                           1_555 
_pdbx_modification_feature.modified_residue_auth_comp_id      CYS 
_pdbx_modification_feature.modified_residue_auth_asym_id      B 
_pdbx_modification_feature.modified_residue_auth_seq_id       140 
_pdbx_modification_feature.modified_residue_PDB_ins_code      ? 
_pdbx_modification_feature.modified_residue_symmetry          1_555 
_pdbx_modification_feature.comp_id_linking_atom               SG 
_pdbx_modification_feature.modified_residue_id_linking_atom   SG 
_pdbx_modification_feature.modified_residue_id                . 
_pdbx_modification_feature.ref_pcm_id                         . 
_pdbx_modification_feature.ref_comp_id                        . 
_pdbx_modification_feature.type                               None 
_pdbx_modification_feature.category                           'Disulfide bridge' 
# 
_struct_sheet.id               AA1 
_struct_sheet.type             ? 
_struct_sheet.number_strands   4 
_struct_sheet.details          ? 
# 
loop_
_struct_sheet_order.sheet_id 
_struct_sheet_order.range_id_1 
_struct_sheet_order.range_id_2 
_struct_sheet_order.offset 
_struct_sheet_order.sense 
AA1 1 2 ? anti-parallel 
AA1 2 3 ? anti-parallel 
AA1 3 4 ? anti-parallel 
# 
loop_
_struct_sheet_range.sheet_id 
_struct_sheet_range.id 
_struct_sheet_range.beg_label_comp_id 
_struct_sheet_range.beg_label_asym_id 
_struct_sheet_range.beg_label_seq_id 
_struct_sheet_range.pdbx_beg_PDB_ins_code 
_struct_sheet_range.end_label_comp_id 
_struct_sheet_range.end_label_asym_id 
_struct_sheet_range.end_label_seq_id 
_struct_sheet_range.pdbx_end_PDB_ins_code 
_struct_sheet_range.beg_auth_comp_id 
_struct_sheet_range.beg_auth_asym_id 
_struct_sheet_range.beg_auth_seq_id 
_struct_sheet_range.end_auth_comp_id 
_struct_sheet_range.end_auth_asym_id 
_struct_sheet_range.end_auth_seq_id 
AA1 1 ARG A 75  ? SER A 87  ? ARG A 74  SER A 86  
AA1 2 THR A 92  ? GLU A 103 ? THR A 91  GLU A 102 
AA1 3 LYS A 106 ? GLU A 119 ? LYS A 105 GLU A 118 
AA1 4 GLN A 122 ? THR A 129 ? GLN A 121 THR A 128 
# 
loop_
_pdbx_struct_sheet_hbond.sheet_id 
_pdbx_struct_sheet_hbond.range_id_1 
_pdbx_struct_sheet_hbond.range_id_2 
_pdbx_struct_sheet_hbond.range_1_label_atom_id 
_pdbx_struct_sheet_hbond.range_1_label_comp_id 
_pdbx_struct_sheet_hbond.range_1_label_asym_id 
_pdbx_struct_sheet_hbond.range_1_label_seq_id 
_pdbx_struct_sheet_hbond.range_1_PDB_ins_code 
_pdbx_struct_sheet_hbond.range_1_auth_atom_id 
_pdbx_struct_sheet_hbond.range_1_auth_comp_id 
_pdbx_struct_sheet_hbond.range_1_auth_asym_id 
_pdbx_struct_sheet_hbond.range_1_auth_seq_id 
_pdbx_struct_sheet_hbond.range_2_label_atom_id 
_pdbx_struct_sheet_hbond.range_2_label_comp_id 
_pdbx_struct_sheet_hbond.range_2_label_asym_id 
_pdbx_struct_sheet_hbond.range_2_label_seq_id 
_pdbx_struct_sheet_hbond.range_2_PDB_ins_code 
_pdbx_struct_sheet_hbond.range_2_auth_atom_id 
_pdbx_struct_sheet_hbond.range_2_auth_comp_id 
_pdbx_struct_sheet_hbond.range_2_auth_asym_id 
_pdbx_struct_sheet_hbond.range_2_auth_seq_id 
AA1 1 2 N THR A 85  ? N THR A 84  O TYR A 94  ? O TYR A 93  
AA1 2 3 N GLU A 103 ? N GLU A 102 O LYS A 106 ? O LYS A 105 
AA1 3 4 N ARG A 115 ? N ARG A 114 O ASP A 127 ? O ASP A 126 
# 
_pdbx_entry_details.entry_id                   9VXG 
_pdbx_entry_details.nonpolymer_details         ? 
_pdbx_entry_details.sequence_details           ? 
_pdbx_entry_details.compound_details           ? 
_pdbx_entry_details.source_details             ? 
_pdbx_entry_details.has_ligand_of_interest     N 
_pdbx_entry_details.has_protein_modification   Y 
# 
_pdbx_validate_close_contact.id               1 
_pdbx_validate_close_contact.PDB_model_num    1 
_pdbx_validate_close_contact.auth_atom_id_1   SG 
_pdbx_validate_close_contact.auth_asym_id_1   A 
_pdbx_validate_close_contact.auth_comp_id_1   CYS 
_pdbx_validate_close_contact.auth_seq_id_1    17 
_pdbx_validate_close_contact.PDB_ins_code_1   ? 
_pdbx_validate_close_contact.label_alt_id_1   ? 
_pdbx_validate_close_contact.auth_atom_id_2   ZN 
_pdbx_validate_close_contact.auth_asym_id_2   A 
_pdbx_validate_close_contact.auth_comp_id_2   ZN 
_pdbx_validate_close_contact.auth_seq_id_2    201 
_pdbx_validate_close_contact.PDB_ins_code_2   ? 
_pdbx_validate_close_contact.label_alt_id_2   ? 
_pdbx_validate_close_contact.dist             1.63 
# 
loop_
_pdbx_validate_torsion.id 
_pdbx_validate_torsion.PDB_model_num 
_pdbx_validate_torsion.auth_comp_id 
_pdbx_validate_torsion.auth_asym_id 
_pdbx_validate_torsion.auth_seq_id 
_pdbx_validate_torsion.PDB_ins_code 
_pdbx_validate_torsion.label_alt_id 
_pdbx_validate_torsion.phi 
_pdbx_validate_torsion.psi 
1 1 CYS A 16  ? ? -119.50 -105.58 
2 1 ALA A 46  ? ? 75.44   -46.00  
3 1 ILE A 125 ? ? -139.74 -52.05  
4 1 PRO B 137 ? ? -44.30  98.63   
5 1 CYS B 138 ? ? -38.13  112.78  
6 1 PRO B 139 ? ? -58.29  -9.78   
7 1 LYS B 144 ? ? -135.92 -92.67  
# 
loop_
_chem_comp_atom.comp_id 
_chem_comp_atom.atom_id 
_chem_comp_atom.type_symbol 
_chem_comp_atom.pdbx_aromatic_flag 
_chem_comp_atom.pdbx_stereo_config 
_chem_comp_atom.pdbx_ordinal 
ALA N    N  N N 1   
ALA CA   C  N S 2   
ALA C    C  N N 3   
ALA O    O  N N 4   
ALA CB   C  N N 5   
ALA OXT  O  N N 6   
ALA H    H  N N 7   
ALA H2   H  N N 8   
ALA HA   H  N N 9   
ALA HB1  H  N N 10  
ALA HB2  H  N N 11  
ALA HB3  H  N N 12  
ALA HXT  H  N N 13  
ARG N    N  N N 14  
ARG CA   C  N S 15  
ARG C    C  N N 16  
ARG O    O  N N 17  
ARG CB   C  N N 18  
ARG CG   C  N N 19  
ARG CD   C  N N 20  
ARG NE   N  N N 21  
ARG CZ   C  N N 22  
ARG NH1  N  N N 23  
ARG NH2  N  N N 24  
ARG OXT  O  N N 25  
ARG H    H  N N 26  
ARG H2   H  N N 27  
ARG HA   H  N N 28  
ARG HB2  H  N N 29  
ARG HB3  H  N N 30  
ARG HG2  H  N N 31  
ARG HG3  H  N N 32  
ARG HD2  H  N N 33  
ARG HD3  H  N N 34  
ARG HE   H  N N 35  
ARG HH11 H  N N 36  
ARG HH12 H  N N 37  
ARG HH21 H  N N 38  
ARG HH22 H  N N 39  
ARG HXT  H  N N 40  
ASN N    N  N N 41  
ASN CA   C  N S 42  
ASN C    C  N N 43  
ASN O    O  N N 44  
ASN CB   C  N N 45  
ASN CG   C  N N 46  
ASN OD1  O  N N 47  
ASN ND2  N  N N 48  
ASN OXT  O  N N 49  
ASN H    H  N N 50  
ASN H2   H  N N 51  
ASN HA   H  N N 52  
ASN HB2  H  N N 53  
ASN HB3  H  N N 54  
ASN HD21 H  N N 55  
ASN HD22 H  N N 56  
ASN HXT  H  N N 57  
ASP N    N  N N 58  
ASP CA   C  N S 59  
ASP C    C  N N 60  
ASP O    O  N N 61  
ASP CB   C  N N 62  
ASP CG   C  N N 63  
ASP OD1  O  N N 64  
ASP OD2  O  N N 65  
ASP OXT  O  N N 66  
ASP H    H  N N 67  
ASP H2   H  N N 68  
ASP HA   H  N N 69  
ASP HB2  H  N N 70  
ASP HB3  H  N N 71  
ASP HD2  H  N N 72  
ASP HXT  H  N N 73  
CYS N    N  N N 74  
CYS CA   C  N R 75  
CYS C    C  N N 76  
CYS O    O  N N 77  
CYS CB   C  N N 78  
CYS SG   S  N N 79  
CYS OXT  O  N N 80  
CYS H    H  N N 81  
CYS H2   H  N N 82  
CYS HA   H  N N 83  
CYS HB2  H  N N 84  
CYS HB3  H  N N 85  
CYS HG   H  N N 86  
CYS HXT  H  N N 87  
GLN N    N  N N 88  
GLN CA   C  N S 89  
GLN C    C  N N 90  
GLN O    O  N N 91  
GLN CB   C  N N 92  
GLN CG   C  N N 93  
GLN CD   C  N N 94  
GLN OE1  O  N N 95  
GLN NE2  N  N N 96  
GLN OXT  O  N N 97  
GLN H    H  N N 98  
GLN H2   H  N N 99  
GLN HA   H  N N 100 
GLN HB2  H  N N 101 
GLN HB3  H  N N 102 
GLN HG2  H  N N 103 
GLN HG3  H  N N 104 
GLN HE21 H  N N 105 
GLN HE22 H  N N 106 
GLN HXT  H  N N 107 
GLU N    N  N N 108 
GLU CA   C  N S 109 
GLU C    C  N N 110 
GLU O    O  N N 111 
GLU CB   C  N N 112 
GLU CG   C  N N 113 
GLU CD   C  N N 114 
GLU OE1  O  N N 115 
GLU OE2  O  N N 116 
GLU OXT  O  N N 117 
GLU H    H  N N 118 
GLU H2   H  N N 119 
GLU HA   H  N N 120 
GLU HB2  H  N N 121 
GLU HB3  H  N N 122 
GLU HG2  H  N N 123 
GLU HG3  H  N N 124 
GLU HE2  H  N N 125 
GLU HXT  H  N N 126 
GLY N    N  N N 127 
GLY CA   C  N N 128 
GLY C    C  N N 129 
GLY O    O  N N 130 
GLY OXT  O  N N 131 
GLY H    H  N N 132 
GLY H2   H  N N 133 
GLY HA2  H  N N 134 
GLY HA3  H  N N 135 
GLY HXT  H  N N 136 
HIS N    N  N N 137 
HIS CA   C  N S 138 
HIS C    C  N N 139 
HIS O    O  N N 140 
HIS CB   C  N N 141 
HIS CG   C  Y N 142 
HIS ND1  N  Y N 143 
HIS CD2  C  Y N 144 
HIS CE1  C  Y N 145 
HIS NE2  N  Y N 146 
HIS OXT  O  N N 147 
HIS H    H  N N 148 
HIS H2   H  N N 149 
HIS HA   H  N N 150 
HIS HB2  H  N N 151 
HIS HB3  H  N N 152 
HIS HD1  H  N N 153 
HIS HD2  H  N N 154 
HIS HE1  H  N N 155 
HIS HE2  H  N N 156 
HIS HXT  H  N N 157 
HOH O    O  N N 158 
HOH H1   H  N N 159 
HOH H2   H  N N 160 
ILE N    N  N N 161 
ILE CA   C  N S 162 
ILE C    C  N N 163 
ILE O    O  N N 164 
ILE CB   C  N S 165 
ILE CG1  C  N N 166 
ILE CG2  C  N N 167 
ILE CD1  C  N N 168 
ILE OXT  O  N N 169 
ILE H    H  N N 170 
ILE H2   H  N N 171 
ILE HA   H  N N 172 
ILE HB   H  N N 173 
ILE HG12 H  N N 174 
ILE HG13 H  N N 175 
ILE HG21 H  N N 176 
ILE HG22 H  N N 177 
ILE HG23 H  N N 178 
ILE HD11 H  N N 179 
ILE HD12 H  N N 180 
ILE HD13 H  N N 181 
ILE HXT  H  N N 182 
LEU N    N  N N 183 
LEU CA   C  N S 184 
LEU C    C  N N 185 
LEU O    O  N N 186 
LEU CB   C  N N 187 
LEU CG   C  N N 188 
LEU CD1  C  N N 189 
LEU CD2  C  N N 190 
LEU OXT  O  N N 191 
LEU H    H  N N 192 
LEU H2   H  N N 193 
LEU HA   H  N N 194 
LEU HB2  H  N N 195 
LEU HB3  H  N N 196 
LEU HG   H  N N 197 
LEU HD11 H  N N 198 
LEU HD12 H  N N 199 
LEU HD13 H  N N 200 
LEU HD21 H  N N 201 
LEU HD22 H  N N 202 
LEU HD23 H  N N 203 
LEU HXT  H  N N 204 
LYS N    N  N N 205 
LYS CA   C  N S 206 
LYS C    C  N N 207 
LYS O    O  N N 208 
LYS CB   C  N N 209 
LYS CG   C  N N 210 
LYS CD   C  N N 211 
LYS CE   C  N N 212 
LYS NZ   N  N N 213 
LYS OXT  O  N N 214 
LYS H    H  N N 215 
LYS H2   H  N N 216 
LYS HA   H  N N 217 
LYS HB2  H  N N 218 
LYS HB3  H  N N 219 
LYS HG2  H  N N 220 
LYS HG3  H  N N 221 
LYS HD2  H  N N 222 
LYS HD3  H  N N 223 
LYS HE2  H  N N 224 
LYS HE3  H  N N 225 
LYS HZ1  H  N N 226 
LYS HZ2  H  N N 227 
LYS HZ3  H  N N 228 
LYS HXT  H  N N 229 
MET N    N  N N 230 
MET CA   C  N S 231 
MET C    C  N N 232 
MET O    O  N N 233 
MET CB   C  N N 234 
MET CG   C  N N 235 
MET SD   S  N N 236 
MET CE   C  N N 237 
MET OXT  O  N N 238 
MET H    H  N N 239 
MET H2   H  N N 240 
MET HA   H  N N 241 
MET HB2  H  N N 242 
MET HB3  H  N N 243 
MET HG2  H  N N 244 
MET HG3  H  N N 245 
MET HE1  H  N N 246 
MET HE2  H  N N 247 
MET HE3  H  N N 248 
MET HXT  H  N N 249 
PHE N    N  N N 250 
PHE CA   C  N S 251 
PHE C    C  N N 252 
PHE O    O  N N 253 
PHE CB   C  N N 254 
PHE CG   C  Y N 255 
PHE CD1  C  Y N 256 
PHE CD2  C  Y N 257 
PHE CE1  C  Y N 258 
PHE CE2  C  Y N 259 
PHE CZ   C  Y N 260 
PHE OXT  O  N N 261 
PHE H    H  N N 262 
PHE H2   H  N N 263 
PHE HA   H  N N 264 
PHE HB2  H  N N 265 
PHE HB3  H  N N 266 
PHE HD1  H  N N 267 
PHE HD2  H  N N 268 
PHE HE1  H  N N 269 
PHE HE2  H  N N 270 
PHE HZ   H  N N 271 
PHE HXT  H  N N 272 
PRO N    N  N N 273 
PRO CA   C  N S 274 
PRO C    C  N N 275 
PRO O    O  N N 276 
PRO CB   C  N N 277 
PRO CG   C  N N 278 
PRO CD   C  N N 279 
PRO OXT  O  N N 280 
PRO H    H  N N 281 
PRO HA   H  N N 282 
PRO HB2  H  N N 283 
PRO HB3  H  N N 284 
PRO HG2  H  N N 285 
PRO HG3  H  N N 286 
PRO HD2  H  N N 287 
PRO HD3  H  N N 288 
PRO HXT  H  N N 289 
SER N    N  N N 290 
SER CA   C  N S 291 
SER C    C  N N 292 
SER O    O  N N 293 
SER CB   C  N N 294 
SER OG   O  N N 295 
SER OXT  O  N N 296 
SER H    H  N N 297 
SER H2   H  N N 298 
SER HA   H  N N 299 
SER HB2  H  N N 300 
SER HB3  H  N N 301 
SER HG   H  N N 302 
SER HXT  H  N N 303 
THR N    N  N N 304 
THR CA   C  N S 305 
THR C    C  N N 306 
THR O    O  N N 307 
THR CB   C  N R 308 
THR OG1  O  N N 309 
THR CG2  C  N N 310 
THR OXT  O  N N 311 
THR H    H  N N 312 
THR H2   H  N N 313 
THR HA   H  N N 314 
THR HB   H  N N 315 
THR HG1  H  N N 316 
THR HG21 H  N N 317 
THR HG22 H  N N 318 
THR HG23 H  N N 319 
THR HXT  H  N N 320 
TRP N    N  N N 321 
TRP CA   C  N S 322 
TRP C    C  N N 323 
TRP O    O  N N 324 
TRP CB   C  N N 325 
TRP CG   C  Y N 326 
TRP CD1  C  Y N 327 
TRP CD2  C  Y N 328 
TRP NE1  N  Y N 329 
TRP CE2  C  Y N 330 
TRP CE3  C  Y N 331 
TRP CZ2  C  Y N 332 
TRP CZ3  C  Y N 333 
TRP CH2  C  Y N 334 
TRP OXT  O  N N 335 
TRP H    H  N N 336 
TRP H2   H  N N 337 
TRP HA   H  N N 338 
TRP HB2  H  N N 339 
TRP HB3  H  N N 340 
TRP HD1  H  N N 341 
TRP HE1  H  N N 342 
TRP HE3  H  N N 343 
TRP HZ2  H  N N 344 
TRP HZ3  H  N N 345 
TRP HH2  H  N N 346 
TRP HXT  H  N N 347 
TYR N    N  N N 348 
TYR CA   C  N S 349 
TYR C    C  N N 350 
TYR O    O  N N 351 
TYR CB   C  N N 352 
TYR CG   C  Y N 353 
TYR CD1  C  Y N 354 
TYR CD2  C  Y N 355 
TYR CE1  C  Y N 356 
TYR CE2  C  Y N 357 
TYR CZ   C  Y N 358 
TYR OH   O  N N 359 
TYR OXT  O  N N 360 
TYR H    H  N N 361 
TYR H2   H  N N 362 
TYR HA   H  N N 363 
TYR HB2  H  N N 364 
TYR HB3  H  N N 365 
TYR HD1  H  N N 366 
TYR HD2  H  N N 367 
TYR HE1  H  N N 368 
TYR HE2  H  N N 369 
TYR HH   H  N N 370 
TYR HXT  H  N N 371 
VAL N    N  N N 372 
VAL CA   C  N S 373 
VAL C    C  N N 374 
VAL O    O  N N 375 
VAL CB   C  N N 376 
VAL CG1  C  N N 377 
VAL CG2  C  N N 378 
VAL OXT  O  N N 379 
VAL H    H  N N 380 
VAL H2   H  N N 381 
VAL HA   H  N N 382 
VAL HB   H  N N 383 
VAL HG11 H  N N 384 
VAL HG12 H  N N 385 
VAL HG13 H  N N 386 
VAL HG21 H  N N 387 
VAL HG22 H  N N 388 
VAL HG23 H  N N 389 
VAL HXT  H  N N 390 
ZN  ZN   ZN N N 391 
# 
loop_
_chem_comp_bond.comp_id 
_chem_comp_bond.atom_id_1 
_chem_comp_bond.atom_id_2 
_chem_comp_bond.value_order 
_chem_comp_bond.pdbx_aromatic_flag 
_chem_comp_bond.pdbx_stereo_config 
_chem_comp_bond.pdbx_ordinal 
ALA N   CA   sing N N 1   
ALA N   H    sing N N 2   
ALA N   H2   sing N N 3   
ALA CA  C    sing N N 4   
ALA CA  CB   sing N N 5   
ALA CA  HA   sing N N 6   
ALA C   O    doub N N 7   
ALA C   OXT  sing N N 8   
ALA CB  HB1  sing N N 9   
ALA CB  HB2  sing N N 10  
ALA CB  HB3  sing N N 11  
ALA OXT HXT  sing N N 12  
ARG N   CA   sing N N 13  
ARG N   H    sing N N 14  
ARG N   H2   sing N N 15  
ARG CA  C    sing N N 16  
ARG CA  CB   sing N N 17  
ARG CA  HA   sing N N 18  
ARG C   O    doub N N 19  
ARG C   OXT  sing N N 20  
ARG CB  CG   sing N N 21  
ARG CB  HB2  sing N N 22  
ARG CB  HB3  sing N N 23  
ARG CG  CD   sing N N 24  
ARG CG  HG2  sing N N 25  
ARG CG  HG3  sing N N 26  
ARG CD  NE   sing N N 27  
ARG CD  HD2  sing N N 28  
ARG CD  HD3  sing N N 29  
ARG NE  CZ   sing N N 30  
ARG NE  HE   sing N N 31  
ARG CZ  NH1  sing N N 32  
ARG CZ  NH2  doub N N 33  
ARG NH1 HH11 sing N N 34  
ARG NH1 HH12 sing N N 35  
ARG NH2 HH21 sing N N 36  
ARG NH2 HH22 sing N N 37  
ARG OXT HXT  sing N N 38  
ASN N   CA   sing N N 39  
ASN N   H    sing N N 40  
ASN N   H2   sing N N 41  
ASN CA  C    sing N N 42  
ASN CA  CB   sing N N 43  
ASN CA  HA   sing N N 44  
ASN C   O    doub N N 45  
ASN C   OXT  sing N N 46  
ASN CB  CG   sing N N 47  
ASN CB  HB2  sing N N 48  
ASN CB  HB3  sing N N 49  
ASN CG  OD1  doub N N 50  
ASN CG  ND2  sing N N 51  
ASN ND2 HD21 sing N N 52  
ASN ND2 HD22 sing N N 53  
ASN OXT HXT  sing N N 54  
ASP N   CA   sing N N 55  
ASP N   H    sing N N 56  
ASP N   H2   sing N N 57  
ASP CA  C    sing N N 58  
ASP CA  CB   sing N N 59  
ASP CA  HA   sing N N 60  
ASP C   O    doub N N 61  
ASP C   OXT  sing N N 62  
ASP CB  CG   sing N N 63  
ASP CB  HB2  sing N N 64  
ASP CB  HB3  sing N N 65  
ASP CG  OD1  doub N N 66  
ASP CG  OD2  sing N N 67  
ASP OD2 HD2  sing N N 68  
ASP OXT HXT  sing N N 69  
CYS N   CA   sing N N 70  
CYS N   H    sing N N 71  
CYS N   H2   sing N N 72  
CYS CA  C    sing N N 73  
CYS CA  CB   sing N N 74  
CYS CA  HA   sing N N 75  
CYS C   O    doub N N 76  
CYS C   OXT  sing N N 77  
CYS CB  SG   sing N N 78  
CYS CB  HB2  sing N N 79  
CYS CB  HB3  sing N N 80  
CYS SG  HG   sing N N 81  
CYS OXT HXT  sing N N 82  
GLN N   CA   sing N N 83  
GLN N   H    sing N N 84  
GLN N   H2   sing N N 85  
GLN CA  C    sing N N 86  
GLN CA  CB   sing N N 87  
GLN CA  HA   sing N N 88  
GLN C   O    doub N N 89  
GLN C   OXT  sing N N 90  
GLN CB  CG   sing N N 91  
GLN CB  HB2  sing N N 92  
GLN CB  HB3  sing N N 93  
GLN CG  CD   sing N N 94  
GLN CG  HG2  sing N N 95  
GLN CG  HG3  sing N N 96  
GLN CD  OE1  doub N N 97  
GLN CD  NE2  sing N N 98  
GLN NE2 HE21 sing N N 99  
GLN NE2 HE22 sing N N 100 
GLN OXT HXT  sing N N 101 
GLU N   CA   sing N N 102 
GLU N   H    sing N N 103 
GLU N   H2   sing N N 104 
GLU CA  C    sing N N 105 
GLU CA  CB   sing N N 106 
GLU CA  HA   sing N N 107 
GLU C   O    doub N N 108 
GLU C   OXT  sing N N 109 
GLU CB  CG   sing N N 110 
GLU CB  HB2  sing N N 111 
GLU CB  HB3  sing N N 112 
GLU CG  CD   sing N N 113 
GLU CG  HG2  sing N N 114 
GLU CG  HG3  sing N N 115 
GLU CD  OE1  doub N N 116 
GLU CD  OE2  sing N N 117 
GLU OE2 HE2  sing N N 118 
GLU OXT HXT  sing N N 119 
GLY N   CA   sing N N 120 
GLY N   H    sing N N 121 
GLY N   H2   sing N N 122 
GLY CA  C    sing N N 123 
GLY CA  HA2  sing N N 124 
GLY CA  HA3  sing N N 125 
GLY C   O    doub N N 126 
GLY C   OXT  sing N N 127 
GLY OXT HXT  sing N N 128 
HIS N   CA   sing N N 129 
HIS N   H    sing N N 130 
HIS N   H2   sing N N 131 
HIS CA  C    sing N N 132 
HIS CA  CB   sing N N 133 
HIS CA  HA   sing N N 134 
HIS C   O    doub N N 135 
HIS C   OXT  sing N N 136 
HIS CB  CG   sing N N 137 
HIS CB  HB2  sing N N 138 
HIS CB  HB3  sing N N 139 
HIS CG  ND1  sing Y N 140 
HIS CG  CD2  doub Y N 141 
HIS ND1 CE1  doub Y N 142 
HIS ND1 HD1  sing N N 143 
HIS CD2 NE2  sing Y N 144 
HIS CD2 HD2  sing N N 145 
HIS CE1 NE2  sing Y N 146 
HIS CE1 HE1  sing N N 147 
HIS NE2 HE2  sing N N 148 
HIS OXT HXT  sing N N 149 
HOH O   H1   sing N N 150 
HOH O   H2   sing N N 151 
ILE N   CA   sing N N 152 
ILE N   H    sing N N 153 
ILE N   H2   sing N N 154 
ILE CA  C    sing N N 155 
ILE CA  CB   sing N N 156 
ILE CA  HA   sing N N 157 
ILE C   O    doub N N 158 
ILE C   OXT  sing N N 159 
ILE CB  CG1  sing N N 160 
ILE CB  CG2  sing N N 161 
ILE CB  HB   sing N N 162 
ILE CG1 CD1  sing N N 163 
ILE CG1 HG12 sing N N 164 
ILE CG1 HG13 sing N N 165 
ILE CG2 HG21 sing N N 166 
ILE CG2 HG22 sing N N 167 
ILE CG2 HG23 sing N N 168 
ILE CD1 HD11 sing N N 169 
ILE CD1 HD12 sing N N 170 
ILE CD1 HD13 sing N N 171 
ILE OXT HXT  sing N N 172 
LEU N   CA   sing N N 173 
LEU N   H    sing N N 174 
LEU N   H2   sing N N 175 
LEU CA  C    sing N N 176 
LEU CA  CB   sing N N 177 
LEU CA  HA   sing N N 178 
LEU C   O    doub N N 179 
LEU C   OXT  sing N N 180 
LEU CB  CG   sing N N 181 
LEU CB  HB2  sing N N 182 
LEU CB  HB3  sing N N 183 
LEU CG  CD1  sing N N 184 
LEU CG  CD2  sing N N 185 
LEU CG  HG   sing N N 186 
LEU CD1 HD11 sing N N 187 
LEU CD1 HD12 sing N N 188 
LEU CD1 HD13 sing N N 189 
LEU CD2 HD21 sing N N 190 
LEU CD2 HD22 sing N N 191 
LEU CD2 HD23 sing N N 192 
LEU OXT HXT  sing N N 193 
LYS N   CA   sing N N 194 
LYS N   H    sing N N 195 
LYS N   H2   sing N N 196 
LYS CA  C    sing N N 197 
LYS CA  CB   sing N N 198 
LYS CA  HA   sing N N 199 
LYS C   O    doub N N 200 
LYS C   OXT  sing N N 201 
LYS CB  CG   sing N N 202 
LYS CB  HB2  sing N N 203 
LYS CB  HB3  sing N N 204 
LYS CG  CD   sing N N 205 
LYS CG  HG2  sing N N 206 
LYS CG  HG3  sing N N 207 
LYS CD  CE   sing N N 208 
LYS CD  HD2  sing N N 209 
LYS CD  HD3  sing N N 210 
LYS CE  NZ   sing N N 211 
LYS CE  HE2  sing N N 212 
LYS CE  HE3  sing N N 213 
LYS NZ  HZ1  sing N N 214 
LYS NZ  HZ2  sing N N 215 
LYS NZ  HZ3  sing N N 216 
LYS OXT HXT  sing N N 217 
MET N   CA   sing N N 218 
MET N   H    sing N N 219 
MET N   H2   sing N N 220 
MET CA  C    sing N N 221 
MET CA  CB   sing N N 222 
MET CA  HA   sing N N 223 
MET C   O    doub N N 224 
MET C   OXT  sing N N 225 
MET CB  CG   sing N N 226 
MET CB  HB2  sing N N 227 
MET CB  HB3  sing N N 228 
MET CG  SD   sing N N 229 
MET CG  HG2  sing N N 230 
MET CG  HG3  sing N N 231 
MET SD  CE   sing N N 232 
MET CE  HE1  sing N N 233 
MET CE  HE2  sing N N 234 
MET CE  HE3  sing N N 235 
MET OXT HXT  sing N N 236 
PHE N   CA   sing N N 237 
PHE N   H    sing N N 238 
PHE N   H2   sing N N 239 
PHE CA  C    sing N N 240 
PHE CA  CB   sing N N 241 
PHE CA  HA   sing N N 242 
PHE C   O    doub N N 243 
PHE C   OXT  sing N N 244 
PHE CB  CG   sing N N 245 
PHE CB  HB2  sing N N 246 
PHE CB  HB3  sing N N 247 
PHE CG  CD1  doub Y N 248 
PHE CG  CD2  sing Y N 249 
PHE CD1 CE1  sing Y N 250 
PHE CD1 HD1  sing N N 251 
PHE CD2 CE2  doub Y N 252 
PHE CD2 HD2  sing N N 253 
PHE CE1 CZ   doub Y N 254 
PHE CE1 HE1  sing N N 255 
PHE CE2 CZ   sing Y N 256 
PHE CE2 HE2  sing N N 257 
PHE CZ  HZ   sing N N 258 
PHE OXT HXT  sing N N 259 
PRO N   CA   sing N N 260 
PRO N   CD   sing N N 261 
PRO N   H    sing N N 262 
PRO CA  C    sing N N 263 
PRO CA  CB   sing N N 264 
PRO CA  HA   sing N N 265 
PRO C   O    doub N N 266 
PRO C   OXT  sing N N 267 
PRO CB  CG   sing N N 268 
PRO CB  HB2  sing N N 269 
PRO CB  HB3  sing N N 270 
PRO CG  CD   sing N N 271 
PRO CG  HG2  sing N N 272 
PRO CG  HG3  sing N N 273 
PRO CD  HD2  sing N N 274 
PRO CD  HD3  sing N N 275 
PRO OXT HXT  sing N N 276 
SER N   CA   sing N N 277 
SER N   H    sing N N 278 
SER N   H2   sing N N 279 
SER CA  C    sing N N 280 
SER CA  CB   sing N N 281 
SER CA  HA   sing N N 282 
SER C   O    doub N N 283 
SER C   OXT  sing N N 284 
SER CB  OG   sing N N 285 
SER CB  HB2  sing N N 286 
SER CB  HB3  sing N N 287 
SER OG  HG   sing N N 288 
SER OXT HXT  sing N N 289 
THR N   CA   sing N N 290 
THR N   H    sing N N 291 
THR N   H2   sing N N 292 
THR CA  C    sing N N 293 
THR CA  CB   sing N N 294 
THR CA  HA   sing N N 295 
THR C   O    doub N N 296 
THR C   OXT  sing N N 297 
THR CB  OG1  sing N N 298 
THR CB  CG2  sing N N 299 
THR CB  HB   sing N N 300 
THR OG1 HG1  sing N N 301 
THR CG2 HG21 sing N N 302 
THR CG2 HG22 sing N N 303 
THR CG2 HG23 sing N N 304 
THR OXT HXT  sing N N 305 
TRP N   CA   sing N N 306 
TRP N   H    sing N N 307 
TRP N   H2   sing N N 308 
TRP CA  C    sing N N 309 
TRP CA  CB   sing N N 310 
TRP CA  HA   sing N N 311 
TRP C   O    doub N N 312 
TRP C   OXT  sing N N 313 
TRP CB  CG   sing N N 314 
TRP CB  HB2  sing N N 315 
TRP CB  HB3  sing N N 316 
TRP CG  CD1  doub Y N 317 
TRP CG  CD2  sing Y N 318 
TRP CD1 NE1  sing Y N 319 
TRP CD1 HD1  sing N N 320 
TRP CD2 CE2  doub Y N 321 
TRP CD2 CE3  sing Y N 322 
TRP NE1 CE2  sing Y N 323 
TRP NE1 HE1  sing N N 324 
TRP CE2 CZ2  sing Y N 325 
TRP CE3 CZ3  doub Y N 326 
TRP CE3 HE3  sing N N 327 
TRP CZ2 CH2  doub Y N 328 
TRP CZ2 HZ2  sing N N 329 
TRP CZ3 CH2  sing Y N 330 
TRP CZ3 HZ3  sing N N 331 
TRP CH2 HH2  sing N N 332 
TRP OXT HXT  sing N N 333 
TYR N   CA   sing N N 334 
TYR N   H    sing N N 335 
TYR N   H2   sing N N 336 
TYR CA  C    sing N N 337 
TYR CA  CB   sing N N 338 
TYR CA  HA   sing N N 339 
TYR C   O    doub N N 340 
TYR C   OXT  sing N N 341 
TYR CB  CG   sing N N 342 
TYR CB  HB2  sing N N 343 
TYR CB  HB3  sing N N 344 
TYR CG  CD1  doub Y N 345 
TYR CG  CD2  sing Y N 346 
TYR CD1 CE1  sing Y N 347 
TYR CD1 HD1  sing N N 348 
TYR CD2 CE2  doub Y N 349 
TYR CD2 HD2  sing N N 350 
TYR CE1 CZ   doub Y N 351 
TYR CE1 HE1  sing N N 352 
TYR CE2 CZ   sing Y N 353 
TYR CE2 HE2  sing N N 354 
TYR CZ  OH   sing N N 355 
TYR OH  HH   sing N N 356 
TYR OXT HXT  sing N N 357 
VAL N   CA   sing N N 358 
VAL N   H    sing N N 359 
VAL N   H2   sing N N 360 
VAL CA  C    sing N N 361 
VAL CA  CB   sing N N 362 
VAL CA  HA   sing N N 363 
VAL C   O    doub N N 364 
VAL C   OXT  sing N N 365 
VAL CB  CG1  sing N N 366 
VAL CB  CG2  sing N N 367 
VAL CB  HB   sing N N 368 
VAL CG1 HG11 sing N N 369 
VAL CG1 HG12 sing N N 370 
VAL CG1 HG13 sing N N 371 
VAL CG2 HG21 sing N N 372 
VAL CG2 HG22 sing N N 373 
VAL CG2 HG23 sing N N 374 
VAL OXT HXT  sing N N 375 
# 
_pdbx_audit_support.funding_organization   'Other government' 
_pdbx_audit_support.country                ? 
_pdbx_audit_support.grant_number           ? 
_pdbx_audit_support.ordinal                1 
# 
_pdbx_initial_refinement_model.id               1 
_pdbx_initial_refinement_model.entity_id_list   ? 
_pdbx_initial_refinement_model.type             'experimental model' 
_pdbx_initial_refinement_model.source_name      PDB 
_pdbx_initial_refinement_model.accession_code   2jq5 
_pdbx_initial_refinement_model.details          ? 
# 
_atom_sites.entry_id                    9VXG 
_atom_sites.Cartn_transf_matrix[1][1]   ? 
_atom_sites.Cartn_transf_matrix[1][2]   ? 
_atom_sites.Cartn_transf_matrix[1][3]   ? 
_atom_sites.Cartn_transf_matrix[2][1]   ? 
_atom_sites.Cartn_transf_matrix[2][2]   ? 
_atom_sites.Cartn_transf_matrix[2][3]   ? 
_atom_sites.Cartn_transf_matrix[3][1]   ? 
_atom_sites.Cartn_transf_matrix[3][2]   ? 
_atom_sites.Cartn_transf_matrix[3][3]   ? 
_atom_sites.Cartn_transf_vector[1]      ? 
_atom_sites.Cartn_transf_vector[2]      ? 
_atom_sites.Cartn_transf_vector[3]      ? 
_atom_sites.Cartn_transform_axes        ? 
_atom_sites.fract_transf_matrix[1][1]   -0.00460922 
_atom_sites.fract_transf_matrix[1][2]   -0.00881531 
_atom_sites.fract_transf_matrix[1][3]   -0.01374498 
_atom_sites.fract_transf_matrix[2][1]   -0.01394267 
_atom_sites.fract_transf_matrix[2][2]   0.00955848 
_atom_sites.fract_transf_matrix[2][3]   -0.00145480 
_atom_sites.fract_transf_matrix[3][1]   0.00402793 
_atom_sites.fract_transf_matrix[3][2]   0.00516562 
_atom_sites.fract_transf_matrix[3][3]   -0.00466367 
_atom_sites.fract_transf_vector[1]      0.300416 
_atom_sites.fract_transf_vector[2]      0.337140 
_atom_sites.fract_transf_vector[3]      0.391803 
_atom_sites.solution_primary            ? 
_atom_sites.solution_secondary          ? 
_atom_sites.solution_hydrogens          ? 
_atom_sites.special_details             ? 
# 
loop_
_atom_type.symbol 
C  
N  
O  
S  
ZN 
# 
loop_
_atom_site.group_PDB 
_atom_site.id 
_atom_site.type_symbol 
_atom_site.label_atom_id 
_atom_site.label_alt_id 
_atom_site.label_comp_id 
_atom_site.label_asym_id 
_atom_site.label_entity_id 
_atom_site.label_seq_id 
_atom_site.pdbx_PDB_ins_code 
_atom_site.Cartn_x 
_atom_site.Cartn_y 
_atom_site.Cartn_z 
_atom_site.occupancy 
_atom_site.B_iso_or_equiv 
_atom_site.pdbx_formal_charge 
_atom_site.auth_seq_id 
_atom_site.auth_comp_id 
_atom_site.auth_asym_id 
_atom_site.auth_atom_id 
_atom_site.pdbx_PDB_model_num 
ATOM   1    N  N   . LYS A 1 1   ? 23.660  -9.318  4.783   1.00 60.20  ? 0   LYS A N   1 
ATOM   2    C  CA  . LYS A 1 1   ? 23.832  -9.885  6.131   1.00 64.77  ? 0   LYS A CA  1 
ATOM   3    C  C   . LYS A 1 1   ? 23.026  -9.207  7.225   1.00 67.51  ? 0   LYS A C   1 
ATOM   4    O  O   . LYS A 1 1   ? 22.259  -9.855  7.915   1.00 58.48  ? 0   LYS A O   1 
ATOM   5    C  CB  . LYS A 1 1   ? 25.290  -9.896  6.545   1.00 66.12  ? 0   LYS A CB  1 
ATOM   6    C  CG  . LYS A 1 1   ? 25.528  -10.579 7.873   1.00 61.24  ? 0   LYS A CG  1 
ATOM   7    C  CD  . LYS A 1 1   ? 25.011  -12.002 7.835   1.00 50.18  ? 0   LYS A CD  1 
ATOM   8    C  CE  . LYS A 1 1   ? 26.145  -12.982 8.037   1.00 45.92  ? 0   LYS A CE  1 
ATOM   9    N  NZ  . LYS A 1 1   ? 27.115  -12.439 9.014   1.00 50.76  ? 0   LYS A NZ  1 
ATOM   10   N  N   . MET A 1 2   ? 23.223  -7.915  7.406   1.00 69.66  ? 1   MET A N   1 
ATOM   11   C  CA  . MET A 1 2   ? 22.451  -7.179  8.390   1.00 62.53  ? 1   MET A CA  1 
ATOM   12   C  C   . MET A 1 2   ? 21.601  -6.133  7.685   1.00 59.33  ? 1   MET A C   1 
ATOM   13   O  O   . MET A 1 2   ? 21.216  -5.139  8.276   1.00 62.33  ? 1   MET A O   1 
ATOM   14   C  CB  . MET A 1 2   ? 23.366  -6.555  9.427   1.00 64.08  ? 1   MET A CB  1 
ATOM   15   C  CG  . MET A 1 2   ? 24.680  -6.064  8.866   1.00 67.96  ? 1   MET A CG  1 
ATOM   16   S  SD  . MET A 1 2   ? 24.473  -4.481  8.039   1.00 102.89 ? 1   MET A SD  1 
ATOM   17   C  CE  . MET A 1 2   ? 23.804  -3.495  9.375   1.00 74.11  ? 1   MET A CE  1 
ATOM   18   N  N   . SER A 1 3   ? 21.299  -6.368  6.422   1.00 63.19  ? 2   SER A N   1 
ATOM   19   C  CA  . SER A 1 3   ? 20.457  -5.456  5.669   1.00 58.31  ? 2   SER A CA  1 
ATOM   20   C  C   . SER A 1 3   ? 19.012  -5.511  6.117   1.00 59.90  ? 2   SER A C   1 
ATOM   21   O  O   . SER A 1 3   ? 18.565  -6.528  6.617   1.00 57.17  ? 2   SER A O   1 
ATOM   22   C  CB  . SER A 1 3   ? 20.527  -5.801  4.193   1.00 57.19  ? 2   SER A CB  1 
ATOM   23   O  OG  . SER A 1 3   ? 21.635  -5.189  3.573   1.00 69.07  ? 2   SER A OG  1 
ATOM   24   N  N   . GLN A 1 4   ? 18.297  -4.405  5.970   1.00 61.83  ? 3   GLN A N   1 
ATOM   25   C  CA  . GLN A 1 4   ? 16.883  -4.363  6.306   1.00 54.70  ? 3   GLN A CA  1 
ATOM   26   C  C   . GLN A 1 4   ? 16.128  -3.833  5.113   1.00 51.14  ? 3   GLN A C   1 
ATOM   27   O  O   . GLN A 1 4   ? 15.635  -2.721  5.123   1.00 47.81  ? 3   GLN A O   1 
ATOM   28   C  CB  . GLN A 1 4   ? 16.632  -3.497  7.531   1.00 56.25  ? 3   GLN A CB  1 
ATOM   29   C  CG  . GLN A 1 4   ? 15.244  -3.661  8.127   1.00 60.14  ? 3   GLN A CG  1 
ATOM   30   C  CD  . GLN A 1 4   ? 14.864  -2.521  9.047   1.00 59.76  ? 3   GLN A CD  1 
ATOM   31   O  OE1 . GLN A 1 4   ? 15.695  -1.689  9.395   1.00 72.08  ? 3   GLN A OE1 1 
ATOM   32   N  NE2 . GLN A 1 4   ? 13.604  -2.480  9.448   1.00 63.87  ? 3   GLN A NE2 1 
ATOM   33   N  N   . PRO A 1 5   ? 16.051  -4.641  4.066   1.00 55.51  ? 4   PRO A N   1 
ATOM   34   C  CA  . PRO A 1 5   ? 15.351  -4.230  2.855   1.00 49.89  ? 4   PRO A CA  1 
ATOM   35   C  C   . PRO A 1 5   ? 13.913  -3.870  3.136   1.00 48.60  ? 4   PRO A C   1 
ATOM   36   O  O   . PRO A 1 5   ? 13.260  -4.551  3.911   1.00 49.89  ? 4   PRO A O   1 
ATOM   37   C  CB  . PRO A 1 5   ? 15.431  -5.473  1.980   1.00 50.14  ? 4   PRO A CB  1 
ATOM   38   C  CG  . PRO A 1 5   ? 15.711  -6.601  2.900   1.00 52.15  ? 4   PRO A CG  1 
ATOM   39   C  CD  . PRO A 1 5   ? 16.561  -6.014  3.971   1.00 58.35  ? 4   PRO A CD  1 
ATOM   40   N  N   . CYS A 1 6   ? 13.422  -2.813  2.507   1.00 46.40  ? 5   CYS A N   1 
ATOM   41   C  CA  . CYS A 1 6   ? 12.071  -2.351  2.763   1.00 50.51  ? 5   CYS A CA  1 
ATOM   42   C  C   . CYS A 1 6   ? 11.024  -3.366  2.400   1.00 46.27  ? 5   CYS A C   1 
ATOM   43   O  O   . CYS A 1 6   ? 11.068  -3.949  1.337   1.00 47.41  ? 5   CYS A O   1 
ATOM   44   C  CB  . CYS A 1 6   ? 11.795  -1.049  2.011   1.00 42.50  ? 5   CYS A CB  1 
ATOM   45   S  SG  . CYS A 1 6   ? 10.362  -0.140  2.588   1.00 71.33  ? 5   CYS A SG  1 
ATOM   46   N  N   . PRO A 1 7   ? 10.069  -3.563  3.294   1.00 43.57  ? 6   PRO A N   1 
ATOM   47   C  CA  . PRO A 1 7   ? 8.971   -4.479  3.013   1.00 43.88  ? 6   PRO A CA  1 
ATOM   48   C  C   . PRO A 1 7   ? 8.194   -4.157  1.720   1.00 53.78  ? 6   PRO A C   1 
ATOM   49   O  O   . PRO A 1 7   ? 7.496   -5.028  1.234   1.00 46.11  ? 6   PRO A O   1 
ATOM   50   C  CB  . PRO A 1 7   ? 8.081   -4.309  4.234   1.00 49.00  ? 6   PRO A CB  1 
ATOM   51   C  CG  . PRO A 1 7   ? 9.007   -3.911  5.326   1.00 47.25  ? 6   PRO A CG  1 
ATOM   52   C  CD  . PRO A 1 7   ? 10.033  -3.045  4.670   1.00 45.83  ? 6   PRO A CD  1 
ATOM   53   N  N   . CYS A 1 8   ? 8.339   -2.959  1.165   1.00 49.15  ? 7   CYS A N   1 
ATOM   54   C  CA  . CYS A 1 8   ? 7.665   -2.614  -0.082  1.00 48.60  ? 7   CYS A CA  1 
ATOM   55   C  C   . CYS A 1 8   ? 8.242   -3.322  -1.284  1.00 48.66  ? 7   CYS A C   1 
ATOM   56   O  O   . CYS A 1 8   ? 7.577   -3.444  -2.292  1.00 48.05  ? 7   CYS A O   1 
ATOM   57   C  CB  . CYS A 1 8   ? 7.681   -1.099  -0.327  1.00 50.53  ? 7   CYS A CB  1 
ATOM   58   S  SG  . CYS A 1 8   ? 9.262   -0.285  -0.577  1.00 47.76  ? 7   CYS A SG  1 
ATOM   59   N  N   . GLY A 1 9   ? 9.473   -3.786  -1.177  1.00 48.83  ? 8   GLY A N   1 
ATOM   60   C  CA  . GLY A 1 9   ? 10.122  -4.448  -2.282  1.00 45.72  ? 8   GLY A CA  1 
ATOM   61   C  C   . GLY A 1 9   ? 10.985  -3.555  -3.126  1.00 47.26  ? 8   GLY A C   1 
ATOM   62   O  O   . GLY A 1 9   ? 11.301  -3.908  -4.245  1.00 53.48  ? 8   GLY A O   1 
ATOM   63   N  N   . SER A 1 10  ? 11.390  -2.420  -2.594  1.00 49.90  ? 9   SER A N   1 
ATOM   64   C  CA  . SER A 1 10  ? 12.181  -1.454  -3.337  1.00 49.90  ? 9   SER A CA  1 
ATOM   65   C  C   . SER A 1 10  ? 13.642  -1.800  -3.428  1.00 54.69  ? 9   SER A C   1 
ATOM   66   O  O   . SER A 1 10  ? 14.362  -1.139  -4.160  1.00 50.89  ? 9   SER A O   1 
ATOM   67   C  CB  . SER A 1 10  ? 12.082  -0.113  -2.638  1.00 43.81  ? 9   SER A CB  1 
ATOM   68   O  OG  . SER A 1 10  ? 12.628  -0.175  -1.338  1.00 49.14  ? 9   SER A OG  1 
ATOM   69   N  N   . ALA A 1 11  ? 14.092  -2.795  -2.676  1.00 47.42  ? 10  ALA A N   1 
ATOM   70   C  CA  . ALA A 1 11  ? 15.505  -3.156  -2.617  1.00 55.35  ? 10  ALA A CA  1 
ATOM   71   C  C   . ALA A 1 11  ? 16.285  -2.099  -1.880  1.00 54.83  ? 10  ALA A C   1 
ATOM   72   O  O   . ALA A 1 11  ? 17.500  -2.127  -1.854  1.00 59.59  ? 10  ALA A O   1 
ATOM   73   C  CB  . ALA A 1 11  ? 16.084  -3.386  -3.989  1.00 47.14  ? 10  ALA A CB  1 
ATOM   74   N  N   . ASP A 1 12  ? 15.584  -1.168  -1.270  1.00 53.48  ? 11  ASP A N   1 
ATOM   75   C  CA  . ASP A 1 12  ? 16.248  -0.159  -0.485  1.00 45.30  ? 11  ASP A CA  1 
ATOM   76   C  C   . ASP A 1 12  ? 15.992  -0.413  0.974   1.00 51.21  ? 11  ASP A C   1 
ATOM   77   O  O   . ASP A 1 12  ? 15.048  -1.084  1.338   1.00 49.87  ? 11  ASP A O   1 
ATOM   78   C  CB  . ASP A 1 12  ? 15.751  1.223   -0.872  1.00 48.93  ? 11  ASP A CB  1 
ATOM   79   C  CG  . ASP A 1 12  ? 16.467  1.792   -2.068  1.00 53.56  ? 11  ASP A CG  1 
ATOM   80   O  OD1 . ASP A 1 12  ? 17.372  1.128   -2.603  1.00 54.63  ? 11  ASP A OD1 1 
ATOM   81   O  OD2 . ASP A 1 12  ? 16.119  2.914   -2.474  1.00 56.92  ? 11  ASP A OD2 1 
ATOM   82   N  N   . GLU A 1 13  ? 16.836  0.128   1.818   1.00 48.63  ? 12  GLU A N   1 
ATOM   83   C  CA  . GLU A 1 13  ? 16.657  -0.032  3.233   1.00 49.06  ? 12  GLU A CA  1 
ATOM   84   C  C   . GLU A 1 13  ? 15.433  0.704   3.710   1.00 54.14  ? 12  GLU A C   1 
ATOM   85   O  O   . GLU A 1 13  ? 15.162  1.802   3.266   1.00 52.50  ? 12  GLU A O   1 
ATOM   86   C  CB  . GLU A 1 13  ? 17.883  0.483   3.959   1.00 53.87  ? 12  GLU A CB  1 
ATOM   87   C  CG  . GLU A 1 13  ? 19.124  -0.359  3.746   1.00 60.62  ? 12  GLU A CG  1 
ATOM   88   C  CD  . GLU A 1 13  ? 19.240  -1.490  4.746   1.00 58.95  ? 12  GLU A CD  1 
ATOM   89   O  OE1 . GLU A 1 13  ? 18.957  -1.269  5.939   1.00 54.13  ? 12  GLU A OE1 1 
ATOM   90   O  OE2 . GLU A 1 13  ? 19.618  -2.601  4.333   1.00 58.42  ? 12  GLU A OE2 1 
ATOM   91   N  N   . TYR A 1 14  ? 14.708  0.108   4.638   1.00 52.29  ? 13  TYR A N   1 
ATOM   92   C  CA  . TYR A 1 14  ? 13.497  0.709   5.151   1.00 52.52  ? 13  TYR A CA  1 
ATOM   93   C  C   . TYR A 1 14  ? 13.738  2.122   5.607   1.00 54.90  ? 13  TYR A C   1 
ATOM   94   O  O   . TYR A 1 14  ? 12.977  3.014   5.277   1.00 54.95  ? 13  TYR A O   1 
ATOM   95   C  CB  . TYR A 1 14  ? 12.969  -0.133  6.299   1.00 52.17  ? 13  TYR A CB  1 
ATOM   96   C  CG  . TYR A 1 14  ? 11.806  0.472   7.028   1.00 59.46  ? 13  TYR A CG  1 
ATOM   97   C  CD1 . TYR A 1 14  ? 10.563  0.572   6.428   1.00 54.57  ? 13  TYR A CD1 1 
ATOM   98   C  CD2 . TYR A 1 14  ? 11.949  0.940   8.321   1.00 55.64  ? 13  TYR A CD2 1 
ATOM   99   C  CE1 . TYR A 1 14  ? 9.496   1.128   7.096   1.00 53.30  ? 13  TYR A CE1 1 
ATOM   100  C  CE2 . TYR A 1 14  ? 10.887  1.494   8.997   1.00 55.34  ? 13  TYR A CE2 1 
ATOM   101  C  CZ  . TYR A 1 14  ? 9.664   1.584   8.381   1.00 59.34  ? 13  TYR A CZ  1 
ATOM   102  O  OH  . TYR A 1 14  ? 8.609   2.141   9.061   1.00 62.17  ? 13  TYR A OH  1 
ATOM   103  N  N   . SER A 1 15  ? 14.809  2.330   6.348   1.00 54.45  ? 14  SER A N   1 
ATOM   104  C  CA  . SER A 1 15  ? 15.139  3.655   6.844   1.00 59.51  ? 14  SER A CA  1 
ATOM   105  C  C   . SER A 1 15  ? 15.189  4.679   5.742   1.00 56.31  ? 14  SER A C   1 
ATOM   106  O  O   . SER A 1 15  ? 14.886  5.837   5.960   1.00 63.48  ? 14  SER A O   1 
ATOM   107  C  CB  . SER A 1 15  ? 16.492  3.622   7.555   1.00 49.20  ? 14  SER A CB  1 
ATOM   108  O  OG  . SER A 1 15  ? 17.541  3.376   6.646   1.00 51.20  ? 14  SER A OG  1 
ATOM   109  N  N   . LEU A 1 16  ? 15.570  4.257   4.558   1.00 52.59  ? 15  LEU A N   1 
ATOM   110  C  CA  . LEU A 1 16  ? 15.712  5.184   3.460   1.00 49.12  ? 15  LEU A CA  1 
ATOM   111  C  C   . LEU A 1 16  ? 14.613  5.085   2.422   1.00 56.18  ? 15  LEU A C   1 
ATOM   112  O  O   . LEU A 1 16  ? 14.682  5.733   1.392   1.00 56.20  ? 15  LEU A O   1 
ATOM   113  C  CB  . LEU A 1 16  ? 17.043  4.936   2.779   1.00 55.41  ? 15  LEU A CB  1 
ATOM   114  C  CG  . LEU A 1 16  ? 18.218  4.699   3.726   1.00 63.59  ? 15  LEU A CG  1 
ATOM   115  C  CD1 . LEU A 1 16  ? 19.477  4.336   2.959   1.00 60.08  ? 15  LEU A CD1 1 
ATOM   116  C  CD2 . LEU A 1 16  ? 18.458  5.914   4.605   1.00 58.66  ? 15  LEU A CD2 1 
ATOM   117  N  N   . CYS A 1 17  ? 13.600  4.278   2.686   1.00 51.63  ? 16  CYS A N   1 
ATOM   118  C  CA  . CYS A 1 17  ? 12.494  4.144   1.758   1.00 51.27  ? 16  CYS A CA  1 
ATOM   119  C  C   . CYS A 1 17  ? 11.221  4.561   2.428   1.00 50.23  ? 16  CYS A C   1 
ATOM   120  O  O   . CYS A 1 17  ? 11.000  5.732   2.662   1.00 52.36  ? 16  CYS A O   1 
ATOM   121  C  CB  . CYS A 1 17  ? 12.384  2.705   1.240   1.00 54.06  ? 16  CYS A CB  1 
ATOM   122  S  SG  . CYS A 1 17  ? 11.125  2.347   0.004   1.00 48.95  ? 16  CYS A SG  1 
ATOM   123  N  N   . CYS A 1 18  ? 10.396  3.600   2.776   1.00 55.41  ? 17  CYS A N   1 
ATOM   124  C  CA  . CYS A 1 18  ? 9.110   3.920   3.341   1.00 55.14  ? 17  CYS A CA  1 
ATOM   125  C  C   . CYS A 1 18  ? 9.224   4.319   4.807   1.00 52.32  ? 17  CYS A C   1 
ATOM   126  O  O   . CYS A 1 18  ? 8.304   4.897   5.361   1.00 57.14  ? 17  CYS A O   1 
ATOM   127  C  CB  . CYS A 1 18  ? 8.142   2.743   3.099   1.00 48.61  ? 17  CYS A CB  1 
ATOM   128  S  SG  . CYS A 1 18  ? 8.312   1.930   1.496   1.00 45.19  ? 17  CYS A SG  1 
ATOM   129  N  N   . GLY A 1 19  ? 10.365  4.070   5.418   1.00 51.88  ? 18  GLY A N   1 
ATOM   130  C  CA  . GLY A 1 19  ? 10.543  4.371   6.827   1.00 52.35  ? 18  GLY A CA  1 
ATOM   131  C  C   . GLY A 1 19  ? 10.656  5.823   7.194   1.00 55.01  ? 18  GLY A C   1 
ATOM   132  O  O   . GLY A 1 19  ? 10.206  6.233   8.247   1.00 60.97  ? 18  GLY A O   1 
ATOM   133  N  N   . ARG A 1 20  ? 11.253  6.605   6.325   1.00 50.21  ? 19  ARG A N   1 
ATOM   134  C  CA  . ARG A 1 20  ? 11.371  8.016   6.569   1.00 58.52  ? 19  ARG A CA  1 
ATOM   135  C  C   . ARG A 1 20  ? 10.046  8.719   6.367   1.00 57.20  ? 19  ARG A C   1 
ATOM   136  O  O   . ARG A 1 20  ? 9.850   9.819   6.856   1.00 60.01  ? 19  ARG A O   1 
ATOM   137  C  CB  . ARG A 1 20  ? 12.405  8.603   5.628   1.00 55.23  ? 19  ARG A CB  1 
ATOM   138  C  CG  . ARG A 1 20  ? 12.423  7.966   4.258   1.00 58.81  ? 19  ARG A CG  1 
ATOM   139  C  CD  . ARG A 1 20  ? 13.778  8.147   3.611   1.00 63.44  ? 19  ARG A CD  1 
ATOM   140  N  NE  . ARG A 1 20  ? 14.053  9.545   3.324   1.00 58.37  ? 19  ARG A NE  1 
ATOM   141  C  CZ  . ARG A 1 20  ? 14.462  9.994   2.145   1.00 63.87  ? 19  ARG A CZ  1 
ATOM   142  N  NH1 . ARG A 1 20  ? 14.650  9.150   1.142   1.00 56.77  ? 19  ARG A NH1 1 
ATOM   143  N  NH2 . ARG A 1 20  ? 14.686  11.286  1.971   1.00 69.85  ? 19  ARG A NH2 1 
ATOM   144  N  N   . ILE A 1 21  ? 9.138   8.090   5.642   1.00 54.23  ? 20  ILE A N   1 
ATOM   145  C  CA  . ILE A 1 21  ? 7.835   8.667   5.425   1.00 53.41  ? 20  ILE A CA  1 
ATOM   146  C  C   . ILE A 1 21  ? 6.951   8.336   6.603   1.00 51.09  ? 20  ILE A C   1 
ATOM   147  O  O   . ILE A 1 21  ? 6.242   9.181   7.113   1.00 55.49  ? 20  ILE A O   1 
ATOM   148  C  CB  . ILE A 1 21  ? 7.214   8.148   4.119   1.00 52.61  ? 20  ILE A CB  1 
ATOM   149  C  CG1 . ILE A 1 21  ? 8.044   8.620   2.928   1.00 53.93  ? 20  ILE A CG1 1 
ATOM   150  C  CG2 . ILE A 1 21  ? 5.774   8.610   3.986   1.00 51.12  ? 20  ILE A CG2 1 
ATOM   151  C  CD1 . ILE A 1 21  ? 7.524   8.142   1.595   1.00 55.64  ? 20  ILE A CD1 1 
ATOM   152  N  N   . VAL A 1 22  ? 6.998   7.097   7.045   1.00 55.20  ? 21  VAL A N   1 
ATOM   153  C  CA  . VAL A 1 22  ? 6.185   6.686   8.171   1.00 54.82  ? 21  VAL A CA  1 
ATOM   154  C  C   . VAL A 1 22  ? 6.687   7.371   9.429   1.00 59.65  ? 21  VAL A C   1 
ATOM   155  O  O   . VAL A 1 22  ? 5.942   7.550   10.379  1.00 62.51  ? 21  VAL A O   1 
ATOM   156  C  CB  . VAL A 1 22  ? 6.185   5.161   8.317   1.00 52.61  ? 21  VAL A CB  1 
ATOM   157  C  CG1 . VAL A 1 22  ? 5.396   4.726   9.534   1.00 50.14  ? 21  VAL A CG1 1 
ATOM   158  C  CG2 . VAL A 1 22  ? 5.624   4.519   7.062   1.00 52.74  ? 21  VAL A CG2 1 
ATOM   159  N  N   . SER A 1 23  ? 7.938   7.798   9.418   1.00 59.44  ? 22  SER A N   1 
ATOM   160  C  CA  . SER A 1 23  ? 8.514   8.490   10.562  1.00 58.94  ? 22  SER A CA  1 
ATOM   161  C  C   . SER A 1 23  ? 8.033   9.911   10.639  1.00 64.06  ? 22  SER A C   1 
ATOM   162  O  O   . SER A 1 23  ? 8.011   10.499  11.704  1.00 67.96  ? 22  SER A O   1 
ATOM   163  C  CB  . SER A 1 23  ? 10.031  8.513   10.452  1.00 56.25  ? 22  SER A CB  1 
ATOM   164  O  OG  . SER A 1 23  ? 10.455  9.544   9.586   1.00 61.30  ? 22  SER A OG  1 
ATOM   165  N  N   . GLY A 1 24  ? 7.671   10.473  9.504   1.00 62.65  ? 23  GLY A N   1 
ATOM   166  C  CA  . GLY A 1 24  ? 7.244   11.849  9.473   1.00 57.10  ? 23  GLY A CA  1 
ATOM   167  C  C   . GLY A 1 24  ? 8.344   12.737  8.984   1.00 58.40  ? 23  GLY A C   1 
ATOM   168  O  O   . GLY A 1 24  ? 8.152   13.928  8.811   1.00 64.65  ? 23  GLY A O   1 
ATOM   169  N  N   . GLU A 1 25  ? 9.501   12.157  8.745   1.00 60.63  ? 24  GLU A N   1 
ATOM   170  C  CA  . GLU A 1 25  ? 10.641  12.934  8.318   1.00 59.51  ? 24  GLU A CA  1 
ATOM   171  C  C   . GLU A 1 25  ? 10.490  13.374  6.889   1.00 62.59  ? 24  GLU A C   1 
ATOM   172  O  O   . GLU A 1 25  ? 10.986  14.419  6.498   1.00 63.38  ? 24  GLU A O   1 
ATOM   173  C  CB  . GLU A 1 25  ? 11.904  12.101  8.480   1.00 61.23  ? 24  GLU A CB  1 
ATOM   174  C  CG  . GLU A 1 25  ? 13.147  12.704  7.860   1.00 67.89  ? 24  GLU A CG  1 
ATOM   175  C  CD  . GLU A 1 25  ? 14.114  11.649  7.377   1.00 74.24  ? 24  GLU A CD  1 
ATOM   176  O  OE1 . GLU A 1 25  ? 14.304  10.648  8.095   1.00 67.42  ? 24  GLU A OE1 1 
ATOM   177  O  OE2 . GLU A 1 25  ? 14.681  11.821  6.279   1.00 74.02  ? 24  GLU A OE2 1 
ATOM   178  N  N   . ARG A 1 26  ? 9.774   12.600  6.097   1.00 63.36  ? 25  ARG A N   1 
ATOM   179  C  CA  . ARG A 1 26  ? 9.626   12.926  4.691   1.00 57.51  ? 25  ARG A CA  1 
ATOM   180  C  C   . ARG A 1 26  ? 8.199   12.851  4.207   1.00 55.70  ? 25  ARG A C   1 
ATOM   181  O  O   . ARG A 1 26  ? 7.481   11.927  4.544   1.00 56.37  ? 25  ARG A O   1 
ATOM   182  C  CB  . ARG A 1 26  ? 10.493  11.992  3.853   1.00 57.80  ? 25  ARG A CB  1 
ATOM   183  C  CG  . ARG A 1 26  ? 10.516  12.293  2.371   1.00 56.63  ? 25  ARG A CG  1 
ATOM   184  C  CD  . ARG A 1 26  ? 10.954  11.061  1.608   1.00 63.06  ? 25  ARG A CD  1 
ATOM   185  N  NE  . ARG A 1 26  ? 11.163  11.331  0.193   1.00 60.61  ? 25  ARG A NE  1 
ATOM   186  C  CZ  . ARG A 1 26  ? 11.423  10.395  -0.711  1.00 62.74  ? 25  ARG A CZ  1 
ATOM   187  N  NH1 . ARG A 1 26  ? 11.510  9.125   -0.346  1.00 63.06  ? 25  ARG A NH1 1 
ATOM   188  N  NH2 . ARG A 1 26  ? 11.599  10.727  -1.979  1.00 60.57  ? 25  ARG A NH2 1 
ATOM   189  N  N   . VAL A 1 27  ? 7.790   13.827  3.418   1.00 54.36  ? 26  VAL A N   1 
ATOM   190  C  CA  . VAL A 1 27  ? 6.470   13.807  2.833   1.00 55.23  ? 26  VAL A CA  1 
ATOM   191  C  C   . VAL A 1 27  ? 6.489   12.941  1.602   1.00 52.28  ? 26  VAL A C   1 
ATOM   192  O  O   . VAL A 1 27  ? 7.438   12.975  0.841   1.00 51.23  ? 26  VAL A O   1 
ATOM   193  C  CB  . VAL A 1 27  ? 6.036   15.210  2.411   1.00 58.58  ? 26  VAL A CB  1 
ATOM   194  C  CG1 . VAL A 1 27  ? 4.581   15.213  1.978   1.00 62.15  ? 26  VAL A CG1 1 
ATOM   195  C  CG2 . VAL A 1 27  ? 6.268   16.196  3.540   1.00 57.76  ? 26  VAL A CG2 1 
ATOM   196  N  N   . ALA A 1 28  ? 5.437   12.166  1.403   1.00 46.60  ? 27  ALA A N   1 
ATOM   197  C  CA  . ALA A 1 28  ? 5.354   11.307  0.243   1.00 49.94  ? 27  ALA A CA  1 
ATOM   198  C  C   . ALA A 1 28  ? 5.175   12.106  -1.023  1.00 49.53  ? 27  ALA A C   1 
ATOM   199  O  O   . ALA A 1 28  ? 4.208   12.817  -1.182  1.00 56.69  ? 27  ALA A O   1 
ATOM   200  C  CB  . ALA A 1 28  ? 4.237   10.310  0.406   1.00 41.57  ? 27  ALA A CB  1 
ATOM   201  N  N   . PRO A 1 29  ? 6.119   11.969  -1.938  1.00 48.37  ? 28  PRO A N   1 
ATOM   202  C  CA  . PRO A 1 29  ? 6.075   12.763  -3.164  1.00 53.14  ? 28  PRO A CA  1 
ATOM   203  C  C   . PRO A 1 29  ? 4.968   12.377  -4.124  1.00 51.66  ? 28  PRO A C   1 
ATOM   204  O  O   . PRO A 1 29  ? 4.517   13.231  -4.862  1.00 51.62  ? 28  PRO A O   1 
ATOM   205  C  CB  . PRO A 1 29  ? 7.428   12.457  -3.801  1.00 43.02  ? 28  PRO A CB  1 
ATOM   206  C  CG  . PRO A 1 29  ? 7.820   11.128  -3.264  1.00 54.52  ? 28  PRO A CG  1 
ATOM   207  C  CD  . PRO A 1 29  ? 7.305   11.105  -1.864  1.00 44.58  ? 28  PRO A CD  1 
ATOM   208  N  N   . ASP A 1 30  ? 4.556   11.126  -4.106  1.00 45.18  ? 29  ASP A N   1 
ATOM   209  C  CA  . ASP A 1 30  ? 3.563   10.670  -5.040  1.00 49.07  ? 29  ASP A CA  1 
ATOM   210  C  C   . ASP A 1 30  ? 2.692   9.579   -4.459  1.00 42.76  ? 29  ASP A C   1 
ATOM   211  O  O   . ASP A 1 30  ? 2.994   9.027   -3.418  1.00 47.29  ? 29  ASP A O   1 
ATOM   212  C  CB  . ASP A 1 30  ? 4.249   10.174  -6.321  1.00 42.71  ? 29  ASP A CB  1 
ATOM   213  C  CG  . ASP A 1 30  ? 5.249   9.084   -6.069  1.00 48.60  ? 29  ASP A CG  1 
ATOM   214  O  OD1 . ASP A 1 30  ? 4.907   8.090   -5.407  1.00 48.35  ? 29  ASP A OD1 1 
ATOM   215  O  OD2 . ASP A 1 30  ? 6.384   9.216   -6.552  1.00 57.28  ? 29  ASP A OD2 1 
ATOM   216  N  N   . PRO A 1 31  ? 1.606   9.271   -5.147  1.00 43.99  ? 30  PRO A N   1 
ATOM   217  C  CA  . PRO A 1 31  ? 0.738   8.191   -4.697  1.00 44.21  ? 30  PRO A CA  1 
ATOM   218  C  C   . PRO A 1 31  ? 1.449   6.839   -4.521  1.00 45.54  ? 30  PRO A C   1 
ATOM   219  O  O   . PRO A 1 31  ? 1.136   6.126   -3.586  1.00 42.84  ? 30  PRO A O   1 
ATOM   220  C  CB  . PRO A 1 31  ? -0.287  8.127   -5.813  1.00 42.39  ? 30  PRO A CB  1 
ATOM   221  C  CG  . PRO A 1 31  ? -0.404  9.527   -6.283  1.00 44.25  ? 30  PRO A CG  1 
ATOM   222  C  CD  . PRO A 1 31  ? 0.983   10.077  -6.208  1.00 38.35  ? 30  PRO A CD  1 
ATOM   223  N  N   . SER A 1 32  ? 2.381   6.504   -5.393  1.00 43.01  ? 31  SER A N   1 
ATOM   224  C  CA  . SER A 1 32  ? 3.083   5.238   -5.281  1.00 44.99  ? 31  SER A CA  1 
ATOM   225  C  C   . SER A 1 32  ? 3.821   5.134   -3.968  1.00 43.79  ? 31  SER A C   1 
ATOM   226  O  O   . SER A 1 32  ? 3.736   4.134   -3.286  1.00 46.27  ? 31  SER A O   1 
ATOM   227  C  CB  . SER A 1 32  ? 4.053   5.062   -6.436  1.00 46.37  ? 31  SER A CB  1 
ATOM   228  O  OG  . SER A 1 32  ? 5.178   4.303   -6.045  1.00 57.83  ? 31  SER A OG  1 
ATOM   229  N  N   . HIS A 1 33  ? 4.532   6.177   -3.607  1.00 42.64  ? 32  HIS A N   1 
ATOM   230  C  CA  . HIS A 1 33  ? 5.243   6.178   -2.357  1.00 41.98  ? 32  HIS A CA  1 
ATOM   231  C  C   . HIS A 1 33  ? 4.302   6.003   -1.191  1.00 41.41  ? 32  HIS A C   1 
ATOM   232  O  O   . HIS A 1 33  ? 4.603   5.282   -0.265  1.00 44.65  ? 32  HIS A O   1 
ATOM   233  C  CB  . HIS A 1 33  ? 6.025   7.472   -2.200  1.00 45.64  ? 32  HIS A CB  1 
ATOM   234  C  CG  . HIS A 1 33  ? 7.272   7.533   -3.021  1.00 56.53  ? 32  HIS A CG  1 
ATOM   235  N  ND1 . HIS A 1 33  ? 7.269   7.401   -4.392  1.00 59.26  ? 32  HIS A ND1 1 
ATOM   236  C  CD2 . HIS A 1 33  ? 8.564   7.720   -2.666  1.00 56.91  ? 32  HIS A CD2 1 
ATOM   237  C  CE1 . HIS A 1 33  ? 8.504   7.499   -4.845  1.00 54.93  ? 32  HIS A CE1 1 
ATOM   238  N  NE2 . HIS A 1 33  ? 9.310   7.694   -3.818  1.00 55.55  ? 32  HIS A NE2 1 
ATOM   239  N  N   . LEU A 1 34  ? 3.159   6.660   -1.242  1.00 43.50  ? 33  LEU A N   1 
ATOM   240  C  CA  . LEU A 1 34  ? 2.199   6.546   -0.171  1.00 41.08  ? 33  LEU A CA  1 
ATOM   241  C  C   . LEU A 1 34  ? 1.640   5.148   -0.083  1.00 40.72  ? 33  LEU A C   1 
ATOM   242  O  O   . LEU A 1 34  ? 1.512   4.609   0.997   1.00 41.43  ? 33  LEU A O   1 
ATOM   243  C  CB  . LEU A 1 34  ? 1.069   7.559   -0.337  1.00 45.37  ? 33  LEU A CB  1 
ATOM   244  C  CG  . LEU A 1 34  ? 0.160   7.745   0.873   1.00 49.11  ? 33  LEU A CG  1 
ATOM   245  C  CD1 . LEU A 1 34  ? 0.804   8.680   1.880   1.00 51.65  ? 33  LEU A CD1 1 
ATOM   246  C  CD2 . LEU A 1 34  ? -1.201  8.263   0.449   1.00 50.91  ? 33  LEU A CD2 1 
ATOM   247  N  N   . MET A 1 35  ? 1.315   4.558   -1.213  1.00 42.31  ? 34  MET A N   1 
ATOM   248  C  CA  . MET A 1 35  ? 0.807   3.207   -1.222  1.00 46.20  ? 34  MET A CA  1 
ATOM   249  C  C   . MET A 1 35  ? 1.815   2.283   -0.599  1.00 45.15  ? 34  MET A C   1 
ATOM   250  O  O   . MET A 1 35  ? 1.478   1.498   0.265   1.00 42.50  ? 34  MET A O   1 
ATOM   251  C  CB  . MET A 1 35  ? 0.511   2.767   -2.643  1.00 38.72  ? 34  MET A CB  1 
ATOM   252  C  CG  . MET A 1 35  ? 0.003   1.351   -2.775  1.00 47.96  ? 34  MET A CG  1 
ATOM   253  S  SD  . MET A 1 35  ? -1.532  1.122   -1.874  1.00 56.13  ? 34  MET A SD  1 
ATOM   254  C  CE  . MET A 1 35  ? -1.175  -0.420  -1.045  1.00 48.91  ? 34  MET A CE  1 
ATOM   255  N  N   . ARG A 1 36  ? 3.056   2.396   -1.027  1.00 46.17  ? 35  ARG A N   1 
ATOM   256  C  CA  . ARG A 1 36  ? 4.117   1.574   -0.486  1.00 44.92  ? 35  ARG A CA  1 
ATOM   257  C  C   . ARG A 1 36  ? 4.239   1.771   0.997   1.00 42.69  ? 35  ARG A C   1 
ATOM   258  O  O   . ARG A 1 36  ? 4.343   0.814   1.738   1.00 43.25  ? 35  ARG A O   1 
ATOM   259  C  CB  . ARG A 1 36  ? 5.420   1.936   -1.170  1.00 45.73  ? 35  ARG A CB  1 
ATOM   260  C  CG  . ARG A 1 36  ? 5.557   1.449   -2.594  1.00 45.18  ? 35  ARG A CG  1 
ATOM   261  C  CD  . ARG A 1 36  ? 6.943   1.771   -3.116  1.00 47.57  ? 35  ARG A CD  1 
ATOM   262  N  NE  . ARG A 1 36  ? 7.126   1.337   -4.493  1.00 55.94  ? 35  ARG A NE  1 
ATOM   263  C  CZ  . ARG A 1 36  ? 7.748   0.219   -4.852  1.00 57.35  ? 35  ARG A CZ  1 
ATOM   264  N  NH1 . ARG A 1 36  ? 8.256   -0.592  -3.937  1.00 58.12  ? 35  ARG A NH1 1 
ATOM   265  N  NH2 . ARG A 1 36  ? 7.861   -0.086  -6.134  1.00 57.44  ? 35  ARG A NH2 1 
ATOM   266  N  N   . SER A 1 37  ? 4.208   3.012   1.430   1.00 39.21  ? 36  SER A N   1 
ATOM   267  C  CA  . SER A 1 37  ? 4.331   3.327   2.840   1.00 45.67  ? 36  SER A CA  1 
ATOM   268  C  C   . SER A 1 37  ? 3.196   2.761   3.682   1.00 45.01  ? 36  SER A C   1 
ATOM   269  O  O   . SER A 1 37  ? 3.398   2.362   4.817   1.00 44.20  ? 36  SER A O   1 
ATOM   270  C  CB  . SER A 1 37  ? 4.397   4.834   3.010   1.00 36.75  ? 36  SER A CB  1 
ATOM   271  O  OG  . SER A 1 37  ? 3.141   5.430   2.785   1.00 48.96  ? 36  SER A OG  1 
ATOM   272  N  N   . ARG A 1 38  ? 2.010   2.719   3.117   1.00 44.91  ? 37  ARG A N   1 
ATOM   273  C  CA  . ARG A 1 38  ? 0.877   2.190   3.834   1.00 46.07  ? 37  ARG A CA  1 
ATOM   274  C  C   . ARG A 1 38  ? 0.969   0.683   3.914   1.00 46.38  ? 37  ARG A C   1 
ATOM   275  O  O   . ARG A 1 38  ? 0.602   0.094   4.910   1.00 50.02  ? 37  ARG A O   1 
ATOM   276  C  CB  . ARG A 1 38  ? -0.414  2.651   3.170   1.00 44.09  ? 37  ARG A CB  1 
ATOM   277  C  CG  . ARG A 1 38  ? -0.814  4.068   3.536   1.00 44.48  ? 37  ARG A CG  1 
ATOM   278  C  CD  . ARG A 1 38  ? -2.019  4.542   2.741   1.00 47.44  ? 37  ARG A CD  1 
ATOM   279  N  NE  . ARG A 1 38  ? -3.224  3.782   3.050   1.00 41.82  ? 37  ARG A NE  1 
ATOM   280  C  CZ  . ARG A 1 38  ? -4.062  4.071   4.038   1.00 45.97  ? 37  ARG A CZ  1 
ATOM   281  N  NH1 . ARG A 1 38  ? -3.835  5.108   4.826   1.00 39.74  ? 37  ARG A NH1 1 
ATOM   282  N  NH2 . ARG A 1 38  ? -5.130  3.319   4.239   1.00 47.65  ? 37  ARG A NH2 1 
ATOM   283  N  N   . TYR A 1 39  ? 1.493   0.064   2.879   1.00 48.91  ? 38  TYR A N   1 
ATOM   284  C  CA  . TYR A 1 39  ? 1.685   -1.367  2.908   1.00 48.21  ? 38  TYR A CA  1 
ATOM   285  C  C   . TYR A 1 39  ? 2.669   -1.742  3.997   1.00 46.93  ? 38  TYR A C   1 
ATOM   286  O  O   . TYR A 1 39  ? 2.486   -2.729  4.681   1.00 49.34  ? 38  TYR A O   1 
ATOM   287  C  CB  . TYR A 1 39  ? 2.183   -1.859  1.556   1.00 51.58  ? 38  TYR A CB  1 
ATOM   288  C  CG  . TYR A 1 39  ? 2.571   -3.311  1.531   1.00 51.12  ? 38  TYR A CG  1 
ATOM   289  C  CD1 . TYR A 1 39  ? 1.619   -4.296  1.347   1.00 46.42  ? 38  TYR A CD1 1 
ATOM   290  C  CD2 . TYR A 1 39  ? 3.890   -3.695  1.690   1.00 50.99  ? 38  TYR A CD2 1 
ATOM   291  C  CE1 . TYR A 1 39  ? 1.968   -5.628  1.326   1.00 52.12  ? 38  TYR A CE1 1 
ATOM   292  C  CE2 . TYR A 1 39  ? 4.248   -5.024  1.671   1.00 47.43  ? 38  TYR A CE2 1 
ATOM   293  C  CZ  . TYR A 1 39  ? 3.283   -5.984  1.488   1.00 49.80  ? 38  TYR A CZ  1 
ATOM   294  O  OH  . TYR A 1 39  ? 3.631   -7.306  1.471   1.00 46.47  ? 38  TYR A OH  1 
ATOM   295  N  N   . CYS A 1 40  ? 3.705   -0.942  4.163   1.00 48.47  ? 39  CYS A N   1 
ATOM   296  C  CA  . CYS A 1 40  ? 4.704   -1.223  5.171   1.00 48.89  ? 39  CYS A CA  1 
ATOM   297  C  C   . CYS A 1 40  ? 4.085   -1.083  6.536   1.00 50.16  ? 39  CYS A C   1 
ATOM   298  O  O   . CYS A 1 40  ? 4.377   -1.855  7.421   1.00 53.09  ? 39  CYS A O   1 
ATOM   299  C  CB  . CYS A 1 40  ? 5.910   -0.297  5.032   1.00 48.62  ? 39  CYS A CB  1 
ATOM   300  S  SG  . CYS A 1 40  ? 7.101   -0.746  3.764   1.00 61.20  ? 39  CYS A SG  1 
ATOM   301  N  N   . ALA A 1 41  ? 3.207   -0.115  6.692   1.00 49.20  ? 40  ALA A N   1 
ATOM   302  C  CA  . ALA A 1 41  ? 2.524   0.083   7.958   1.00 47.14  ? 40  ALA A CA  1 
ATOM   303  C  C   . ALA A 1 41  ? 1.615   -1.071  8.305   1.00 48.74  ? 40  ALA A C   1 
ATOM   304  O  O   . ALA A 1 41  ? 1.473   -1.418  9.458   1.00 48.38  ? 40  ALA A O   1 
ATOM   305  C  CB  . ALA A 1 41  ? 1.740   1.371   7.915   1.00 43.23  ? 40  ALA A CB  1 
ATOM   306  N  N   . PHE A 1 42  ? 0.987   -1.656  7.309   1.00 48.46  ? 41  PHE A N   1 
ATOM   307  C  CA  . PHE A 1 42  ? 0.175   -2.813  7.559   1.00 49.94  ? 41  PHE A CA  1 
ATOM   308  C  C   . PHE A 1 42  ? 1.088   -3.928  8.001   1.00 52.21  ? 41  PHE A C   1 
ATOM   309  O  O   . PHE A 1 42  ? 0.813   -4.600  8.976   1.00 56.38  ? 41  PHE A O   1 
ATOM   310  C  CB  . PHE A 1 42  ? -0.576  -3.207  6.302   1.00 40.63  ? 41  PHE A CB  1 
ATOM   311  C  CG  . PHE A 1 42  ? -1.894  -2.529  6.155   1.00 52.55  ? 41  PHE A CG  1 
ATOM   312  C  CD1 . PHE A 1 42  ? -2.962  -2.901  6.943   1.00 57.96  ? 41  PHE A CD1 1 
ATOM   313  C  CD2 . PHE A 1 42  ? -2.063  -1.519  5.234   1.00 54.88  ? 41  PHE A CD2 1 
ATOM   314  C  CE1 . PHE A 1 42  ? -4.181  -2.276  6.814   1.00 56.25  ? 41  PHE A CE1 1 
ATOM   315  C  CE2 . PHE A 1 42  ? -3.277  -0.888  5.098   1.00 51.45  ? 41  PHE A CE2 1 
ATOM   316  C  CZ  . PHE A 1 42  ? -4.338  -1.267  5.890   1.00 59.18  ? 41  PHE A CZ  1 
ATOM   317  N  N   . VAL A 1 43  ? 2.181   -4.121  7.285   1.00 51.61  ? 42  VAL A N   1 
ATOM   318  C  CA  . VAL A 1 43  ? 3.133   -5.161  7.617   1.00 51.56  ? 42  VAL A CA  1 
ATOM   319  C  C   . VAL A 1 43  ? 3.733   -4.936  8.984   1.00 55.77  ? 42  VAL A C   1 
ATOM   320  O  O   . VAL A 1 43  ? 3.877   -5.868  9.756   1.00 55.34  ? 42  VAL A O   1 
ATOM   321  C  CB  . VAL A 1 43  ? 4.261   -5.197  6.584   1.00 56.82  ? 42  VAL A CB  1 
ATOM   322  C  CG1 . VAL A 1 43  ? 5.445   -5.997  7.092   1.00 49.77  ? 42  VAL A CG1 1 
ATOM   323  C  CG2 . VAL A 1 43  ? 3.759   -5.729  5.255   1.00 43.64  ? 42  VAL A CG2 1 
ATOM   324  N  N   . MET A 1 44  ? 4.052   -3.698  9.298   1.00 49.48  ? 43  MET A N   1 
ATOM   325  C  CA  . MET A 1 44  ? 4.670   -3.390  10.567  1.00 55.02  ? 43  MET A CA  1 
ATOM   326  C  C   . MET A 1 44  ? 3.674   -2.969  11.624  1.00 57.89  ? 43  MET A C   1 
ATOM   327  O  O   . MET A 1 44  ? 4.051   -2.475  12.674  1.00 54.96  ? 43  MET A O   1 
ATOM   328  C  CB  . MET A 1 44  ? 5.712   -2.311  10.340  1.00 59.80  ? 43  MET A CB  1 
ATOM   329  C  CG  . MET A 1 44  ? 6.879   -2.798  9.505   1.00 63.02  ? 43  MET A CG  1 
ATOM   330  S  SD  . MET A 1 44  ? 7.905   -1.459  8.897   1.00 83.35  ? 43  MET A SD  1 
ATOM   331  C  CE  . MET A 1 44  ? 9.300   -1.589  10.005  1.00 61.64  ? 43  MET A CE  1 
ATOM   332  N  N   . LYS A 1 45  ? 2.400   -3.177  11.350  1.00 59.41  ? 44  LYS A N   1 
ATOM   333  C  CA  . LYS A 1 45  ? 1.348   -2.823  12.289  1.00 52.29  ? 44  LYS A CA  1 
ATOM   334  C  C   . LYS A 1 45  ? 1.534   -1.477  12.967  1.00 59.16  ? 44  LYS A C   1 
ATOM   335  O  O   . LYS A 1 45  ? 1.622   -1.415  14.180  1.00 67.98  ? 44  LYS A O   1 
ATOM   336  C  CB  . LYS A 1 45  ? 1.214   -3.936  13.311  1.00 55.20  ? 44  LYS A CB  1 
ATOM   337  C  CG  . LYS A 1 45  ? 1.227   -5.311  12.674  1.00 54.47  ? 44  LYS A CG  1 
ATOM   338  C  CD  . LYS A 1 45  ? 0.869   -6.391  13.672  1.00 64.71  ? 44  LYS A CD  1 
ATOM   339  C  CE  . LYS A 1 45  ? 0.687   -7.731  12.982  1.00 59.37  ? 44  LYS A CE  1 
ATOM   340  N  NZ  . LYS A 1 45  ? 1.965   -8.488  12.935  1.00 65.41  ? 44  LYS A NZ  1 
ATOM   341  N  N   . ASP A 1 46  ? 1.569   -0.397  12.196  1.00 53.81  ? 45  ASP A N   1 
ATOM   342  C  CA  . ASP A 1 46  ? 1.665   0.937   12.779  1.00 55.11  ? 45  ASP A CA  1 
ATOM   343  C  C   . ASP A 1 46  ? 0.290   1.483   13.138  1.00 72.42  ? 45  ASP A C   1 
ATOM   344  O  O   . ASP A 1 46  ? 0.082   1.851   14.276  1.00 78.42  ? 45  ASP A O   1 
ATOM   345  C  CB  . ASP A 1 46  ? 2.377   1.905   11.846  1.00 60.50  ? 45  ASP A CB  1 
ATOM   346  C  CG  . ASP A 1 46  ? 2.747   3.205   12.517  1.00 58.14  ? 45  ASP A CG  1 
ATOM   347  O  OD1 . ASP A 1 46  ? 1.888   3.818   13.176  1.00 62.66  ? 45  ASP A OD1 1 
ATOM   348  O  OD2 . ASP A 1 46  ? 3.906   3.627   12.370  1.00 56.48  ? 45  ASP A OD2 1 
ATOM   349  N  N   . ALA A 1 47  ? -0.630  1.571   12.189  1.00 67.61  ? 46  ALA A N   1 
ATOM   350  C  CA  . ALA A 1 47  ? -2.011  2.017   12.468  1.00 63.35  ? 46  ALA A CA  1 
ATOM   351  C  C   . ALA A 1 47  ? -2.134  3.500   12.684  1.00 60.63  ? 46  ALA A C   1 
ATOM   352  O  O   . ALA A 1 47  ? -3.011  4.131   12.125  1.00 61.27  ? 46  ALA A O   1 
ATOM   353  C  CB  . ALA A 1 47  ? -2.608  1.271   13.639  1.00 56.52  ? 46  ALA A CB  1 
ATOM   354  N  N   . ASP A 1 48  ? -1.251  4.066   13.479  1.00 64.04  ? 47  ASP A N   1 
ATOM   355  C  CA  . ASP A 1 48  ? -1.260  5.501   13.656  1.00 61.73  ? 47  ASP A CA  1 
ATOM   356  C  C   . ASP A 1 48  ? -0.908  6.184   12.351  1.00 57.56  ? 47  ASP A C   1 
ATOM   357  O  O   . ASP A 1 48  ? -1.446  7.232   12.038  1.00 51.83  ? 47  ASP A O   1 
ATOM   358  C  CB  . ASP A 1 48  ? -0.287  5.898   14.757  1.00 67.26  ? 47  ASP A CB  1 
ATOM   359  C  CG  . ASP A 1 48  ? -0.883  5.756   16.137  1.00 71.12  ? 47  ASP A CG  1 
ATOM   360  O  OD1 . ASP A 1 48  ? -2.101  5.970   16.281  1.00 67.54  ? 47  ASP A OD1 1 
ATOM   361  O  OD2 . ASP A 1 48  ? -0.136  5.436   17.079  1.00 75.16  ? 47  ASP A OD2 1 
ATOM   362  N  N   . TYR A 1 49  ? -0.016  5.579   11.582  1.00 52.81  ? 48  TYR A N   1 
ATOM   363  C  CA  . TYR A 1 49  ? 0.345   6.139   10.304  1.00 49.56  ? 48  TYR A CA  1 
ATOM   364  C  C   . TYR A 1 49  ? -0.768  5.898   9.336   1.00 47.49  ? 48  TYR A C   1 
ATOM   365  O  O   . TYR A 1 49  ? -1.099  6.758   8.544   1.00 47.84  ? 48  TYR A O   1 
ATOM   366  C  CB  . TYR A 1 49  ? 1.626   5.523   9.754   1.00 49.76  ? 48  TYR A CB  1 
ATOM   367  C  CG  . TYR A 1 49  ? 1.916   5.971   8.349   1.00 45.90  ? 48  TYR A CG  1 
ATOM   368  C  CD1 . TYR A 1 49  ? 2.349   7.258   8.100   1.00 45.95  ? 48  TYR A CD1 1 
ATOM   369  C  CD2 . TYR A 1 49  ? 1.720   5.126   7.273   1.00 43.39  ? 48  TYR A CD2 1 
ATOM   370  C  CE1 . TYR A 1 49  ? 2.600   7.687   6.820   1.00 44.40  ? 48  TYR A CE1 1 
ATOM   371  C  CE2 . TYR A 1 49  ? 1.967   5.548   5.985   1.00 47.27  ? 48  TYR A CE2 1 
ATOM   372  C  CZ  . TYR A 1 49  ? 2.406   6.832   5.769   1.00 43.37  ? 48  TYR A CZ  1 
ATOM   373  O  OH  . TYR A 1 49  ? 2.659   7.273   4.502   1.00 53.59  ? 48  TYR A OH  1 
ATOM   374  N  N   . LEU A 1 50  ? -1.347  4.716   9.403   1.00 50.85  ? 49  LEU A N   1 
ATOM   375  C  CA  . LEU A 1 50  ? -2.418  4.379   8.500   1.00 50.83  ? 49  LEU A CA  1 
ATOM   376  C  C   . LEU A 1 50  ? -3.566  5.353   8.678   1.00 50.56  ? 49  LEU A C   1 
ATOM   377  O  O   . LEU A 1 50  ? -4.258  5.674   7.734   1.00 50.18  ? 49  LEU A O   1 
ATOM   378  C  CB  . LEU A 1 50  ? -2.849  2.941   8.722   1.00 43.06  ? 49  LEU A CB  1 
ATOM   379  C  CG  . LEU A 1 50  ? -1.909  1.890   8.151   1.00 44.63  ? 49  LEU A CG  1 
ATOM   380  C  CD1 . LEU A 1 50  ? -2.358  0.499   8.561   1.00 52.43  ? 49  LEU A CD1 1 
ATOM   381  C  CD2 . LEU A 1 50  ? -1.849  2.021   6.643   1.00 43.44  ? 49  LEU A CD2 1 
ATOM   382  N  N   . ILE A 1 51  ? -3.748  5.842   9.886   1.00 49.23  ? 50  ILE A N   1 
ATOM   383  C  CA  . ILE A 1 51  ? -4.785  6.810   10.138  1.00 51.12  ? 50  ILE A CA  1 
ATOM   384  C  C   . ILE A 1 51  ? -4.368  8.184   9.636   1.00 48.45  ? 50  ILE A C   1 
ATOM   385  O  O   . ILE A 1 51  ? -5.167  8.884   9.036   1.00 56.89  ? 50  ILE A O   1 
ATOM   386  C  CB  . ILE A 1 51  ? -5.132  6.853   11.634  1.00 51.83  ? 50  ILE A CB  1 
ATOM   387  C  CG1 . ILE A 1 51  ? -5.948  5.625   12.022  1.00 54.06  ? 50  ILE A CG1 1 
ATOM   388  C  CG2 . ILE A 1 51  ? -5.895  8.120   11.979  1.00 58.88  ? 50  ILE A CG2 1 
ATOM   389  C  CD1 . ILE A 1 51  ? -5.793  5.239   13.473  1.00 59.93  ? 50  ILE A CD1 1 
ATOM   390  N  N   . LYS A 1 52  ? -3.117  8.562   9.850   1.00 51.11  ? 51  LYS A N   1 
ATOM   391  C  CA  . LYS A 1 52  ? -2.611  9.841   9.361   1.00 51.02  ? 51  LYS A CA  1 
ATOM   392  C  C   . LYS A 1 52  ? -2.566  9.912   7.841   1.00 51.06  ? 51  LYS A C   1 
ATOM   393  O  O   . LYS A 1 52  ? -2.591  10.988  7.272   1.00 46.31  ? 51  LYS A O   1 
ATOM   394  C  CB  . LYS A 1 52  ? -1.216  10.085  9.926   1.00 50.26  ? 51  LYS A CB  1 
ATOM   395  C  CG  . LYS A 1 52  ? -0.672  11.479  9.696   1.00 55.30  ? 51  LYS A CG  1 
ATOM   396  C  CD  . LYS A 1 52  ? 0.624   11.436  8.910   1.00 62.93  ? 51  LYS A CD  1 
ATOM   397  C  CE  . LYS A 1 52  ? 1.808   11.814  9.784   1.00 68.85  ? 51  LYS A CE  1 
ATOM   398  N  NZ  . LYS A 1 52  ? 3.024   11.020  9.455   1.00 69.08  ? 51  LYS A NZ  1 
ATOM   399  N  N   . SER A 1 53  ? -2.525  8.766   7.190   1.00 46.15  ? 52  SER A N   1 
ATOM   400  C  CA  . SER A 1 53  ? -2.440  8.719   5.750   1.00 52.21  ? 52  SER A CA  1 
ATOM   401  C  C   . SER A 1 53  ? -3.808  8.576   5.117   1.00 50.17  ? 52  SER A C   1 
ATOM   402  O  O   . SER A 1 53  ? -3.936  8.570   3.908   1.00 48.36  ? 52  SER A O   1 
ATOM   403  C  CB  . SER A 1 53  ? -1.521  7.558   5.330   1.00 48.05  ? 52  SER A CB  1 
ATOM   404  O  OG  . SER A 1 53  ? -1.795  6.380   6.052   1.00 45.91  ? 52  SER A OG  1 
ATOM   405  N  N   . TRP A 1 54  ? -4.827  8.455   5.942   1.00 51.30  ? 53  TRP A N   1 
ATOM   406  C  CA  . TRP A 1 54  ? -6.183  8.322   5.436   1.00 48.06  ? 53  TRP A CA  1 
ATOM   407  C  C   . TRP A 1 54  ? -6.828  9.676   5.264   1.00 41.72  ? 53  TRP A C   1 
ATOM   408  O  O   . TRP A 1 54  ? -6.681  10.545  6.101   1.00 41.53  ? 53  TRP A O   1 
ATOM   409  C  CB  . TRP A 1 54  ? -7.024  7.462   6.370   1.00 46.08  ? 53  TRP A CB  1 
ATOM   410  C  CG  . TRP A 1 54  ? -7.847  6.477   5.679   1.00 43.31  ? 53  TRP A CG  1 
ATOM   411  C  CD1 . TRP A 1 54  ? -8.748  6.713   4.697   1.00 46.24  ? 53  TRP A CD1 1 
ATOM   412  C  CD2 . TRP A 1 54  ? -7.853  5.074   5.908   1.00 46.42  ? 53  TRP A CD2 1 
ATOM   413  N  NE1 . TRP A 1 54  ? -9.322  5.539   4.295   1.00 51.92  ? 53  TRP A NE1 1 
ATOM   414  C  CE2 . TRP A 1 54  ? -8.788  4.515   5.026   1.00 46.31  ? 53  TRP A CE2 1 
ATOM   415  C  CE3 . TRP A 1 54  ? -7.158  4.234   6.778   1.00 48.26  ? 53  TRP A CE3 1 
ATOM   416  C  CZ2 . TRP A 1 54  ? -9.045  3.155   4.983   1.00 54.78  ? 53  TRP A CZ2 1 
ATOM   417  C  CZ3 . TRP A 1 54  ? -7.415  2.888   6.735   1.00 46.68  ? 53  TRP A CZ3 1 
ATOM   418  C  CH2 . TRP A 1 54  ? -8.350  2.360   5.845   1.00 43.74  ? 53  TRP A CH2 1 
ATOM   419  N  N   . HIS A 1 55  ? -7.543  9.843   4.171   1.00 39.54  ? 54  HIS A N   1 
ATOM   420  C  CA  . HIS A 1 55  ? -8.183  11.109  3.907   1.00 44.86  ? 54  HIS A CA  1 
ATOM   421  C  C   . HIS A 1 55  ? -8.995  11.542  5.088   1.00 44.74  ? 54  HIS A C   1 
ATOM   422  O  O   . HIS A 1 55  ? -9.729  10.752  5.654   1.00 48.75  ? 54  HIS A O   1 
ATOM   423  C  CB  . HIS A 1 55  ? -9.056  11.052  2.670   1.00 39.76  ? 54  HIS A CB  1 
ATOM   424  C  CG  . HIS A 1 55  ? -9.359  12.397  2.101   1.00 53.42  ? 54  HIS A CG  1 
ATOM   425  N  ND1 . HIS A 1 55  ? -10.399 13.175  2.554   1.00 45.51  ? 54  HIS A ND1 1 
ATOM   426  C  CD2 . HIS A 1 55  ? -8.738  13.119  1.140   1.00 43.62  ? 54  HIS A CD2 1 
ATOM   427  C  CE1 . HIS A 1 55  ? -10.418 14.311  1.884   1.00 51.02  ? 54  HIS A CE1 1 
ATOM   428  N  NE2 . HIS A 1 55  ? -9.421  14.303  1.021   1.00 47.58  ? 54  HIS A NE2 1 
ATOM   429  N  N   . PRO A 1 56  ? -8.880  12.811  5.453   1.00 51.96  ? 55  PRO A N   1 
ATOM   430  C  CA  . PRO A 1 56  ? -9.558  13.334  6.637   1.00 44.49  ? 55  PRO A CA  1 
ATOM   431  C  C   . PRO A 1 56  ? -11.085 13.124  6.719   1.00 47.31  ? 55  PRO A C   1 
ATOM   432  O  O   . PRO A 1 56  ? -11.599 13.003  7.814   1.00 45.46  ? 55  PRO A O   1 
ATOM   433  C  CB  . PRO A 1 56  ? -9.233  14.811  6.550   1.00 45.27  ? 55  PRO A CB  1 
ATOM   434  C  CG  . PRO A 1 56  ? -7.927  14.877  5.857   1.00 50.82  ? 55  PRO A CG  1 
ATOM   435  C  CD  . PRO A 1 56  ? -7.997  13.803  4.826   1.00 45.14  ? 55  PRO A CD  1 
ATOM   436  N  N   . THR A 1 57  ? -11.783 13.064  5.600   1.00 48.02  ? 56  THR A N   1 
ATOM   437  C  CA  . THR A 1 57  ? -13.230 12.910  5.624   1.00 51.83  ? 56  THR A CA  1 
ATOM   438  C  C   . THR A 1 57  ? -13.648 11.523  6.034   1.00 49.75  ? 56  THR A C   1 
ATOM   439  O  O   . THR A 1 57  ? -14.805 11.289  6.320   1.00 50.05  ? 56  THR A O   1 
ATOM   440  C  CB  . THR A 1 57  ? -13.852 13.218  4.255   1.00 45.01  ? 56  THR A CB  1 
ATOM   441  O  OG1 . THR A 1 57  ? -15.268 13.353  4.399   1.00 47.11  ? 56  THR A OG1 1 
ATOM   442  C  CG2 . THR A 1 57  ? -13.548 12.106  3.267   1.00 40.26  ? 56  THR A CG2 1 
ATOM   443  N  N   . CYS A 1 58  ? -12.707 10.605  6.080   1.00 52.53  ? 57  CYS A N   1 
ATOM   444  C  CA  . CYS A 1 58  ? -13.041 9.230   6.376   1.00 50.07  ? 57  CYS A CA  1 
ATOM   445  C  C   . CYS A 1 58  ? -13.101 8.958   7.868   1.00 47.57  ? 57  CYS A C   1 
ATOM   446  O  O   . CYS A 1 58  ? -13.637 7.947   8.280   1.00 46.05  ? 57  CYS A O   1 
ATOM   447  C  CB  . CYS A 1 58  ? -12.049 8.321   5.665   1.00 42.78  ? 57  CYS A CB  1 
ATOM   448  S  SG  . CYS A 1 58  ? -12.322 8.131   3.896   1.00 49.53  ? 57  CYS A SG  1 
ATOM   449  N  N   . ASN A 1 59  ? -12.586 9.871   8.673   1.00 44.36  ? 58  ASN A N   1 
ATOM   450  C  CA  . ASN A 1 59  ? -12.597 9.717   10.123  1.00 48.37  ? 58  ASN A CA  1 
ATOM   451  C  C   . ASN A 1 59  ? -11.947 8.413   10.543  1.00 53.45  ? 58  ASN A C   1 
ATOM   452  O  O   . ASN A 1 59  ? -12.574 7.582   11.178  1.00 56.62  ? 58  ASN A O   1 
ATOM   453  C  CB  . ASN A 1 59  ? -14.020 9.828   10.662  1.00 46.24  ? 58  ASN A CB  1 
ATOM   454  C  CG  . ASN A 1 59  ? -14.060 10.133  12.139  1.00 59.31  ? 58  ASN A CG  1 
ATOM   455  O  OD1 . ASN A 1 59  ? -13.064 10.543  12.727  1.00 52.50  ? 58  ASN A OD1 1 
ATOM   456  N  ND2 . ASN A 1 59  ? -15.218 9.934   12.746  1.00 49.89  ? 58  ASN A ND2 1 
ATOM   457  N  N   . ALA A 1 60  ? -10.679 8.246   10.215  1.00 53.72  ? 59  ALA A N   1 
ATOM   458  C  CA  . ALA A 1 60  ? -9.991  6.994   10.500  1.00 52.84  ? 59  ALA A CA  1 
ATOM   459  C  C   . ALA A 1 60  ? -9.824  6.685   11.969  1.00 55.15  ? 59  ALA A C   1 
ATOM   460  O  O   . ALA A 1 60  ? -9.948  5.547   12.383  1.00 52.70  ? 59  ALA A O   1 
ATOM   461  C  CB  . ALA A 1 60  ? -8.638  7.007   9.826   1.00 53.90  ? 59  ALA A CB  1 
ATOM   462  N  N   . ALA A 1 61  ? -9.527  7.696   12.753  1.00 54.70  ? 60  ALA A N   1 
ATOM   463  C  CA  . ALA A 1 61  ? -9.368  7.508   14.178  1.00 58.47  ? 60  ALA A CA  1 
ATOM   464  C  C   . ALA A 1 61  ? -10.490 6.686   14.749  1.00 62.11  ? 60  ALA A C   1 
ATOM   465  O  O   . ALA A 1 61  ? -10.282 5.892   15.650  1.00 64.32  ? 60  ALA A O   1 
ATOM   466  C  CB  . ALA A 1 61  ? -9.334  8.858   14.854  1.00 50.62  ? 60  ALA A CB  1 
ATOM   467  N  N   . ALA A 1 62  ? -11.680 6.870   14.218  1.00 62.48  ? 61  ALA A N   1 
ATOM   468  C  CA  . ALA A 1 62  ? -12.840 6.169   14.717  1.00 59.72  ? 61  ALA A CA  1 
ATOM   469  C  C   . ALA A 1 62  ? -12.718 4.676   14.607  1.00 61.95  ? 61  ALA A C   1 
ATOM   470  O  O   . ALA A 1 62  ? -13.216 3.958   15.457  1.00 73.46  ? 61  ALA A O   1 
ATOM   471  C  CB  . ALA A 1 62  ? -14.068 6.631   13.960  1.00 63.03  ? 61  ALA A CB  1 
ATOM   472  N  N   . PHE A 1 63  ? -12.081 4.200   13.554  1.00 62.03  ? 62  PHE A N   1 
ATOM   473  C  CA  . PHE A 1 63  ? -11.953 2.773   13.369  1.00 56.46  ? 62  PHE A CA  1 
ATOM   474  C  C   . PHE A 1 63  ? -10.533 2.299   13.575  1.00 59.72  ? 62  PHE A C   1 
ATOM   475  O  O   . PHE A 1 63  ? -10.087 1.365   12.933  1.00 60.12  ? 62  PHE A O   1 
ATOM   476  C  CB  . PHE A 1 63  ? -12.475 2.351   12.009  1.00 57.75  ? 62  PHE A CB  1 
ATOM   477  C  CG  . PHE A 1 63  ? -11.958 3.154   10.854  1.00 66.17  ? 62  PHE A CG  1 
ATOM   478  C  CD1 . PHE A 1 63  ? -10.758 2.831   10.253  1.00 60.70  ? 62  PHE A CD1 1 
ATOM   479  C  CD2 . PHE A 1 63  ? -12.708 4.187   10.324  1.00 60.88  ? 62  PHE A CD2 1 
ATOM   480  C  CE1 . PHE A 1 63  ? -10.294 3.546   9.168   1.00 63.47  ? 62  PHE A CE1 1 
ATOM   481  C  CE2 . PHE A 1 63  ? -12.254 4.905   9.237   1.00 61.88  ? 62  PHE A CE2 1 
ATOM   482  C  CZ  . PHE A 1 63  ? -11.045 4.581   8.656   1.00 57.73  ? 62  PHE A CZ  1 
ATOM   483  N  N   . ARG A 1 64  ? -9.835  2.926   14.500  1.00 58.55  ? 63  ARG A N   1 
ATOM   484  C  CA  . ARG A 1 64  ? -8.490  2.509   14.795  1.00 58.85  ? 63  ARG A CA  1 
ATOM   485  C  C   . ARG A 1 64  ? -8.517  1.100   15.279  1.00 66.79  ? 63  ARG A C   1 
ATOM   486  O  O   . ARG A 1 64  ? -7.732  0.273   14.850  1.00 60.79  ? 63  ARG A O   1 
ATOM   487  C  CB  . ARG A 1 64  ? -7.897  3.384   15.874  1.00 60.18  ? 63  ARG A CB  1 
ATOM   488  C  CG  . ARG A 1 64  ? -6.831  2.692   16.693  1.00 67.30  ? 63  ARG A CG  1 
ATOM   489  C  CD  . ARG A 1 64  ? -6.529  3.468   17.954  1.00 66.82  ? 63  ARG A CD  1 
ATOM   490  N  NE  . ARG A 1 64  ? -5.116  3.387   18.288  1.00 74.82  ? 63  ARG A NE  1 
ATOM   491  C  CZ  . ARG A 1 64  ? -4.180  4.149   17.741  1.00 71.91  ? 63  ARG A CZ  1 
ATOM   492  N  NH1 . ARG A 1 64  ? -4.514  5.058   16.838  1.00 70.67  ? 63  ARG A NH1 1 
ATOM   493  N  NH2 . ARG A 1 64  ? -2.914  4.006   18.099  1.00 73.40  ? 63  ARG A NH2 1 
ATOM   494  N  N   . ASP A 1 65  ? -9.447  0.809   16.161  1.00 64.96  ? 64  ASP A N   1 
ATOM   495  C  CA  . ASP A 1 65  ? -9.506  -0.511  16.745  1.00 64.19  ? 64  ASP A CA  1 
ATOM   496  C  C   . ASP A 1 65  ? -9.708  -1.601  15.709  1.00 62.89  ? 64  ASP A C   1 
ATOM   497  O  O   . ASP A 1 65  ? -9.147  -2.681  15.823  1.00 71.43  ? 64  ASP A O   1 
ATOM   498  C  CB  . ASP A 1 65  ? -10.603 -0.552  17.800  1.00 65.82  ? 64  ASP A CB  1 
ATOM   499  C  CG  . ASP A 1 65  ? -10.342 0.404   18.944  1.00 67.48  ? 64  ASP A CG  1 
ATOM   500  O  OD1 . ASP A 1 65  ? -9.198  0.879   19.081  1.00 70.16  ? 64  ASP A OD1 1 
ATOM   501  O  OD2 . ASP A 1 65  ? -11.283 0.680   19.712  1.00 75.61  ? 64  ASP A OD2 1 
ATOM   502  N  N   . ASP A 1 66  ? -10.485 -1.319  14.690  1.00 59.23  ? 65  ASP A N   1 
ATOM   503  C  CA  . ASP A 1 66  ? -10.683 -2.303  13.652  1.00 62.63  ? 65  ASP A CA  1 
ATOM   504  C  C   . ASP A 1 66  ? -9.431  -2.486  12.820  1.00 70.24  ? 65  ASP A C   1 
ATOM   505  O  O   . ASP A 1 66  ? -9.202  -3.553  12.271  1.00 66.89  ? 65  ASP A O   1 
ATOM   506  C  CB  . ASP A 1 66  ? -11.843 -1.907  12.755  1.00 71.21  ? 65  ASP A CB  1 
ATOM   507  C  CG  . ASP A 1 66  ? -12.107 -2.928  11.669  1.00 86.35  ? 65  ASP A CG  1 
ATOM   508  O  OD1 . ASP A 1 66  ? -12.531 -4.051  12.006  1.00 89.23  ? 65  ASP A OD1 1 
ATOM   509  O  OD2 . ASP A 1 66  ? -11.884 -2.614  10.481  1.00 84.77  ? 65  ASP A OD2 1 
ATOM   510  N  N   . ILE A 1 67  ? -8.619  -1.450  12.720  1.00 65.05  ? 66  ILE A N   1 
ATOM   511  C  CA  . ILE A 1 67  ? -7.382  -1.574  11.996  1.00 63.93  ? 66  ILE A CA  1 
ATOM   512  C  C   . ILE A 1 67  ? -6.491  -2.509  12.780  1.00 61.58  ? 66  ILE A C   1 
ATOM   513  O  O   . ILE A 1 67  ? -5.876  -3.406  12.227  1.00 61.40  ? 66  ILE A O   1 
ATOM   514  C  CB  . ILE A 1 67  ? -6.700  -0.212  11.809  1.00 62.92  ? 66  ILE A CB  1 
ATOM   515  C  CG1 . ILE A 1 67  ? -7.602  0.727   11.011  1.00 65.55  ? 66  ILE A CG1 1 
ATOM   516  C  CG2 . ILE A 1 67  ? -5.359  -0.376  11.115  1.00 58.59  ? 66  ILE A CG2 1 
ATOM   517  C  CD1 . ILE A 1 67  ? -7.245  2.186   11.167  1.00 56.93  ? 66  ILE A CD1 1 
ATOM   518  N  N   . ILE A 1 68  ? -6.438  -2.315  14.083  1.00 63.98  ? 67  ILE A N   1 
ATOM   519  C  CA  . ILE A 1 68  ? -5.636  -3.185  14.919  1.00 66.46  ? 67  ILE A CA  1 
ATOM   520  C  C   . ILE A 1 68  ? -6.111  -4.609  14.805  1.00 64.05  ? 67  ILE A C   1 
ATOM   521  O  O   . ILE A 1 68  ? -5.320  -5.532  14.666  1.00 69.83  ? 67  ILE A O   1 
ATOM   522  C  CB  . ILE A 1 68  ? -5.706  -2.764  16.384  1.00 63.89  ? 67  ILE A CB  1 
ATOM   523  C  CG1 . ILE A 1 68  ? -5.549  -1.253  16.507  1.00 67.35  ? 67  ILE A CG1 1 
ATOM   524  C  CG2 . ILE A 1 68  ? -4.627  -3.468  17.185  1.00 59.64  ? 67  ILE A CG2 1 
ATOM   525  C  CD1 . ILE A 1 68  ? -4.144  -0.770  16.237  1.00 69.41  ? 67  ILE A CD1 1 
ATOM   526  N  N   . ALA A 1 69  ? -7.412  -4.793  14.843  1.00 63.89  ? 68  ALA A N   1 
ATOM   527  C  CA  . ALA A 1 69  ? -7.952  -6.127  14.801  1.00 61.79  ? 68  ALA A CA  1 
ATOM   528  C  C   . ALA A 1 69  ? -7.574  -6.806  13.526  1.00 64.21  ? 68  ALA A C   1 
ATOM   529  O  O   . ALA A 1 69  ? -7.351  -8.006  13.503  1.00 64.03  ? 68  ALA A O   1 
ATOM   530  C  CB  . ALA A 1 69  ? -9.452  -6.067  14.927  1.00 58.99  ? 68  ALA A CB  1 
ATOM   531  N  N   . GLY A 1 70  ? -7.502  -6.042  12.454  1.00 67.50  ? 69  GLY A N   1 
ATOM   532  C  CA  . GLY A 1 70  ? -7.151  -6.607  11.172  1.00 59.48  ? 69  GLY A CA  1 
ATOM   533  C  C   . GLY A 1 70  ? -5.732  -7.100  11.144  1.00 60.43  ? 69  GLY A C   1 
ATOM   534  O  O   . GLY A 1 70  ? -5.403  -8.035  10.431  1.00 59.29  ? 69  GLY A O   1 
ATOM   535  N  N   . PHE A 1 71  ? -4.884  -6.472  11.929  1.00 59.33  ? 70  PHE A N   1 
ATOM   536  C  CA  . PHE A 1 71  ? -3.496  -6.847  11.947  1.00 58.62  ? 70  PHE A CA  1 
ATOM   537  C  C   . PHE A 1 71  ? -3.321  -8.300  12.316  1.00 68.79  ? 70  PHE A C   1 
ATOM   538  O  O   . PHE A 1 71  ? -2.437  -8.969  11.801  1.00 69.34  ? 70  PHE A O   1 
ATOM   539  C  CB  . PHE A 1 71  ? -2.749  -5.979  12.948  1.00 55.82  ? 70  PHE A CB  1 
ATOM   540  C  CG  . PHE A 1 71  ? -2.542  -4.566  12.497  1.00 61.34  ? 70  PHE A CG  1 
ATOM   541  C  CD1 . PHE A 1 71  ? -2.511  -4.249  11.156  1.00 58.58  ? 70  PHE A CD1 1 
ATOM   542  C  CD2 . PHE A 1 71  ? -2.369  -3.557  13.421  1.00 57.93  ? 70  PHE A CD2 1 
ATOM   543  C  CE1 . PHE A 1 71  ? -2.314  -2.947  10.744  1.00 56.18  ? 70  PHE A CE1 1 
ATOM   544  C  CE2 . PHE A 1 71  ? -2.170  -2.255  13.019  1.00 65.41  ? 70  PHE A CE2 1 
ATOM   545  C  CZ  . PHE A 1 71  ? -2.142  -1.949  11.676  1.00 62.01  ? 70  PHE A CZ  1 
ATOM   546  N  N   . ALA A 1 72  ? -4.172  -8.811  13.184  1.00 65.50  ? 71  ALA A N   1 
ATOM   547  C  CA  . ALA A 1 72  ? -3.985  -10.167 13.675  1.00 63.20  ? 71  ALA A CA  1 
ATOM   548  C  C   . ALA A 1 72  ? -4.451  -11.262 12.766  1.00 65.97  ? 71  ALA A C   1 
ATOM   549  O  O   . ALA A 1 72  ? -4.179  -12.421 13.014  1.00 73.72  ? 71  ALA A O   1 
ATOM   550  C  CB  . ALA A 1 72  ? -4.705  -10.305 14.997  1.00 64.66  ? 71  ALA A CB  1 
ATOM   551  N  N   . ASN A 1 73  ? -5.149  -10.921 11.712  1.00 66.86  ? 72  ASN A N   1 
ATOM   552  C  CA  . ASN A 1 73  ? -5.719  -11.961 10.890  1.00 66.48  ? 72  ASN A CA  1 
ATOM   553  C  C   . ASN A 1 73  ? -4.973  -12.217 9.616   1.00 65.80  ? 72  ASN A C   1 
ATOM   554  O  O   . ASN A 1 73  ? -5.209  -13.222 8.960   1.00 71.41  ? 72  ASN A O   1 
ATOM   555  C  CB  . ASN A 1 73  ? -7.150  -11.576 10.543  1.00 70.32  ? 72  ASN A CB  1 
ATOM   556  C  CG  . ASN A 1 73  ? -7.813  -10.753 11.627  1.00 78.16  ? 72  ASN A CG  1 
ATOM   557  O  OD1 . ASN A 1 73  ? -8.282  -9.646  11.379  1.00 74.31  ? 72  ASN A OD1 1 
ATOM   558  N  ND2 . ASN A 1 73  ? -7.866  -11.296 12.835  1.00 71.19  ? 72  ASN A ND2 1 
ATOM   559  N  N   . THR A 1 74  ? -4.077  -11.324 9.247   1.00 68.52  ? 73  THR A N   1 
ATOM   560  C  CA  . THR A 1 74  ? -3.423  -11.479 7.963   1.00 66.10  ? 73  THR A CA  1 
ATOM   561  C  C   . THR A 1 74  ? -1.923  -11.357 8.009   1.00 59.98  ? 73  THR A C   1 
ATOM   562  O  O   . THR A 1 74  ? -1.373  -10.583 8.777   1.00 60.02  ? 73  THR A O   1 
ATOM   563  C  CB  . THR A 1 74  ? -3.979  -10.459 6.958   1.00 62.07  ? 73  THR A CB  1 
ATOM   564  O  OG1 . THR A 1 74  ? -5.401  -10.393 7.088   1.00 68.90  ? 73  THR A OG1 1 
ATOM   565  C  CG2 . THR A 1 74  ? -3.630  -10.856 5.535   1.00 60.88  ? 73  THR A CG2 1 
ATOM   566  N  N   . ARG A 1 75  ? -1.265  -12.145 7.183   1.00 59.40  ? 74  ARG A N   1 
ATOM   567  C  CA  . ARG A 1 75  ? 0.172   -12.089 7.105   1.00 58.14  ? 74  ARG A CA  1 
ATOM   568  C  C   . ARG A 1 75  ? 0.528   -11.637 5.716   1.00 59.31  ? 74  ARG A C   1 
ATOM   569  O  O   . ARG A 1 75  ? 0.157   -12.276 4.745   1.00 56.58  ? 74  ARG A O   1 
ATOM   570  C  CB  . ARG A 1 75  ? 0.770   -13.447 7.420   1.00 57.66  ? 74  ARG A CB  1 
ATOM   571  C  CG  . ARG A 1 75  ? 0.245   -14.059 8.705   1.00 57.90  ? 74  ARG A CG  1 
ATOM   572  C  CD  . ARG A 1 75  ? 0.941   -15.372 9.014   1.00 60.83  ? 74  ARG A CD  1 
ATOM   573  N  NE  . ARG A 1 75  ? 2.345   -15.181 9.362   1.00 59.06  ? 74  ARG A NE  1 
ATOM   574  C  CZ  . ARG A 1 75  ? 2.772   -14.743 10.541  1.00 51.73  ? 74  ARG A CZ  1 
ATOM   575  N  NH1 . ARG A 1 75  ? 1.909   -14.444 11.498  1.00 56.17  ? 74  ARG A NH1 1 
ATOM   576  N  NH2 . ARG A 1 75  ? 4.068   -14.604 10.762  1.00 61.07  ? 74  ARG A NH2 1 
ATOM   577  N  N   . TRP A 1 76  ? 1.241   -10.529 5.618   1.00 49.56  ? 75  TRP A N   1 
ATOM   578  C  CA  . TRP A 1 76  ? 1.547   -9.968  4.312   1.00 49.39  ? 75  TRP A CA  1 
ATOM   579  C  C   . TRP A 1 76  ? 2.776   -10.580 3.704   1.00 50.76  ? 75  TRP A C   1 
ATOM   580  O  O   . TRP A 1 76  ? 3.775   -10.768 4.372   1.00 46.53  ? 75  TRP A O   1 
ATOM   581  C  CB  . TRP A 1 76  ? 1.650   -8.455  4.426   1.00 54.33  ? 75  TRP A CB  1 
ATOM   582  C  CG  . TRP A 1 76  ? 0.342   -7.851  4.716   1.00 46.62  ? 75  TRP A CG  1 
ATOM   583  C  CD1 . TRP A 1 76  ? -0.058  -7.283  5.880   1.00 43.27  ? 75  TRP A CD1 1 
ATOM   584  C  CD2 . TRP A 1 76  ? -0.771  -7.787  3.831   1.00 43.99  ? 75  TRP A CD2 1 
ATOM   585  N  NE1 . TRP A 1 76  ? -1.352  -6.852  5.772   1.00 53.79  ? 75  TRP A NE1 1 
ATOM   586  C  CE2 . TRP A 1 76  ? -1.812  -7.152  4.520   1.00 44.80  ? 75  TRP A CE2 1 
ATOM   587  C  CE3 . TRP A 1 76  ? -0.986  -8.198  2.514   1.00 51.25  ? 75  TRP A CE3 1 
ATOM   588  C  CZ2 . TRP A 1 76  ? -3.048  -6.917  3.942   1.00 48.26  ? 75  TRP A CZ2 1 
ATOM   589  C  CZ3 . TRP A 1 76  ? -2.211  -7.967  1.944   1.00 46.95  ? 75  TRP A CZ3 1 
ATOM   590  C  CH2 . TRP A 1 76  ? -3.227  -7.333  2.654   1.00 50.84  ? 75  TRP A CH2 1 
ATOM   591  N  N   . LEU A 1 77  ? 2.706   -10.876 2.423   1.00 50.02  ? 76  LEU A N   1 
ATOM   592  C  CA  . LEU A 1 77  ? 3.786   -11.585 1.792   1.00 51.79  ? 76  LEU A CA  1 
ATOM   593  C  C   . LEU A 1 77  ? 4.399   -10.885 0.585   1.00 53.32  ? 76  LEU A C   1 
ATOM   594  O  O   . LEU A 1 77  ? 5.303   -11.418 -0.035  1.00 49.69  ? 76  LEU A O   1 
ATOM   595  C  CB  . LEU A 1 77  ? 3.250   -12.948 1.357   1.00 46.93  ? 76  LEU A CB  1 
ATOM   596  C  CG  . LEU A 1 77  ? 3.163   -14.158 2.289   1.00 54.36  ? 76  LEU A CG  1 
ATOM   597  C  CD1 . LEU A 1 77  ? 3.059   -13.805 3.761   1.00 50.78  ? 76  LEU A CD1 1 
ATOM   598  C  CD2 . LEU A 1 77  ? 2.007   -15.047 1.873   1.00 51.67  ? 76  LEU A CD2 1 
ATOM   599  N  N   . GLY A 1 78  ? 3.909   -9.708  0.240   1.00 50.11  ? 77  GLY A N   1 
ATOM   600  C  CA  . GLY A 1 78  ? 4.441   -9.010  -0.909  1.00 50.19  ? 77  GLY A CA  1 
ATOM   601  C  C   . GLY A 1 78  ? 3.605   -7.995  -1.644  1.00 49.78  ? 77  GLY A C   1 
ATOM   602  O  O   . GLY A 1 78  ? 2.398   -8.133  -1.737  1.00 53.55  ? 77  GLY A O   1 
ATOM   603  N  N   . LEU A 1 79  ? 4.252   -6.977  -2.187  1.00 49.33  ? 78  LEU A N   1 
ATOM   604  C  CA  . LEU A 1 79  ? 3.557   -5.943  -2.926  1.00 45.08  ? 78  LEU A CA  1 
ATOM   605  C  C   . LEU A 1 79  ? 4.134   -5.770  -4.309  1.00 44.57  ? 78  LEU A C   1 
ATOM   606  O  O   . LEU A 1 79  ? 5.332   -5.674  -4.477  1.00 51.83  ? 78  LEU A O   1 
ATOM   607  C  CB  . LEU A 1 79  ? 3.645   -4.619  -2.186  1.00 50.03  ? 78  LEU A CB  1 
ATOM   608  C  CG  . LEU A 1 79  ? 3.059   -3.396  -2.886  1.00 51.81  ? 78  LEU A CG  1 
ATOM   609  C  CD1 . LEU A 1 79  ? 1.552   -3.528  -3.011  1.00 49.07  ? 78  LEU A CD1 1 
ATOM   610  C  CD2 . LEU A 1 79  ? 3.432   -2.125  -2.144  1.00 44.61  ? 78  LEU A CD2 1 
ATOM   611  N  N   . THR A 1 80  ? 3.276   -5.722  -5.306  1.00 47.19  ? 79  THR A N   1 
ATOM   612  C  CA  . THR A 1 80  ? 3.730   -5.513  -6.663  1.00 51.73  ? 79  THR A CA  1 
ATOM   613  C  C   . THR A 1 80  ? 2.856   -4.483  -7.357  1.00 46.57  ? 79  THR A C   1 
ATOM   614  O  O   . THR A 1 80  ? 1.678   -4.707  -7.560  1.00 50.41  ? 79  THR A O   1 
ATOM   615  C  CB  . THR A 1 80  ? 3.750   -6.832  -7.464  1.00 53.39  ? 79  THR A CB  1 
ATOM   616  O  OG1 . THR A 1 80  ? 4.475   -7.830  -6.736  1.00 60.22  ? 79  THR A OG1 1 
ATOM   617  C  CG2 . THR A 1 80  ? 4.406   -6.622  -8.809  1.00 53.80  ? 79  THR A CG2 1 
ATOM   618  N  N   . ILE A 1 81  ? 3.440   -3.356  -7.721  1.00 51.19  ? 80  ILE A N   1 
ATOM   619  C  CA  . ILE A 1 81  ? 2.696   -2.303  -8.383  1.00 44.62  ? 80  ILE A CA  1 
ATOM   620  C  C   . ILE A 1 81  ? 2.874   -2.405  -9.881  1.00 46.25  ? 80  ILE A C   1 
ATOM   621  O  O   . ILE A 1 81  ? 3.983   -2.557  -10.361 1.00 47.81  ? 80  ILE A O   1 
ATOM   622  C  CB  . ILE A 1 81  ? 3.139   -0.922  -7.880  1.00 46.73  ? 80  ILE A CB  1 
ATOM   623  C  CG1 . ILE A 1 81  ? 2.784   -0.762  -6.406  1.00 40.24  ? 80  ILE A CG1 1 
ATOM   624  C  CG2 . ILE A 1 81  ? 2.501   0.180   -8.707  1.00 42.79  ? 80  ILE A CG2 1 
ATOM   625  C  CD1 . ILE A 1 81  ? 3.654   0.235   -5.681  1.00 49.90  ? 80  ILE A CD1 1 
ATOM   626  N  N   . PHE A 1 82  ? 1.780   -2.333  -10.619 1.00 43.82  ? 81  PHE A N   1 
ATOM   627  C  CA  . PHE A 1 82  ? 1.841   -2.482  -12.063 1.00 49.11  ? 81  PHE A CA  1 
ATOM   628  C  C   . PHE A 1 82  ? 1.291   -1.285  -12.811 1.00 42.30  ? 81  PHE A C   1 
ATOM   629  O  O   . PHE A 1 82  ? 1.374   -1.251  -14.021 1.00 45.84  ? 81  PHE A O   1 
ATOM   630  C  CB  . PHE A 1 82  ? 1.126   -3.768  -12.495 1.00 49.62  ? 81  PHE A CB  1 
ATOM   631  C  CG  . PHE A 1 82  ? -0.242  -3.941  -11.921 1.00 50.27  ? 81  PHE A CG  1 
ATOM   632  C  CD1 . PHE A 1 82  ? -0.416  -4.493  -10.670 1.00 50.24  ? 81  PHE A CD1 1 
ATOM   633  C  CD2 . PHE A 1 82  ? -1.355  -3.589  -12.653 1.00 50.34  ? 81  PHE A CD2 1 
ATOM   634  C  CE1 . PHE A 1 82  ? -1.676  -4.669  -10.152 1.00 51.82  ? 81  PHE A CE1 1 
ATOM   635  C  CE2 . PHE A 1 82  ? -2.620  -3.764  -12.139 1.00 52.94  ? 81  PHE A CE2 1 
ATOM   636  C  CZ  . PHE A 1 82  ? -2.781  -4.302  -10.883 1.00 52.22  ? 81  PHE A CZ  1 
ATOM   637  N  N   . GLU A 1 83  ? 0.732   -0.312  -12.103 1.00 44.17  ? 82  GLU A N   1 
ATOM   638  C  CA  . GLU A 1 83  ? 0.263   0.926   -12.733 1.00 43.82  ? 82  GLU A CA  1 
ATOM   639  C  C   . GLU A 1 83  ? 0.240   2.104   -11.775 1.00 47.12  ? 82  GLU A C   1 
ATOM   640  O  O   . GLU A 1 83  ? -0.094  1.947   -10.614 1.00 43.36  ? 82  GLU A O   1 
ATOM   641  C  CB  . GLU A 1 83  ? -1.110  0.753   -13.357 1.00 42.26  ? 82  GLU A CB  1 
ATOM   642  C  CG  . GLU A 1 83  ? -1.618  1.961   -14.115 1.00 48.97  ? 82  GLU A CG  1 
ATOM   643  C  CD  . GLU A 1 83  ? -2.559  2.813   -13.294 1.00 49.45  ? 82  GLU A CD  1 
ATOM   644  O  OE1 . GLU A 1 83  ? -2.933  2.394   -12.185 1.00 45.72  ? 82  GLU A OE1 1 
ATOM   645  O  OE2 . GLU A 1 83  ? -2.922  3.905   -13.761 1.00 52.68  ? 82  GLU A OE2 1 
ATOM   646  N  N   . HIS A 1 84  ? 0.601   3.279   -12.272 1.00 45.63  ? 83  HIS A N   1 
ATOM   647  C  CA  . HIS A 1 84  ? 0.599   4.487   -11.460 1.00 45.23  ? 83  HIS A CA  1 
ATOM   648  C  C   . HIS A 1 84  ? 0.293   5.710   -12.301 1.00 45.40  ? 83  HIS A C   1 
ATOM   649  O  O   . HIS A 1 84  ? 0.842   5.868   -13.377 1.00 48.02  ? 83  HIS A O   1 
ATOM   650  C  CB  . HIS A 1 84  ? 1.942   4.679   -10.776 1.00 43.86  ? 83  HIS A CB  1 
ATOM   651  C  CG  . HIS A 1 84  ? 1.989   5.851   -9.849  1.00 49.32  ? 83  HIS A CG  1 
ATOM   652  N  ND1 . HIS A 1 84  ? 3.148   6.547   -9.591  1.00 47.43  ? 83  HIS A ND1 1 
ATOM   653  C  CD2 . HIS A 1 84  ? 1.021   6.449   -9.117  1.00 44.87  ? 83  HIS A CD2 1 
ATOM   654  C  CE1 . HIS A 1 84  ? 2.893   7.524   -8.742  1.00 44.27  ? 83  HIS A CE1 1 
ATOM   655  N  NE2 . HIS A 1 84  ? 1.609   7.486   -8.440  1.00 46.06  ? 83  HIS A NE2 1 
ATOM   656  N  N   . THR A 1 85  ? -0.581  6.573   -11.817 1.00 44.16  ? 84  THR A N   1 
ATOM   657  C  CA  . THR A 1 85  ? -0.895  7.795   -12.527 1.00 43.67  ? 84  THR A CA  1 
ATOM   658  C  C   . THR A 1 85  ? -1.276  8.907   -11.581 1.00 44.58  ? 84  THR A C   1 
ATOM   659  O  O   . THR A 1 85  ? -1.945  8.682   -10.594 1.00 41.47  ? 84  THR A O   1 
ATOM   660  C  CB  . THR A 1 85  ? -2.040  7.596   -13.521 1.00 48.27  ? 84  THR A CB  1 
ATOM   661  O  OG1 . THR A 1 85  ? -2.439  8.867   -14.045 1.00 57.51  ? 84  THR A OG1 1 
ATOM   662  C  CG2 . THR A 1 85  ? -3.216  6.959   -12.833 1.00 57.61  ? 84  THR A CG2 1 
ATOM   663  N  N   . TRP A 1 86  ? -0.835  10.110  -11.890 1.00 43.24  ? 85  TRP A N   1 
ATOM   664  C  CA  . TRP A 1 86  ? -1.166  11.255  -11.071 1.00 43.37  ? 85  TRP A CA  1 
ATOM   665  C  C   . TRP A 1 86  ? -0.969  12.570  -11.813 1.00 41.63  ? 85  TRP A C   1 
ATOM   666  O  O   . TRP A 1 86  ? -0.220  12.620  -12.768 1.00 43.96  ? 85  TRP A O   1 
ATOM   667  C  CB  . TRP A 1 86  ? -0.366  11.223  -9.772  1.00 39.90  ? 85  TRP A CB  1 
ATOM   668  C  CG  . TRP A 1 86  ? 1.038   11.630  -9.873  1.00 47.53  ? 85  TRP A CG  1 
ATOM   669  C  CD1 . TRP A 1 86  ? 2.111   10.823  -10.059 1.00 48.14  ? 85  TRP A CD1 1 
ATOM   670  C  CD2 . TRP A 1 86  ? 1.546   12.956  -9.753  1.00 42.24  ? 85  TRP A CD2 1 
ATOM   671  N  NE1 . TRP A 1 86  ? 3.261   11.563  -10.077 1.00 44.38  ? 85  TRP A NE1 1 
ATOM   672  C  CE2 . TRP A 1 86  ? 2.939   12.880  -9.893  1.00 44.41  ? 85  TRP A CE2 1 
ATOM   673  C  CE3 . TRP A 1 86  ? 0.956   14.203  -9.549  1.00 45.37  ? 85  TRP A CE3 1 
ATOM   674  C  CZ2 . TRP A 1 86  ? 3.751   14.001  -9.838  1.00 47.47  ? 85  TRP A CZ2 1 
ATOM   675  C  CZ3 . TRP A 1 86  ? 1.758   15.309  -9.497  1.00 40.34  ? 85  TRP A CZ3 1 
ATOM   676  C  CH2 . TRP A 1 86  ? 3.143   15.205  -9.638  1.00 46.94  ? 85  TRP A CH2 1 
ATOM   677  N  N   . SER A 1 87  ? -1.652  13.620  -11.377 1.00 41.10  ? 86  SER A N   1 
ATOM   678  C  CA  . SER A 1 87  ? -1.546  14.934  -11.995 1.00 49.13  ? 86  SER A CA  1 
ATOM   679  C  C   . SER A 1 87  ? -1.833  16.018  -10.979 1.00 48.97  ? 86  SER A C   1 
ATOM   680  O  O   . SER A 1 87  ? -2.753  15.898  -10.190 1.00 43.99  ? 86  SER A O   1 
ATOM   681  C  CB  . SER A 1 87  ? -2.521  15.072  -13.151 1.00 48.21  ? 86  SER A CB  1 
ATOM   682  O  OG  . SER A 1 87  ? -3.383  16.171  -12.965 1.00 54.88  ? 86  SER A OG  1 
ATOM   683  N  N   . GLU A 1 88  ? -1.056  17.085  -11.009 1.00 48.44  ? 87  GLU A N   1 
ATOM   684  C  CA  . GLU A 1 88  ? -1.269  18.192  -10.099 1.00 53.70  ? 87  GLU A CA  1 
ATOM   685  C  C   . GLU A 1 88  ? -2.580  18.881  -10.378 1.00 54.74  ? 87  GLU A C   1 
ATOM   686  O  O   . GLU A 1 88  ? -3.196  19.431  -9.486  1.00 59.19  ? 87  GLU A O   1 
ATOM   687  C  CB  . GLU A 1 88  ? -0.140  19.199  -10.228 1.00 50.55  ? 87  GLU A CB  1 
ATOM   688  C  CG  . GLU A 1 88  ? 1.172   18.740  -9.628  1.00 57.42  ? 87  GLU A CG  1 
ATOM   689  C  CD  . GLU A 1 88  ? 1.287   19.065  -8.156  1.00 62.52  ? 87  GLU A CD  1 
ATOM   690  O  OE1 . GLU A 1 88  ? 0.311   19.580  -7.579  1.00 72.26  ? 87  GLU A OE1 1 
ATOM   691  O  OE2 . GLU A 1 88  ? 2.357   18.803  -7.574  1.00 66.37  ? 87  GLU A OE2 1 
ATOM   692  N  N   . ALA A 1 89  ? -3.012  18.840  -11.620 1.00 56.65  ? 88  ALA A N   1 
ATOM   693  C  CA  . ALA A 1 89  ? -4.235  19.497  -11.998 1.00 55.12  ? 88  ALA A CA  1 
ATOM   694  C  C   . ALA A 1 89  ? -5.428  18.829  -11.391 1.00 58.05  ? 88  ALA A C   1 
ATOM   695  O  O   . ALA A 1 89  ? -6.436  19.468  -11.147 1.00 66.08  ? 88  ALA A O   1 
ATOM   696  C  CB  . ALA A 1 89  ? -4.367  19.497  -13.507 1.00 53.33  ? 88  ALA A CB  1 
ATOM   697  N  N   . GLU A 1 90  ? -5.329  17.541  -11.158 1.00 54.12  ? 89  GLU A N   1 
ATOM   698  C  CA  . GLU A 1 90  ? -6.458  16.820  -10.637 1.00 58.07  ? 89  GLU A CA  1 
ATOM   699  C  C   . GLU A 1 90  ? -6.341  16.590  -9.154  1.00 55.42  ? 89  GLU A C   1 
ATOM   700  O  O   . GLU A 1 90  ? -7.318  16.238  -8.518  1.00 49.11  ? 89  GLU A O   1 
ATOM   701  C  CB  . GLU A 1 90  ? -6.555  15.486  -11.349 1.00 58.97  ? 89  GLU A CB  1 
ATOM   702  C  CG  . GLU A 1 90  ? -6.510  15.586  -12.857 1.00 59.65  ? 89  GLU A CG  1 
ATOM   703  C  CD  . GLU A 1 90  ? -7.891  15.566  -13.465 1.00 73.29  ? 89  GLU A CD  1 
ATOM   704  O  OE1 . GLU A 1 90  ? -8.571  16.611  -13.424 1.00 74.30  ? 89  GLU A OE1 1 
ATOM   705  O  OE2 . GLU A 1 90  ? -8.300  14.505  -13.976 1.00 75.30  ? 89  GLU A OE2 1 
ATOM   706  N  N   . ASN A 1 91  ? -5.159  16.796  -8.599  1.00 53.11  ? 90  ASN A N   1 
ATOM   707  C  CA  . ASN A 1 91  ? -4.933  16.508  -7.198  1.00 49.07  ? 90  ASN A CA  1 
ATOM   708  C  C   . ASN A 1 91  ? -5.459  15.128  -6.945  1.00 46.01  ? 90  ASN A C   1 
ATOM   709  O  O   . ASN A 1 91  ? -6.026  14.847  -5.908  1.00 49.59  ? 90  ASN A O   1 
ATOM   710  C  CB  . ASN A 1 91  ? -5.583  17.560  -6.322  1.00 52.93  ? 90  ASN A CB  1 
ATOM   711  C  CG  . ASN A 1 91  ? -4.930  18.914  -6.467  1.00 58.50  ? 90  ASN A CG  1 
ATOM   712  O  OD1 . ASN A 1 91  ? -3.808  19.122  -6.016  1.00 57.86  ? 90  ASN A OD1 1 
ATOM   713  N  ND2 . ASN A 1 91  ? -5.625  19.840  -7.105  1.00 60.12  ? 90  ASN A ND2 1 
ATOM   714  N  N   . THR A 1 92  ? -5.258  14.259  -7.913  1.00 48.55  ? 91  THR A N   1 
ATOM   715  C  CA  . THR A 1 92  ? -5.734  12.909  -7.805  1.00 50.46  ? 91  THR A CA  1 
ATOM   716  C  C   . THR A 1 92  ? -4.722  11.964  -8.387  1.00 46.98  ? 91  THR A C   1 
ATOM   717  O  O   . THR A 1 92  ? -4.015  12.298  -9.318  1.00 42.29  ? 91  THR A O   1 
ATOM   718  C  CB  . THR A 1 92  ? -7.069  12.732  -8.542  1.00 53.77  ? 91  THR A CB  1 
ATOM   719  O  OG1 . THR A 1 92  ? -8.019  13.672  -8.035  1.00 58.29  ? 91  THR A OG1 1 
ATOM   720  C  CG2 . THR A 1 92  ? -7.610  11.330  -8.346  1.00 48.84  ? 91  THR A CG2 1 
ATOM   721  N  N   . GLY A 1 93  ? -4.644  10.784  -7.812  1.00 44.06  ? 92  GLY A N   1 
ATOM   722  C  CA  . GLY A 1 93  ? -3.746  9.787   -8.315  1.00 47.45  ? 92  GLY A CA  1 
ATOM   723  C  C   . GLY A 1 93  ? -4.224  8.381   -8.113  1.00 42.20  ? 92  GLY A C   1 
ATOM   724  O  O   . GLY A 1 93  ? -5.074  8.128   -7.285  1.00 46.72  ? 92  GLY A O   1 
ATOM   725  N  N   . TYR A 1 94  ? -3.658  7.458   -8.867  1.00 44.55  ? 93  TYR A N   1 
ATOM   726  C  CA  . TYR A 1 94  ? -4.051  6.078   -8.777  1.00 44.49  ? 93  TYR A CA  1 
ATOM   727  C  C   . TYR A 1 94  ? -2.878  5.124   -8.750  1.00 45.86  ? 93  TYR A C   1 
ATOM   728  O  O   . TYR A 1 94  ? -1.893  5.328   -9.438  1.00 44.93  ? 93  TYR A O   1 
ATOM   729  C  CB  . TYR A 1 94  ? -4.919  5.722   -9.966  1.00 43.93  ? 93  TYR A CB  1 
ATOM   730  C  CG  . TYR A 1 94  ? -6.184  6.506   -10.105 1.00 49.01  ? 93  TYR A CG  1 
ATOM   731  C  CD1 . TYR A 1 94  ? -6.207  7.693   -10.808 1.00 42.04  ? 93  TYR A CD1 1 
ATOM   732  C  CD2 . TYR A 1 94  ? -7.365  6.043   -9.562  1.00 50.16  ? 93  TYR A CD2 1 
ATOM   733  C  CE1 . TYR A 1 94  ? -7.371  8.414   -10.948 1.00 48.01  ? 93  TYR A CE1 1 
ATOM   734  C  CE2 . TYR A 1 94  ? -8.536  6.755   -9.698  1.00 50.99  ? 93  TYR A CE2 1 
ATOM   735  C  CZ  . TYR A 1 94  ? -8.532  7.939   -10.393 1.00 51.06  ? 93  TYR A CZ  1 
ATOM   736  O  OH  . TYR A 1 94  ? -9.692  8.655   -10.533 1.00 58.05  ? 93  TYR A OH  1 
ATOM   737  N  N   . VAL A 1 95  ? -2.985  4.073   -7.955  1.00 41.68  ? 94  VAL A N   1 
ATOM   738  C  CA  . VAL A 1 95  ? -1.952  3.055   -7.911  1.00 35.13  ? 94  VAL A CA  1 
ATOM   739  C  C   . VAL A 1 95  ? -2.580  1.671   -8.009  1.00 40.69  ? 94  VAL A C   1 
ATOM   740  O  O   . VAL A 1 95  ? -3.383  1.290   -7.180  1.00 44.26  ? 94  VAL A O   1 
ATOM   741  C  CB  . VAL A 1 95  ? -1.089  3.152   -6.646  1.00 35.74  ? 94  VAL A CB  1 
ATOM   742  C  CG1 . VAL A 1 95  ? -0.041  2.057   -6.641  1.00 42.91  ? 94  VAL A CG1 1 
ATOM   743  C  CG2 . VAL A 1 95  ? -0.448  4.519   -6.522  1.00 35.15  ? 94  VAL A CG2 1 
ATOM   744  N  N   . SER A 1 96  ? -2.227  0.924   -9.036  1.00 39.14  ? 95  SER A N   1 
ATOM   745  C  CA  . SER A 1 96  ? -2.734  -0.423  -9.191  1.00 42.73  ? 95  SER A CA  1 
ATOM   746  C  C   . SER A 1 96  ? -1.733  -1.429  -8.658  1.00 48.07  ? 95  SER A C   1 
ATOM   747  O  O   . SER A 1 96  ? -0.569  -1.401  -9.028  1.00 47.31  ? 95  SER A O   1 
ATOM   748  C  CB  . SER A 1 96  ? -3.036  -0.712  -10.655 1.00 46.04  ? 95  SER A CB  1 
ATOM   749  O  OG  . SER A 1 96  ? -3.950  0.211   -11.193 1.00 49.19  ? 95  SER A OG  1 
ATOM   750  N  N   . PHE A 1 97  ? -2.182  -2.330  -7.799  1.00 48.30  ? 96  PHE A N   1 
ATOM   751  C  CA  . PHE A 1 97  ? -1.251  -3.254  -7.175  1.00 44.76  ? 96  PHE A CA  1 
ATOM   752  C  C   . PHE A 1 97  ? -1.741  -4.655  -6.869  1.00 56.17  ? 96  PHE A C   1 
ATOM   753  O  O   . PHE A 1 97  ? -2.936  -4.913  -6.868  1.00 56.22  ? 96  PHE A O   1 
ATOM   754  C  CB  . PHE A 1 97  ? -0.787  -2.644  -5.866  1.00 41.03  ? 96  PHE A CB  1 
ATOM   755  C  CG  . PHE A 1 97  ? -1.865  -2.494  -4.845  1.00 44.40  ? 96  PHE A CG  1 
ATOM   756  C  CD1 . PHE A 1 97  ? -2.698  -1.397  -4.859  1.00 46.91  ? 96  PHE A CD1 1 
ATOM   757  C  CD2 . PHE A 1 97  ? -2.029  -3.441  -3.854  1.00 45.26  ? 96  PHE A CD2 1 
ATOM   758  C  CE1 . PHE A 1 97  ? -3.689  -1.250  -3.916  1.00 48.50  ? 96  PHE A CE1 1 
ATOM   759  C  CE2 . PHE A 1 97  ? -3.016  -3.302  -2.906  1.00 45.57  ? 96  PHE A CE2 1 
ATOM   760  C  CZ  . PHE A 1 97  ? -3.848  -2.204  -2.936  1.00 41.86  ? 96  PHE A CZ  1 
ATOM   761  N  N   . ILE A 1 98  ? -0.813  -5.563  -6.616  1.00 50.08  ? 97  ILE A N   1 
ATOM   762  C  CA  . ILE A 1 98  ? -1.170  -6.897  -6.203  1.00 52.95  ? 97  ILE A CA  1 
ATOM   763  C  C   . ILE A 1 98  ? -0.505  -7.106  -4.875  1.00 51.77  ? 97  ILE A C   1 
ATOM   764  O  O   . ILE A 1 98  ? 0.703   -6.999  -4.764  1.00 55.28  ? 97  ILE A O   1 
ATOM   765  C  CB  . ILE A 1 98  ? -0.647  -7.974  -7.145  1.00 58.77  ? 97  ILE A CB  1 
ATOM   766  C  CG1 . ILE A 1 98  ? -1.087  -7.696  -8.577  1.00 64.51  ? 97  ILE A CG1 1 
ATOM   767  C  CG2 . ILE A 1 98  ? -1.131  -9.344  -6.697  1.00 55.15  ? 97  ILE A CG2 1 
ATOM   768  C  CD1 . ILE A 1 98  ? -0.019  -8.028  -9.592  1.00 79.86  ? 97  ILE A CD1 1 
ATOM   769  N  N   . ALA A 1 99  ? -1.292  -7.391  -3.858  1.00 49.40  ? 98  ALA A N   1 
ATOM   770  C  CA  . ALA A 1 99  ? -0.733  -7.620  -2.549  1.00 47.10  ? 98  ALA A CA  1 
ATOM   771  C  C   . ALA A 1 99  ? -1.026  -9.021  -2.106  1.00 53.62  ? 98  ALA A C   1 
ATOM   772  O  O   . ALA A 1 99  ? -2.169  -9.383  -1.895  1.00 53.63  ? 98  ALA A O   1 
ATOM   773  C  CB  . ALA A 1 99  ? -1.278  -6.633  -1.560  1.00 45.23  ? 98  ALA A CB  1 
ATOM   774  N  N   . ARG A 1 100 ? 0.019   -9.814  -1.958  1.00 56.40  ? 99  ARG A N   1 
ATOM   775  C  CA  . ARG A 1 100 ? -0.160  -11.196 -1.598  1.00 51.02  ? 99  ARG A CA  1 
ATOM   776  C  C   . ARG A 1 100 ? -0.100  -11.366 -0.116  1.00 54.84  ? 99  ARG A C   1 
ATOM   777  O  O   . ARG A 1 100 ? 0.584   -10.632 0.576   1.00 49.73  ? 99  ARG A O   1 
ATOM   778  C  CB  . ARG A 1 100 ? 0.883   -12.037 -2.308  1.00 61.66  ? 99  ARG A CB  1 
ATOM   779  C  CG  . ARG A 1 100 ? 0.877   -11.865 -3.816  1.00 60.31  ? 99  ARG A CG  1 
ATOM   780  C  CD  . ARG A 1 100 ? 1.765   -12.887 -4.507  1.00 65.48  ? 99  ARG A CD  1 
ATOM   781  N  NE  . ARG A 1 100 ? 1.687   -12.795 -5.963  1.00 77.15  ? 99  ARG A NE  1 
ATOM   782  C  CZ  . ARG A 1 100 ? 0.826   -13.475 -6.714  1.00 81.69  ? 99  ARG A CZ  1 
ATOM   783  N  NH1 . ARG A 1 100 ? -0.037  -14.307 -6.152  1.00 81.41  ? 99  ARG A NH1 1 
ATOM   784  N  NH2 . ARG A 1 100 ? 0.828   -13.329 -8.030  1.00 79.06  ? 99  ARG A NH2 1 
ATOM   785  N  N   . PHE A 1 101 ? -0.836  -12.339 0.383   1.00 57.18  ? 100 PHE A N   1 
ATOM   786  C  CA  . PHE A 1 101 ? -0.925  -12.506 1.807   1.00 54.69  ? 100 PHE A CA  1 
ATOM   787  C  C   . PHE A 1 101 ? -1.301  -13.898 2.194   1.00 58.97  ? 100 PHE A C   1 
ATOM   788  O  O   . PHE A 1 101 ? -1.459  -14.766 1.352   1.00 62.79  ? 100 PHE A O   1 
ATOM   789  C  CB  . PHE A 1 101 ? -2.012  -11.593 2.327   1.00 58.08  ? 100 PHE A CB  1 
ATOM   790  C  CG  . PHE A 1 101 ? -3.341  -11.816 1.680   1.00 58.91  ? 100 PHE A CG  1 
ATOM   791  C  CD1 . PHE A 1 101 ? -3.691  -11.123 0.539   1.00 57.51  ? 100 PHE A CD1 1 
ATOM   792  C  CD2 . PHE A 1 101 ? -4.238  -12.724 2.208   1.00 62.96  ? 100 PHE A CD2 1 
ATOM   793  C  CE1 . PHE A 1 101 ? -4.911  -11.329 -0.063  1.00 55.87  ? 100 PHE A CE1 1 
ATOM   794  C  CE2 . PHE A 1 101 ? -5.459  -12.937 1.610   1.00 62.59  ? 100 PHE A CE2 1 
ATOM   795  C  CZ  . PHE A 1 101 ? -5.796  -12.236 0.472   1.00 64.20  ? 100 PHE A CZ  1 
ATOM   796  N  N   . SER A 1 102 ? -1.484  -14.106 3.481   1.00 59.51  ? 101 SER A N   1 
ATOM   797  C  CA  . SER A 1 102 ? -1.897  -15.400 3.957   1.00 61.92  ? 101 SER A CA  1 
ATOM   798  C  C   . SER A 1 102 ? -2.896  -15.214 5.061   1.00 65.22  ? 101 SER A C   1 
ATOM   799  O  O   . SER A 1 102 ? -2.739  -14.340 5.907   1.00 61.22  ? 101 SER A O   1 
ATOM   800  C  CB  . SER A 1 102 ? -0.713  -16.203 4.471   1.00 58.41  ? 101 SER A CB  1 
ATOM   801  O  OG  . SER A 1 102 ? -0.572  -16.080 5.873   1.00 60.69  ? 101 SER A OG  1 
ATOM   802  N  N   . GLU A 1 103 ? -3.928  -16.037 5.051   1.00 65.83  ? 102 GLU A N   1 
ATOM   803  C  CA  . GLU A 1 103 ? -4.954  -15.948 6.068   1.00 72.04  ? 102 GLU A CA  1 
ATOM   804  C  C   . GLU A 1 103 ? -5.360  -17.332 6.491   1.00 67.72  ? 102 GLU A C   1 
ATOM   805  O  O   . GLU A 1 103 ? -5.708  -18.156 5.658   1.00 66.12  ? 102 GLU A O   1 
ATOM   806  C  CB  . GLU A 1 103 ? -6.153  -15.173 5.545   1.00 75.50  ? 102 GLU A CB  1 
ATOM   807  C  CG  . GLU A 1 103 ? -6.020  -13.672 5.709   1.00 84.82  ? 102 GLU A CG  1 
ATOM   808  C  CD  . GLU A 1 103 ? -7.358  -12.969 5.751   1.00 92.38  ? 102 GLU A CD  1 
ATOM   809  O  OE1 . GLU A 1 103 ? -7.377  -11.721 5.688   1.00 101.82 ? 102 GLU A OE1 1 
ATOM   810  O  OE2 . GLU A 1 103 ? -8.391  -13.665 5.845   1.00 90.10  ? 102 GLU A OE2 1 
ATOM   811  N  N   . GLN A 1 104 ? -5.303  -17.593 7.783   1.00 67.42  ? 103 GLN A N   1 
ATOM   812  C  CA  . GLN A 1 104 ? -5.619  -18.915 8.295   1.00 74.05  ? 103 GLN A CA  1 
ATOM   813  C  C   . GLN A 1 104 ? -4.845  -19.963 7.541   1.00 73.31  ? 103 GLN A C   1 
ATOM   814  O  O   . GLN A 1 104 ? -5.384  -21.005 7.195   1.00 77.75  ? 103 GLN A O   1 
ATOM   815  C  CB  . GLN A 1 104 ? -7.110  -19.198 8.188   1.00 72.06  ? 103 GLN A CB  1 
ATOM   816  C  CG  . GLN A 1 104 ? -7.999  -18.031 8.579   1.00 80.00  ? 103 GLN A CG  1 
ATOM   817  C  CD  . GLN A 1 104 ? -7.658  -17.477 9.945   1.00 82.27  ? 103 GLN A CD  1 
ATOM   818  O  OE1 . GLN A 1 104 ? -7.759  -18.175 10.952  1.00 80.76  ? 103 GLN A OE1 1 
ATOM   819  N  NE2 . GLN A 1 104 ? -7.246  -16.216 9.987   1.00 85.81  ? 103 GLN A NE2 1 
ATOM   820  N  N   . GLY A 1 105 ? -3.582  -19.689 7.268   1.00 66.48  ? 104 GLY A N   1 
ATOM   821  C  CA  . GLY A 1 105 ? -2.755  -20.654 6.591   1.00 61.01  ? 104 GLY A CA  1 
ATOM   822  C  C   . GLY A 1 105 ? -3.021  -20.763 5.119   1.00 64.71  ? 104 GLY A C   1 
ATOM   823  O  O   . GLY A 1 105 ? -2.329  -21.481 4.417   1.00 62.39  ? 104 GLY A O   1 
ATOM   824  N  N   . LYS A 1 106 ? -4.024  -20.049 4.646   1.00 62.37  ? 105 LYS A N   1 
ATOM   825  C  CA  . LYS A 1 106 ? -4.338  -20.080 3.232   1.00 63.54  ? 105 LYS A CA  1 
ATOM   826  C  C   . LYS A 1 106 ? -3.850  -18.833 2.546   1.00 69.61  ? 105 LYS A C   1 
ATOM   827  O  O   . LYS A 1 106 ? -4.073  -17.727 3.014   1.00 60.03  ? 105 LYS A O   1 
ATOM   828  C  CB  . LYS A 1 106 ? -5.833  -20.251 3.004   1.00 65.76  ? 105 LYS A CB  1 
ATOM   829  C  CG  . LYS A 1 106 ? -6.215  -20.439 1.551   1.00 73.26  ? 105 LYS A CG  1 
ATOM   830  C  CD  . LYS A 1 106 ? -5.380  -21.528 0.902   1.00 74.75  ? 105 LYS A CD  1 
ATOM   831  C  CE  . LYS A 1 106 ? -5.133  -21.229 -0.568  1.00 73.25  ? 105 LYS A CE  1 
ATOM   832  N  NZ  . LYS A 1 106 ? -3.680  -21.225 -0.897  1.00 75.59  ? 105 LYS A NZ  1 
ATOM   833  N  N   . ASN A 1 107 ? -3.182  -19.021 1.429   1.00 64.32  ? 106 ASN A N   1 
ATOM   834  C  CA  . ASN A 1 107 ? -2.647  -17.905 0.704   1.00 61.28  ? 106 ASN A CA  1 
ATOM   835  C  C   . ASN A 1 107 ? -3.690  -17.243 -0.169  1.00 67.83  ? 106 ASN A C   1 
ATOM   836  O  O   . ASN A 1 107 ? -4.689  -17.854 -0.519  1.00 69.43  ? 106 ASN A O   1 
ATOM   837  C  CB  . ASN A 1 107 ? -1.482  -18.394 -0.138  1.00 60.40  ? 106 ASN A CB  1 
ATOM   838  C  CG  . ASN A 1 107 ? -0.253  -18.681 0.685   1.00 60.71  ? 106 ASN A CG  1 
ATOM   839  O  OD1 . ASN A 1 107 ? -0.303  -18.702 1.911   1.00 69.30  ? 106 ASN A OD1 1 
ATOM   840  N  ND2 . ASN A 1 107 ? 0.863   -18.905 0.013   1.00 59.73  ? 106 ASN A ND2 1 
ATOM   841  N  N   . GLY A 1 108 ? -3.463  -15.987 -0.514  1.00 66.92  ? 107 GLY A N   1 
ATOM   842  C  CA  . GLY A 1 108 ? -4.388  -15.246 -1.350  1.00 58.27  ? 107 GLY A CA  1 
ATOM   843  C  C   . GLY A 1 108 ? -3.764  -13.962 -1.844  1.00 64.36  ? 107 GLY A C   1 
ATOM   844  O  O   . GLY A 1 108 ? -2.692  -13.584 -1.392  1.00 58.60  ? 107 GLY A O   1 
ATOM   845  N  N   . ALA A 1 109 ? -4.436  -13.280 -2.759  1.00 65.34  ? 108 ALA A N   1 
ATOM   846  C  CA  . ALA A 1 109 ? -3.893  -12.055 -3.327  1.00 60.58  ? 108 ALA A CA  1 
ATOM   847  C  C   . ALA A 1 109 ? -4.916  -10.972 -3.570  1.00 65.62  ? 108 ALA A C   1 
ATOM   848  O  O   . ALA A 1 109 ? -6.005  -11.243 -4.052  1.00 68.43  ? 108 ALA A O   1 
ATOM   849  C  CB  . ALA A 1 109 ? -3.204  -12.372 -4.628  1.00 62.71  ? 108 ALA A CB  1 
ATOM   850  N  N   . ILE A 1 110 ? -4.561  -9.737  -3.263  1.00 57.14  ? 109 ILE A N   1 
ATOM   851  C  CA  . ILE A 1 110 ? -5.443  -8.628  -3.537  1.00 56.21  ? 109 ILE A CA  1 
ATOM   852  C  C   . ILE A 1 110 ? -5.000  -7.908  -4.783  1.00 58.25  ? 109 ILE A C   1 
ATOM   853  O  O   . ILE A 1 110 ? -3.828  -7.613  -4.934  1.00 61.24  ? 109 ILE A O   1 
ATOM   854  C  CB  . ILE A 1 110 ? -5.443  -7.625  -2.383  1.00 52.85  ? 109 ILE A CB  1 
ATOM   855  C  CG1 . ILE A 1 110 ? -6.308  -8.134  -1.237  1.00 60.44  ? 109 ILE A CG1 1 
ATOM   856  C  CG2 . ILE A 1 110 ? -5.929  -6.263  -2.850  1.00 55.05  ? 109 ILE A CG2 1 
ATOM   857  C  CD1 . ILE A 1 110 ? -5.785  -7.734  0.122   1.00 57.24  ? 109 ILE A CD1 1 
ATOM   858  N  N   . ILE A 1 111 ? -5.920  -7.649  -5.696  1.00 57.23  ? 110 ILE A N   1 
ATOM   859  C  CA  . ILE A 1 111 ? -5.595  -6.861  -6.871  1.00 55.65  ? 110 ILE A CA  1 
ATOM   860  C  C   . ILE A 1 111 ? -6.526  -5.670  -6.907  1.00 54.36  ? 110 ILE A C   1 
ATOM   861  O  O   . ILE A 1 111 ? -7.713  -5.823  -7.122  1.00 57.79  ? 110 ILE A O   1 
ATOM   862  C  CB  . ILE A 1 111 ? -5.720  -7.667  -8.160  1.00 59.67  ? 110 ILE A CB  1 
ATOM   863  C  CG1 . ILE A 1 111 ? -4.863  -8.929  -8.067  1.00 67.02  ? 110 ILE A CG1 1 
ATOM   864  C  CG2 . ILE A 1 111 ? -5.303  -6.819  -9.349  1.00 54.39  ? 110 ILE A CG2 1 
ATOM   865  C  CD1 . ILE A 1 111 ? -4.362  -9.434  -9.398  1.00 78.02  ? 110 ILE A CD1 1 
ATOM   866  N  N   . GLU A 1 112 ? -5.991  -4.480  -6.692  1.00 55.19  ? 111 GLU A N   1 
ATOM   867  C  CA  . GLU A 1 112 ? -6.818  -3.294  -6.632  1.00 57.17  ? 111 GLU A CA  1 
ATOM   868  C  C   . GLU A 1 112 ? -6.170  -2.059  -7.200  1.00 50.47  ? 111 GLU A C   1 
ATOM   869  O  O   . GLU A 1 112 ? -4.953  -1.982  -7.275  1.00 49.27  ? 111 GLU A O   1 
ATOM   870  C  CB  . GLU A 1 112 ? -7.182  -3.024  -5.171  1.00 58.73  ? 111 GLU A CB  1 
ATOM   871  C  CG  . GLU A 1 112 ? -8.058  -1.812  -4.930  1.00 71.26  ? 111 GLU A CG  1 
ATOM   872  C  CD  . GLU A 1 112 ? -9.472  -2.197  -4.582  1.00 75.46  ? 111 GLU A CD  1 
ATOM   873  O  OE1 . GLU A 1 112 ? -10.157 -1.410  -3.902  1.00 82.53  ? 111 GLU A OE1 1 
ATOM   874  O  OE2 . GLU A 1 112 ? -9.895  -3.297  -4.985  1.00 77.93  ? 111 GLU A OE2 1 
ATOM   875  N  N   . ARG A 1 113 ? -6.978  -1.096  -7.614  1.00 51.88  ? 112 ARG A N   1 
ATOM   876  C  CA  . ARG A 1 113 ? -6.459  0.178   -8.065  1.00 48.68  ? 112 ARG A CA  1 
ATOM   877  C  C   . ARG A 1 113 ? -6.966  1.177   -7.082  1.00 45.52  ? 112 ARG A C   1 
ATOM   878  O  O   . ARG A 1 113 ? -8.133  1.519   -7.088  1.00 46.30  ? 112 ARG A O   1 
ATOM   879  C  CB  . ARG A 1 113 ? -6.939  0.530   -9.450  1.00 48.58  ? 112 ARG A CB  1 
ATOM   880  C  CG  . ARG A 1 113 ? -6.377  1.825   -10.000 1.00 45.53  ? 112 ARG A CG  1 
ATOM   881  C  CD  . ARG A 1 113 ? -6.750  1.953   -11.460 1.00 39.84  ? 112 ARG A CD  1 
ATOM   882  N  NE  . ARG A 1 113 ? -5.906  2.894   -12.180 1.00 48.06  ? 112 ARG A NE  1 
ATOM   883  C  CZ  . ARG A 1 113 ? -6.333  4.056   -12.652 1.00 46.52  ? 112 ARG A CZ  1 
ATOM   884  N  NH1 . ARG A 1 113 ? -7.589  4.424   -12.470 1.00 45.81  ? 112 ARG A NH1 1 
ATOM   885  N  NH2 . ARG A 1 113 ? -5.505  4.850   -13.302 1.00 45.02  ? 112 ARG A NH2 1 
ATOM   886  N  N   . SER A 1 114 ? -6.085  1.645   -6.224  1.00 44.98  ? 113 SER A N   1 
ATOM   887  C  CA  . SER A 1 114 ? -6.486  2.566   -5.192  1.00 46.91  ? 113 SER A CA  1 
ATOM   888  C  C   . SER A 1 114 ? -6.371  4.009   -5.637  1.00 44.48  ? 113 SER A C   1 
ATOM   889  O  O   . SER A 1 114 ? -5.527  4.344   -6.445  1.00 42.40  ? 113 SER A O   1 
ATOM   890  C  CB  . SER A 1 114 ? -5.661  2.307   -3.929  1.00 42.80  ? 113 SER A CB  1 
ATOM   891  O  OG  . SER A 1 114 ? -5.879  1.005   -3.441  1.00 49.26  ? 113 SER A OG  1 
ATOM   892  N  N   . ARG A 1 115 ? -7.245  4.854   -5.116  1.00 45.25  ? 114 ARG A N   1 
ATOM   893  C  CA  . ARG A 1 115 ? -7.203  6.265   -5.444  1.00 45.03  ? 114 ARG A CA  1 
ATOM   894  C  C   . ARG A 1 115 ? -6.651  7.091   -4.317  1.00 46.66  ? 114 ARG A C   1 
ATOM   895  O  O   . ARG A 1 115 ? -6.890  6.814   -3.156  1.00 44.92  ? 114 ARG A O   1 
ATOM   896  C  CB  . ARG A 1 115 ? -8.580  6.790   -5.809  1.00 46.06  ? 114 ARG A CB  1 
ATOM   897  C  CG  . ARG A 1 115 ? -8.587  8.199   -6.365  1.00 48.78  ? 114 ARG A CG  1 
ATOM   898  C  CD  . ARG A 1 115 ? -9.965  8.557   -6.882  1.00 48.56  ? 114 ARG A CD  1 
ATOM   899  N  NE  . ARG A 1 115 ? -10.972 8.455   -5.835  1.00 51.20  ? 114 ARG A NE  1 
ATOM   900  C  CZ  . ARG A 1 115 ? -11.592 9.496   -5.296  1.00 45.86  ? 114 ARG A CZ  1 
ATOM   901  N  NH1 . ARG A 1 115 ? -11.312 10.718  -5.712  1.00 44.55  ? 114 ARG A NH1 1 
ATOM   902  N  NH2 . ARG A 1 115 ? -12.492 9.317   -4.346  1.00 44.90  ? 114 ARG A NH2 1 
ATOM   903  N  N   . PHE A 1 116 ? -5.908  8.117   -4.676  1.00 45.76  ? 115 PHE A N   1 
ATOM   904  C  CA  . PHE A 1 116 ? -5.309  8.969   -3.693  1.00 44.89  ? 115 PHE A CA  1 
ATOM   905  C  C   . PHE A 1 116 ? -5.586  10.409  -4.034  1.00 40.19  ? 115 PHE A C   1 
ATOM   906  O  O   . PHE A 1 116 ? -5.609  10.775  -5.194  1.00 43.27  ? 115 PHE A O   1 
ATOM   907  C  CB  . PHE A 1 116 ? -3.818  8.701   -3.646  1.00 42.67  ? 115 PHE A CB  1 
ATOM   908  C  CG  . PHE A 1 116 ? -3.473  7.275   -3.346  1.00 45.53  ? 115 PHE A CG  1 
ATOM   909  C  CD1 . PHE A 1 116 ? -3.451  6.328   -4.352  1.00 37.79  ? 115 PHE A CD1 1 
ATOM   910  C  CD2 . PHE A 1 116 ? -3.178  6.885   -2.056  1.00 41.15  ? 115 PHE A CD2 1 
ATOM   911  C  CE1 . PHE A 1 116 ? -3.144  5.016   -4.074  1.00 43.14  ? 115 PHE A CE1 1 
ATOM   912  C  CE2 . PHE A 1 116 ? -2.865  5.575   -1.772  1.00 39.52  ? 115 PHE A CE2 1 
ATOM   913  C  CZ  . PHE A 1 116 ? -2.846  4.639   -2.783  1.00 46.06  ? 115 PHE A CZ  1 
ATOM   914  N  N   . ILE A 1 117 ? -5.799  11.224  -3.020  1.00 46.61  ? 116 ILE A N   1 
ATOM   915  C  CA  . ILE A 1 117 ? -6.114  12.615  -3.227  1.00 44.92  ? 116 ILE A CA  1 
ATOM   916  C  C   . ILE A 1 117 ? -5.143  13.479  -2.479  1.00 46.02  ? 116 ILE A C   1 
ATOM   917  O  O   . ILE A 1 117 ? -4.692  13.120  -1.408  1.00 43.24  ? 116 ILE A O   1 
ATOM   918  C  CB  . ILE A 1 117 ? -7.540  12.937  -2.741  1.00 48.20  ? 116 ILE A CB  1 
ATOM   919  C  CG1 . ILE A 1 117 ? -8.559  12.075  -3.477  1.00 53.29  ? 116 ILE A CG1 1 
ATOM   920  C  CG2 . ILE A 1 117 ? -7.865  14.407  -2.924  1.00 43.59  ? 116 ILE A CG2 1 
ATOM   921  C  CD1 . ILE A 1 117 ? -8.513  12.249  -4.973  1.00 47.26  ? 116 ILE A CD1 1 
ATOM   922  N  N   . LYS A 1 118 ? -4.821  14.628  -3.043  1.00 48.63  ? 117 LYS A N   1 
ATOM   923  C  CA  . LYS A 1 118 ? -3.872  15.525  -2.416  1.00 49.38  ? 117 LYS A CA  1 
ATOM   924  C  C   . LYS A 1 118 ? -4.492  16.710  -1.714  1.00 46.52  ? 117 LYS A C   1 
ATOM   925  O  O   . LYS A 1 118 ? -5.334  17.391  -2.267  1.00 47.23  ? 117 LYS A O   1 
ATOM   926  C  CB  . LYS A 1 118 ? -2.886  16.037  -3.453  1.00 46.94  ? 117 LYS A CB  1 
ATOM   927  C  CG  . LYS A 1 118 ? -1.475  16.161  -2.923  1.00 50.61  ? 117 LYS A CG  1 
ATOM   928  C  CD  . LYS A 1 118 ? -0.877  17.498  -3.302  1.00 51.45  ? 117 LYS A CD  1 
ATOM   929  C  CE  . LYS A 1 118 ? -0.342  17.465  -4.720  1.00 54.80  ? 117 LYS A CE  1 
ATOM   930  N  NZ  . LYS A 1 118 ? 1.111   17.779  -4.759  1.00 62.72  ? 117 LYS A NZ  1 
ATOM   931  N  N   . GLU A 1 119 ? -4.069  16.952  -0.488  1.00 47.35  ? 118 GLU A N   1 
ATOM   932  C  CA  . GLU A 1 119 ? -4.555  18.085  0.271   1.00 48.52  ? 118 GLU A CA  1 
ATOM   933  C  C   . GLU A 1 119 ? -3.397  18.771  0.973   1.00 48.99  ? 118 GLU A C   1 
ATOM   934  O  O   . GLU A 1 119 ? -2.696  18.151  1.758   1.00 53.60  ? 118 GLU A O   1 
ATOM   935  C  CB  . GLU A 1 119 ? -5.594  17.644  1.286   1.00 49.11  ? 118 GLU A CB  1 
ATOM   936  C  CG  . GLU A 1 119 ? -6.664  16.716  0.743   1.00 50.32  ? 118 GLU A CG  1 
ATOM   937  C  CD  . GLU A 1 119 ? -7.777  17.458  0.031   1.00 53.41  ? 118 GLU A CD  1 
ATOM   938  O  OE1 . GLU A 1 119 ? -8.651  16.798  -0.558  1.00 54.63  ? 118 GLU A OE1 1 
ATOM   939  O  OE2 . GLU A 1 119 ? -7.779  18.701  0.060   1.00 56.12  ? 118 GLU A OE2 1 
ATOM   940  N  N   . ASN A 1 120 ? -3.188  20.045  0.686   1.00 54.38  ? 119 ASN A N   1 
ATOM   941  C  CA  . ASN A 1 120 ? -2.100  20.826  1.296   1.00 59.20  ? 119 ASN A CA  1 
ATOM   942  C  C   . ASN A 1 120 ? -0.727  20.192  1.182   1.00 52.17  ? 119 ASN A C   1 
ATOM   943  O  O   . ASN A 1 120 ? 0.001   20.108  2.155   1.00 52.73  ? 119 ASN A O   1 
ATOM   944  C  CB  . ASN A 1 120 ? -2.420  21.138  2.754   1.00 55.92  ? 119 ASN A CB  1 
ATOM   945  C  CG  . ASN A 1 120 ? -1.716  22.379  3.250   1.00 66.90  ? 119 ASN A CG  1 
ATOM   946  O  OD1 . ASN A 1 120 ? -1.583  23.360  2.527   1.00 70.92  ? 119 ASN A OD1 1 
ATOM   947  N  ND2 . ASN A 1 120 ? -1.259  22.339  4.493   1.00 59.96  ? 119 ASN A ND2 1 
ATOM   948  N  N   . GLY A 1 121 ? -0.374  19.757  -0.012  1.00 53.05  ? 120 GLY A N   1 
ATOM   949  C  CA  . GLY A 1 121 ? 0.932   19.183  -0.231  1.00 50.60  ? 120 GLY A CA  1 
ATOM   950  C  C   . GLY A 1 121 ? 1.084   17.734  0.128   1.00 56.36  ? 120 GLY A C   1 
ATOM   951  O  O   . GLY A 1 121 ? 2.135   17.155  -0.100  1.00 52.47  ? 120 GLY A O   1 
ATOM   952  N  N   . GLN A 1 122 ? 0.042   17.133  0.675   1.00 56.91  ? 121 GLN A N   1 
ATOM   953  C  CA  . GLN A 1 122 ? 0.145   15.760  1.126   1.00 53.47  ? 121 GLN A CA  1 
ATOM   954  C  C   . GLN A 1 122 ? -0.855  14.861  0.444   1.00 47.89  ? 121 GLN A C   1 
ATOM   955  O  O   . GLN A 1 122 ? -1.964  15.266  0.155   1.00 49.77  ? 121 GLN A O   1 
ATOM   956  C  CB  . GLN A 1 122 ? -0.026  15.727  2.638   1.00 57.37  ? 121 GLN A CB  1 
ATOM   957  C  CG  . GLN A 1 122 ? 0.125   14.373  3.298   1.00 63.30  ? 121 GLN A CG  1 
ATOM   958  C  CD  . GLN A 1 122 ? 0.173   14.491  4.811   1.00 67.30  ? 121 GLN A CD  1 
ATOM   959  O  OE1 . GLN A 1 122 ? 0.566   15.525  5.349   1.00 65.92  ? 121 GLN A OE1 1 
ATOM   960  N  NE2 . GLN A 1 122 ? -0.230  13.432  5.503   1.00 59.14  ? 121 GLN A NE2 1 
ATOM   961  N  N   . TRP A 1 123 ? -0.449  13.635  0.180   1.00 44.65  ? 122 TRP A N   1 
ATOM   962  C  CA  . TRP A 1 123 ? -1.326  12.688  -0.464  1.00 46.16  ? 122 TRP A CA  1 
ATOM   963  C  C   . TRP A 1 123 ? -2.048  11.848  0.571   1.00 43.80  ? 122 TRP A C   1 
ATOM   964  O  O   . TRP A 1 123 ? -1.507  11.564  1.620   1.00 45.55  ? 122 TRP A O   1 
ATOM   965  C  CB  . TRP A 1 123 ? -0.518  11.811  -1.411  1.00 44.62  ? 122 TRP A CB  1 
ATOM   966  C  CG  . TRP A 1 123 ? -0.157  12.447  -2.703  1.00 42.01  ? 122 TRP A CG  1 
ATOM   967  C  CD1 . TRP A 1 123 ? 1.061   12.934  -3.060  1.00 45.97  ? 122 TRP A CD1 1 
ATOM   968  C  CD2 . TRP A 1 123 ? -1.015  12.650  -3.826  1.00 45.39  ? 122 TRP A CD2 1 
ATOM   969  N  NE1 . TRP A 1 123 ? 1.015   13.437  -4.333  1.00 44.73  ? 122 TRP A NE1 1 
ATOM   970  C  CE2 . TRP A 1 123 ? -0.250  13.276  -4.826  1.00 41.70  ? 122 TRP A CE2 1 
ATOM   971  C  CE3 . TRP A 1 123 ? -2.357  12.367  -4.084  1.00 41.43  ? 122 TRP A CE3 1 
ATOM   972  C  CZ2 . TRP A 1 123 ? -0.782  13.624  -6.059  1.00 37.28  ? 122 TRP A CZ2 1 
ATOM   973  C  CZ3 . TRP A 1 123 ? -2.882  12.714  -5.305  1.00 41.29  ? 122 TRP A CZ3 1 
ATOM   974  C  CH2 . TRP A 1 123 ? -2.098  13.333  -6.279  1.00 45.58  ? 122 TRP A CH2 1 
ATOM   975  N  N   . TYR A 1 124 ? -3.279  11.486  0.279   1.00 44.57  ? 123 TYR A N   1 
ATOM   976  C  CA  . TYR A 1 124 ? -4.064  10.704  1.207   1.00 45.76  ? 123 TYR A CA  1 
ATOM   977  C  C   . TYR A 1 124 ? -4.816  9.626   0.497   1.00 41.59  ? 123 TYR A C   1 
ATOM   978  O  O   . TYR A 1 124 ? -5.248  9.804   -0.624  1.00 43.68  ? 123 TYR A O   1 
ATOM   979  C  CB  . TYR A 1 124 ? -5.072  11.581  1.943   1.00 40.69  ? 123 TYR A CB  1 
ATOM   980  C  CG  . TYR A 1 124 ? -4.479  12.634  2.821   1.00 38.73  ? 123 TYR A CG  1 
ATOM   981  C  CD1 . TYR A 1 124 ? -4.207  12.374  4.149   1.00 42.64  ? 123 TYR A CD1 1 
ATOM   982  C  CD2 . TYR A 1 124 ? -4.208  13.897  2.330   1.00 44.54  ? 123 TYR A CD2 1 
ATOM   983  C  CE1 . TYR A 1 124 ? -3.670  13.342  4.965   1.00 44.25  ? 123 TYR A CE1 1 
ATOM   984  C  CE2 . TYR A 1 124 ? -3.669  14.872  3.135   1.00 45.84  ? 123 TYR A CE2 1 
ATOM   985  C  CZ  . TYR A 1 124 ? -3.404  14.587  4.452   1.00 58.01  ? 123 TYR A CZ  1 
ATOM   986  O  OH  . TYR A 1 124 ? -2.868  15.551  5.264   1.00 53.88  ? 123 TYR A OH  1 
ATOM   987  N  N   . TYR A 1 125 ? -4.974  8.499   1.157   1.00 46.47  ? 124 TYR A N   1 
ATOM   988  C  CA  . TYR A 1 125 ? -5.739  7.420   0.586   1.00 45.93  ? 124 TYR A CA  1 
ATOM   989  C  C   . TYR A 1 125 ? -7.217  7.677   0.776   1.00 43.20  ? 124 TYR A C   1 
ATOM   990  O  O   . TYR A 1 125 ? -7.617  8.252   1.770   1.00 48.27  ? 124 TYR A O   1 
ATOM   991  C  CB  . TYR A 1 125 ? -5.367  6.104   1.241   1.00 44.91  ? 124 TYR A CB  1 
ATOM   992  C  CG  . TYR A 1 125 ? -6.343  5.020   0.927   1.00 46.14  ? 124 TYR A CG  1 
ATOM   993  C  CD1 . TYR A 1 125 ? -6.280  4.349   -0.275  1.00 44.51  ? 124 TYR A CD1 1 
ATOM   994  C  CD2 . TYR A 1 125 ? -7.352  4.694   1.811   1.00 43.59  ? 124 TYR A CD2 1 
ATOM   995  C  CE1 . TYR A 1 125 ? -7.183  3.365   -0.580  1.00 44.60  ? 124 TYR A CE1 1 
ATOM   996  C  CE2 . TYR A 1 125 ? -8.266  3.714   1.512   1.00 42.95  ? 124 TYR A CE2 1 
ATOM   997  C  CZ  . TYR A 1 125 ? -8.174  3.051   0.315   1.00 49.35  ? 124 TYR A CZ  1 
ATOM   998  O  OH  . TYR A 1 125 ? -9.078  2.069   0.015   1.00 50.69  ? 124 TYR A OH  1 
ATOM   999  N  N   . ILE A 1 126 ? -8.026  7.240   -0.171  1.00 44.50  ? 125 ILE A N   1 
ATOM   1000 C  CA  . ILE A 1 126 ? -9.450  7.463   -0.087  1.00 44.94  ? 125 ILE A CA  1 
ATOM   1001 C  C   . ILE A 1 126 ? -10.302 6.295   -0.526  1.00 51.48  ? 125 ILE A C   1 
ATOM   1002 O  O   . ILE A 1 126 ? -11.152 5.857   0.226   1.00 51.31  ? 125 ILE A O   1 
ATOM   1003 C  CB  . ILE A 1 126 ? -9.861  8.684   -0.936  1.00 50.11  ? 125 ILE A CB  1 
ATOM   1004 C  CG1 . ILE A 1 126 ? -11.375 8.867   -0.911  1.00 51.35  ? 125 ILE A CG1 1 
ATOM   1005 C  CG2 . ILE A 1 126 ? -9.364  8.564   -2.368  1.00 43.68  ? 125 ILE A CG2 1 
ATOM   1006 C  CD1 . ILE A 1 126 ? -11.851 9.727   0.234   1.00 54.98  ? 125 ILE A CD1 1 
ATOM   1007 N  N   . ASP A 1 127 ? -10.062 5.756   -1.709  1.00 53.51  ? 126 ASP A N   1 
ATOM   1008 C  CA  . ASP A 1 127 ? -10.934 4.735   -2.251  1.00 55.02  ? 126 ASP A CA  1 
ATOM   1009 C  C   . ASP A 1 127 ? -10.249 3.732   -3.093  1.00 54.42  ? 126 ASP A C   1 
ATOM   1010 O  O   . ASP A 1 127 ? -9.057  3.814   -3.311  1.00 57.35  ? 126 ASP A O   1 
ATOM   1011 C  CB  . ASP A 1 127 ? -11.932 5.384   -3.211  1.00 56.81  ? 126 ASP A CB  1 
ATOM   1012 C  CG  . ASP A 1 127 ? -12.973 6.164   -2.523  1.00 55.81  ? 126 ASP A CG  1 
ATOM   1013 O  OD1 . ASP A 1 127 ? -13.346 5.790   -1.398  1.00 68.23  ? 126 ASP A OD1 1 
ATOM   1014 O  OD2 . ASP A 1 127 ? -13.435 7.150   -3.122  1.00 59.72  ? 126 ASP A OD2 1 
ATOM   1015 N  N   . GLY A 1 128 ? -11.034 2.813   -3.628  1.00 49.22  ? 127 GLY A N   1 
ATOM   1016 C  CA  . GLY A 1 128 ? -10.501 1.810   -4.501  1.00 50.52  ? 127 GLY A CA  1 
ATOM   1017 C  C   . GLY A 1 128 ? -11.457 1.138   -5.442  1.00 53.18  ? 127 GLY A C   1 
ATOM   1018 O  O   . GLY A 1 128 ? -12.651 1.163   -5.226  1.00 66.87  ? 127 GLY A O   1 
ATOM   1019 N  N   . THR A 1 129 ? -10.934 0.518   -6.477  1.00 53.65  ? 128 THR A N   1 
ATOM   1020 C  CA  . THR A 1 129 ? -11.733 -0.166  -7.486  1.00 60.89  ? 128 THR A CA  1 
ATOM   1021 C  C   . THR A 1 129 ? -10.944 -1.368  -7.990  1.00 67.11  ? 128 THR A C   1 
ATOM   1022 O  O   . THR A 1 129 ? -9.741  -1.261  -8.238  1.00 71.18  ? 128 THR A O   1 
ATOM   1023 C  CB  . THR A 1 129 ? -12.077 0.754   -8.667  1.00 60.05  ? 128 THR A CB  1 
ATOM   1024 O  OG1 . THR A 1 129 ? -12.945 1.801   -8.225  1.00 77.03  ? 128 THR A OG1 1 
ATOM   1025 C  CG2 . THR A 1 129 ? -12.760 -0.027  -9.779  1.00 71.26  ? 128 THR A CG2 1 
ATOM   1026 N  N   . ARG A 1 130 ? -11.622 -2.505  -8.145  1.00 69.36  ? 129 ARG A N   1 
ATOM   1027 C  CA  . ARG A 1 130 ? -10.981 -3.694  -8.699  1.00 68.73  ? 129 ARG A CA  1 
ATOM   1028 C  C   . ARG A 1 130 ? -10.859 -3.553  -10.213 1.00 66.88  ? 129 ARG A C   1 
ATOM   1029 O  O   . ARG A 1 130 ? -11.871 -3.616  -10.920 1.00 75.48  ? 129 ARG A O   1 
ATOM   1030 C  CB  . ARG A 1 130 ? -11.776 -4.949  -8.331  1.00 68.77  ? 129 ARG A CB  1 
ATOM   1031 C  CG  . ARG A 1 130 ? -11.772 -5.254  -6.839  1.00 70.82  ? 129 ARG A CG  1 
ATOM   1032 C  CD  . ARG A 1 130 ? -13.056 -5.923  -6.375  1.00 80.87  ? 129 ARG A CD  1 
ATOM   1033 N  NE  . ARG A 1 130 ? -14.207 -5.027  -6.460  1.00 87.48  ? 129 ARG A NE  1 
ATOM   1034 C  CZ  . ARG A 1 130 ? -15.413 -5.314  -5.979  1.00 87.85  ? 129 ARG A CZ  1 
ATOM   1035 N  NH1 . ARG A 1 130 ? -15.627 -6.473  -5.368  1.00 87.76  ? 129 ARG A NH1 1 
ATOM   1036 N  NH2 . ARG A 1 130 ? -16.404 -4.442  -6.105  1.00 88.67  ? 129 ARG A NH2 1 
ATOM   1037 N  N   . PRO A 1 131 ? -9.641  -3.378  -10.753 1.00 68.53  ? 130 PRO A N   1 
ATOM   1038 C  CA  . PRO A 1 131 ? -9.433  -3.052  -12.171 1.00 63.53  ? 130 PRO A CA  1 
ATOM   1039 C  C   . PRO A 1 131 ? -9.881  -4.155  -13.125 1.00 68.96  ? 130 PRO A C   1 
ATOM   1040 O  O   . PRO A 1 131 ? -10.030 -3.877  -14.318 1.00 79.56  ? 130 PRO A O   1 
ATOM   1041 C  CB  . PRO A 1 131 ? -7.918  -2.849  -12.262 1.00 65.50  ? 130 PRO A CB  1 
ATOM   1042 C  CG  . PRO A 1 131 ? -7.368  -3.706  -11.170 1.00 63.55  ? 130 PRO A CG  1 
ATOM   1043 C  CD  . PRO A 1 131 ? -8.367  -3.612  -10.050 1.00 56.72  ? 130 PRO A CD  1 
ATOM   1044 N  N   . GLY B 2 1   ? -9.414  -13.436 -18.834 1.00 127.04 ? 133 GLY B N   1 
ATOM   1045 C  CA  . GLY B 2 1   ? -9.423  -12.785 -17.538 1.00 130.80 ? 133 GLY B CA  1 
ATOM   1046 C  C   . GLY B 2 1   ? -8.257  -13.229 -16.679 1.00 135.10 ? 133 GLY B C   1 
ATOM   1047 O  O   . GLY B 2 1   ? -7.170  -12.664 -16.774 1.00 133.85 ? 133 GLY B O   1 
ATOM   1048 N  N   . ARG B 2 2   ? -8.485  -14.257 -15.855 1.00 137.58 ? 134 ARG B N   1 
ATOM   1049 C  CA  . ARG B 2 2   ? -7.430  -14.791 -14.993 1.00 138.35 ? 134 ARG B CA  1 
ATOM   1050 C  C   . ARG B 2 2   ? -6.205  -15.217 -15.804 1.00 136.21 ? 134 ARG B C   1 
ATOM   1051 O  O   . ARG B 2 2   ? -5.067  -15.096 -15.325 1.00 135.10 ? 134 ARG B O   1 
ATOM   1052 C  CB  . ARG B 2 2   ? -7.954  -15.985 -14.177 1.00 130.04 ? 134 ARG B CB  1 
ATOM   1053 C  CG  . ARG B 2 2   ? -9.236  -15.778 -13.329 1.00 128.88 ? 134 ARG B CG  1 
ATOM   1054 C  CD  . ARG B 2 2   ? -10.513 -15.643 -14.169 1.00 128.26 ? 134 ARG B CD  1 
ATOM   1055 N  NE  . ARG B 2 2   ? -10.719 -16.725 -15.131 1.00 129.77 ? 134 ARG B NE  1 
ATOM   1056 C  CZ  . ARG B 2 2   ? -11.413 -16.581 -16.259 1.00 128.68 ? 134 ARG B CZ  1 
ATOM   1057 N  NH1 . ARG B 2 2   ? -11.945 -15.403 -16.562 1.00 126.76 ? 134 ARG B NH1 1 
ATOM   1058 N  NH2 . ARG B 2 2   ? -11.563 -17.600 -17.094 1.00 127.86 ? 134 ARG B NH2 1 
ATOM   1059 N  N   . ASN B 2 3   ? -6.418  -15.686 -17.044 1.00 136.13 ? 135 ASN B N   1 
ATOM   1060 C  CA  . ASN B 2 3   ? -5.321  -16.260 -17.825 1.00 137.50 ? 135 ASN B CA  1 
ATOM   1061 C  C   . ASN B 2 3   ? -4.514  -15.198 -18.574 1.00 138.46 ? 135 ASN B C   1 
ATOM   1062 O  O   . ASN B 2 3   ? -3.361  -15.453 -18.941 1.00 140.88 ? 135 ASN B O   1 
ATOM   1063 C  CB  . ASN B 2 3   ? -5.852  -17.337 -18.782 1.00 138.25 ? 135 ASN B CB  1 
ATOM   1064 C  CG  . ASN B 2 3   ? -7.206  -16.984 -19.386 1.00 139.61 ? 135 ASN B CG  1 
ATOM   1065 O  OD1 . ASN B 2 3   ? -7.651  -15.834 -19.331 1.00 138.36 ? 135 ASN B OD1 1 
ATOM   1066 N  ND2 . ASN B 2 3   ? -7.882  -17.986 -19.935 1.00 139.06 ? 135 ASN B ND2 1 
ATOM   1067 N  N   . ASP B 2 4   ? -5.073  -14.009 -18.785 1.00 136.27 ? 136 ASP B N   1 
ATOM   1068 C  CA  . ASP B 2 4   ? -4.299  -12.901 -19.329 1.00 135.97 ? 136 ASP B CA  1 
ATOM   1069 C  C   . ASP B 2 4   ? -3.041  -12.697 -18.483 1.00 134.97 ? 136 ASP B C   1 
ATOM   1070 O  O   . ASP B 2 4   ? -3.058  -12.963 -17.276 1.00 132.86 ? 136 ASP B O   1 
ATOM   1071 C  CB  . ASP B 2 4   ? -5.152  -11.631 -19.342 1.00 135.82 ? 136 ASP B CB  1 
ATOM   1072 C  CG  . ASP B 2 4   ? -4.778  -10.680 -20.458 1.00 135.55 ? 136 ASP B CG  1 
ATOM   1073 O  OD1 . ASP B 2 4   ? -4.544  -11.148 -21.598 1.00 134.11 ? 136 ASP B OD1 1 
ATOM   1074 O  OD2 . ASP B 2 4   ? -4.745  -9.461  -20.208 1.00 135.11 ? 136 ASP B OD2 1 
ATOM   1075 N  N   . PRO B 2 5   ? -1.914  -12.246 -19.097 1.00 133.90 ? 137 PRO B N   1 
ATOM   1076 C  CA  . PRO B 2 5   ? -0.659  -12.115 -18.346 1.00 131.62 ? 137 PRO B CA  1 
ATOM   1077 C  C   . PRO B 2 5   ? -0.831  -11.479 -16.978 1.00 128.88 ? 137 PRO B C   1 
ATOM   1078 O  O   . PRO B 2 5   ? -0.967  -10.258 -16.845 1.00 126.03 ? 137 PRO B O   1 
ATOM   1079 C  CB  . PRO B 2 5   ? 0.207   -11.248 -19.265 1.00 126.52 ? 137 PRO B CB  1 
ATOM   1080 C  CG  . PRO B 2 5   ? -0.234  -11.629 -20.609 1.00 126.29 ? 137 PRO B CG  1 
ATOM   1081 C  CD  . PRO B 2 5   ? -1.725  -11.871 -20.511 1.00 131.73 ? 137 PRO B CD  1 
ATOM   1082 N  N   . CYS B 2 6   ? -0.890  -12.351 -15.966 1.00 128.06 ? 138 CYS B N   1 
ATOM   1083 C  CA  . CYS B 2 6   ? -0.832  -12.018 -14.551 1.00 120.24 ? 138 CYS B CA  1 
ATOM   1084 C  C   . CYS B 2 6   ? 0.165   -10.889 -14.338 1.00 120.35 ? 138 CYS B C   1 
ATOM   1085 O  O   . CYS B 2 6   ? 1.369   -11.090 -14.534 1.00 123.38 ? 138 CYS B O   1 
ATOM   1086 C  CB  . CYS B 2 6   ? -0.415  -13.242 -13.730 1.00 120.27 ? 138 CYS B CB  1 
ATOM   1087 S  SG  . CYS B 2 6   ? -0.310  -12.996 -11.925 1.00 112.18 ? 138 CYS B SG  1 
ATOM   1088 N  N   . PRO B 2 7   ? -0.288  -9.694  -13.940 1.00 116.45 ? 139 PRO B N   1 
ATOM   1089 C  CA  . PRO B 2 7   ? 0.663   -8.594  -13.689 1.00 106.64 ? 139 PRO B CA  1 
ATOM   1090 C  C   . PRO B 2 7   ? 1.711   -8.914  -12.635 1.00 110.04 ? 139 PRO B C   1 
ATOM   1091 O  O   . PRO B 2 7   ? 2.663   -8.140  -12.474 1.00 110.26 ? 139 PRO B O   1 
ATOM   1092 C  CB  . PRO B 2 7   ? -0.245  -7.439  -13.242 1.00 90.87  ? 139 PRO B CB  1 
ATOM   1093 C  CG  . PRO B 2 7   ? -1.527  -8.092  -12.824 1.00 97.05  ? 139 PRO B CG  1 
ATOM   1094 C  CD  . PRO B 2 7   ? -1.681  -9.282  -13.716 1.00 112.95 ? 139 PRO B CD  1 
ATOM   1095 N  N   . CYS B 2 8   ? 1.562   -10.025 -11.918 1.00 111.53 ? 140 CYS B N   1 
ATOM   1096 C  CA  . CYS B 2 8   ? 2.621   -10.570 -11.083 1.00 112.74 ? 140 CYS B CA  1 
ATOM   1097 C  C   . CYS B 2 8   ? 3.889   -10.889 -11.867 1.00 119.04 ? 140 CYS B C   1 
ATOM   1098 O  O   . CYS B 2 8   ? 4.926   -11.160 -11.248 1.00 121.11 ? 140 CYS B O   1 
ATOM   1099 C  CB  . CYS B 2 8   ? 2.097   -11.830 -10.397 1.00 108.47 ? 140 CYS B CB  1 
ATOM   1100 S  SG  . CYS B 2 8   ? 1.691   -13.178 -11.536 1.00 116.93 ? 140 CYS B SG  1 
ATOM   1101 N  N   . GLY B 2 9   ? 3.829   -10.886 -13.198 1.00 120.68 ? 141 GLY B N   1 
ATOM   1102 C  CA  . GLY B 2 9   ? 4.967   -11.217 -14.023 1.00 121.32 ? 141 GLY B CA  1 
ATOM   1103 C  C   . GLY B 2 9   ? 5.217   -12.696 -14.209 1.00 129.06 ? 141 GLY B C   1 
ATOM   1104 O  O   . GLY B 2 9   ? 6.225   -13.061 -14.829 1.00 130.96 ? 141 GLY B O   1 
ATOM   1105 N  N   . SER B 2 10  ? 4.336   -13.561 -13.694 1.00 132.84 ? 142 SER B N   1 
ATOM   1106 C  CA  . SER B 2 10  ? 4.492   -15.005 -13.856 1.00 136.77 ? 142 SER B CA  1 
ATOM   1107 C  C   . SER B 2 10  ? 4.436   -15.447 -15.312 1.00 142.26 ? 142 SER B C   1 
ATOM   1108 O  O   . SER B 2 10  ? 4.792   -16.594 -15.606 1.00 142.79 ? 142 SER B O   1 
ATOM   1109 C  CB  . SER B 2 10  ? 3.419   -15.756 -13.058 1.00 132.10 ? 142 SER B CB  1 
ATOM   1110 O  OG  . SER B 2 10  ? 3.377   -15.330 -11.707 1.00 124.97 ? 142 SER B OG  1 
ATOM   1111 N  N   . GLY B 2 11  ? 3.989   -14.584 -16.225 1.00 141.02 ? 143 GLY B N   1 
ATOM   1112 C  CA  . GLY B 2 11  ? 4.026   -14.883 -17.638 1.00 136.18 ? 143 GLY B CA  1 
ATOM   1113 C  C   . GLY B 2 11  ? 2.829   -15.624 -18.187 1.00 138.04 ? 143 GLY B C   1 
ATOM   1114 O  O   . GLY B 2 11  ? 2.699   -15.725 -19.414 1.00 134.08 ? 143 GLY B O   1 
ATOM   1115 N  N   . LYS B 2 12  ? 1.954   -16.158 -17.334 1.00 141.53 ? 144 LYS B N   1 
ATOM   1116 C  CA  . LYS B 2 12  ? 0.736   -16.783 -17.832 1.00 138.93 ? 144 LYS B CA  1 
ATOM   1117 C  C   . LYS B 2 12  ? -0.478  -16.365 -16.994 1.00 138.38 ? 144 LYS B C   1 
ATOM   1118 O  O   . LYS B 2 12  ? -1.070  -15.317 -17.271 1.00 137.60 ? 144 LYS B O   1 
ATOM   1119 C  CB  . LYS B 2 12  ? 0.915   -18.307 -17.915 1.00 136.42 ? 144 LYS B CB  1 
ATOM   1120 C  CG  . LYS B 2 12  ? 1.516   -18.738 -19.279 1.00 135.12 ? 144 LYS B CG  1 
ATOM   1121 C  CD  . LYS B 2 12  ? 2.379   -20.003 -19.240 1.00 132.99 ? 144 LYS B CD  1 
ATOM   1122 C  CE  . LYS B 2 12  ? 3.352   -20.042 -20.424 1.00 126.52 ? 144 LYS B CE  1 
ATOM   1123 N  NZ  . LYS B 2 12  ? 4.552   -20.886 -20.155 1.00 119.56 ? 144 LYS B NZ  1 
ATOM   1124 N  N   . LYS B 2 13  ? -0.850  -17.126 -15.960 1.00 138.20 ? 145 LYS B N   1 
ATOM   1125 C  CA  . LYS B 2 13  ? -2.111  -16.897 -15.258 1.00 134.73 ? 145 LYS B CA  1 
ATOM   1126 C  C   . LYS B 2 13  ? -1.902  -16.394 -13.833 1.00 129.18 ? 145 LYS B C   1 
ATOM   1127 O  O   . LYS B 2 13  ? -0.910  -16.721 -13.171 1.00 128.44 ? 145 LYS B O   1 
ATOM   1128 C  CB  . LYS B 2 13  ? -2.969  -18.172 -15.212 1.00 132.30 ? 145 LYS B CB  1 
ATOM   1129 C  CG  . LYS B 2 13  ? -3.118  -18.884 -16.546 1.00 134.40 ? 145 LYS B CG  1 
ATOM   1130 C  CD  . LYS B 2 13  ? -4.416  -19.679 -16.623 1.00 134.13 ? 145 LYS B CD  1 
ATOM   1131 C  CE  . LYS B 2 13  ? -4.445  -20.554 -17.871 1.00 134.51 ? 145 LYS B CE  1 
ATOM   1132 N  NZ  . LYS B 2 13  ? -3.929  -19.840 -19.074 1.00 134.92 ? 145 LYS B NZ  1 
ATOM   1133 N  N   . PHE B 2 14  ? -2.870  -15.593 -13.370 1.00 126.94 ? 146 PHE B N   1 
ATOM   1134 C  CA  . PHE B 2 14  ? -2.958  -15.224 -11.958 1.00 125.58 ? 146 PHE B CA  1 
ATOM   1135 C  C   . PHE B 2 14  ? -3.122  -16.453 -11.076 1.00 128.62 ? 146 PHE B C   1 
ATOM   1136 O  O   . PHE B 2 14  ? -2.618  -16.482 -9.946  1.00 125.51 ? 146 PHE B O   1 
ATOM   1137 C  CB  . PHE B 2 14  ? -4.122  -14.245 -11.759 1.00 117.99 ? 146 PHE B CB  1 
ATOM   1138 C  CG  . PHE B 2 14  ? -4.573  -14.090 -10.331 1.00 115.63 ? 146 PHE B CG  1 
ATOM   1139 C  CD1 . PHE B 2 14  ? -3.696  -13.657 -9.349  1.00 110.39 ? 146 PHE B CD1 1 
ATOM   1140 C  CD2 . PHE B 2 14  ? -5.889  -14.353 -9.978  1.00 111.96 ? 146 PHE B CD2 1 
ATOM   1141 C  CE1 . PHE B 2 14  ? -4.119  -13.506 -8.041  1.00 100.68 ? 146 PHE B CE1 1 
ATOM   1142 C  CE2 . PHE B 2 14  ? -6.317  -14.202 -8.671  1.00 106.04 ? 146 PHE B CE2 1 
ATOM   1143 C  CZ  . PHE B 2 14  ? -5.430  -13.778 -7.702  1.00 96.58  ? 146 PHE B CZ  1 
ATOM   1144 N  N   . LYS B 2 15  ? -3.822  -17.477 -11.573 1.00 131.73 ? 147 LYS B N   1 
ATOM   1145 C  CA  . LYS B 2 15  ? -3.859  -18.759 -10.877 1.00 132.57 ? 147 LYS B CA  1 
ATOM   1146 C  C   . LYS B 2 15  ? -2.464  -19.327 -10.678 1.00 134.55 ? 147 LYS B C   1 
ATOM   1147 O  O   . LYS B 2 15  ? -2.200  -19.992 -9.670  1.00 135.46 ? 147 LYS B O   1 
ATOM   1148 C  CB  . LYS B 2 15  ? -4.697  -19.770 -11.660 1.00 127.89 ? 147 LYS B CB  1 
ATOM   1149 C  CG  . LYS B 2 15  ? -6.171  -19.711 -11.394 1.00 124.27 ? 147 LYS B CG  1 
ATOM   1150 C  CD  . LYS B 2 15  ? -6.859  -18.879 -12.447 1.00 123.06 ? 147 LYS B CD  1 
ATOM   1151 C  CE  . LYS B 2 15  ? -8.355  -19.023 -12.323 1.00 123.45 ? 147 LYS B CE  1 
ATOM   1152 N  NZ  . LYS B 2 15  ? -8.844  -18.155 -11.221 1.00 122.86 ? 147 LYS B NZ  1 
ATOM   1153 N  N   . LYS B 2 16  ? -1.567  -19.085 -11.625 1.00 136.68 ? 148 LYS B N   1 
ATOM   1154 C  CA  . LYS B 2 16  ? -0.279  -19.757 -11.642 1.00 136.99 ? 148 LYS B CA  1 
ATOM   1155 C  C   . LYS B 2 16  ? 0.866   -18.789 -11.357 1.00 135.87 ? 148 LYS B C   1 
ATOM   1156 O  O   . LYS B 2 16  ? 2.039   -19.154 -11.438 1.00 132.92 ? 148 LYS B O   1 
ATOM   1157 C  CB  . LYS B 2 16  ? -0.079  -20.447 -12.994 1.00 135.35 ? 148 LYS B CB  1 
ATOM   1158 C  CG  . LYS B 2 16  ? -0.736  -21.821 -13.086 1.00 134.69 ? 148 LYS B CG  1 
ATOM   1159 C  CD  . LYS B 2 16  ? -1.391  -22.044 -14.445 1.00 129.76 ? 148 LYS B CD  1 
ATOM   1160 C  CE  . LYS B 2 16  ? -2.214  -23.322 -14.462 1.00 123.80 ? 148 LYS B CE  1 
ATOM   1161 N  NZ  . LYS B 2 16  ? -1.439  -24.455 -13.889 1.00 119.04 ? 148 LYS B NZ  1 
HETATM 1162 ZN ZN  . ZN  C 3 .   ? 9.524   1.059   0.837   1.00 49.15  ? 201 ZN  A ZN  1 
HETATM 1163 O  O   . HOH D 4 .   ? 0.209   2.409   16.547  1.00 69.45  ? 301 HOH A O   1 
HETATM 1164 O  O   . HOH D 4 .   ? -6.035  -3.723  9.824   1.00 65.58  ? 302 HOH A O   1 
HETATM 1165 O  O   . HOH D 4 .   ? -15.220 7.428   -1.298  1.00 59.71  ? 303 HOH A O   1 
HETATM 1166 O  O   . HOH D 4 .   ? -8.342  1.554   -2.391  1.00 69.92  ? 304 HOH A O   1 
HETATM 1167 O  O   . HOH D 4 .   ? -9.436  10.136  8.124   1.00 45.70  ? 305 HOH A O   1 
HETATM 1168 O  O   . HOH D 4 .   ? 5.836   1.887   12.031  1.00 58.44  ? 306 HOH A O   1 
HETATM 1169 O  O   . HOH D 4 .   ? -0.690  0.215   16.179  1.00 62.57  ? 307 HOH A O   1 
HETATM 1170 O  O   . HOH D 4 .   ? -6.954  20.787  1.516   1.00 50.77  ? 308 HOH A O   1 
HETATM 1171 O  O   . HOH D 4 .   ? -7.909  12.356  -12.387 1.00 63.00  ? 309 HOH A O   1 
HETATM 1172 O  O   . HOH D 4 .   ? 2.344   12.995  0.790   1.00 46.70  ? 310 HOH A O   1 
HETATM 1173 O  O   . HOH D 4 .   ? 12.871  -4.499  -0.641  1.00 49.47  ? 311 HOH A O   1 
HETATM 1174 O  O   . HOH D 4 .   ? 5.392   11.711  6.483   1.00 63.20  ? 312 HOH A O   1 
HETATM 1175 O  O   . HOH D 4 .   ? -1.996  -17.124 8.018   1.00 61.22  ? 313 HOH A O   1 
HETATM 1176 O  O   . HOH D 4 .   ? -16.581 12.947  7.860   1.00 45.37  ? 314 HOH A O   1 
HETATM 1177 O  O   . HOH D 4 .   ? 21.558  -12.109 9.615   1.00 55.05  ? 315 HOH A O   1 
HETATM 1178 O  O   . HOH D 4 .   ? 5.916   10.418  -9.719  1.00 52.74  ? 316 HOH A O   1 
HETATM 1179 O  O   . HOH D 4 .   ? -1.067  18.505  -13.961 1.00 53.79  ? 317 HOH A O   1 
HETATM 1180 O  O   . HOH D 4 .   ? -2.272  -6.176  8.701   1.00 61.11  ? 318 HOH A O   1 
HETATM 1181 O  O   . HOH D 4 .   ? 18.875  -3.117  1.266   1.00 61.20  ? 319 HOH A O   1 
HETATM 1182 O  O   . HOH D 4 .   ? -4.561  -5.758  8.250   1.00 56.68  ? 320 HOH A O   1 
# 
